data_9K8S
# 
_entry.id   9K8S 
# 
_audit_conform.dict_name       mmcif_pdbx.dic 
_audit_conform.dict_version    5.406 
_audit_conform.dict_location   http://mmcif.pdb.org/dictionaries/ascii/mmcif_pdbx.dic 
# 
loop_
_database_2.database_id 
_database_2.database_code 
_database_2.pdbx_database_accession 
_database_2.pdbx_DOI 
PDB   9K8S         pdb_00009k8s 10.2210/pdb9k8s/pdb 
WWPDB D_1300052970 ?            ?                   
EMDB  EMD-62179    ?            ?                   
# 
_pdbx_audit_revision_history.ordinal             1 
_pdbx_audit_revision_history.data_content_type   'Structure model' 
_pdbx_audit_revision_history.major_revision      1 
_pdbx_audit_revision_history.minor_revision      0 
_pdbx_audit_revision_history.revision_date       2025-10-29 
_pdbx_audit_revision_history.part_number         ? 
# 
_pdbx_audit_revision_details.ordinal             1 
_pdbx_audit_revision_details.revision_ordinal    1 
_pdbx_audit_revision_details.data_content_type   'Structure model' 
_pdbx_audit_revision_details.provider            repository 
_pdbx_audit_revision_details.type                'Initial release' 
_pdbx_audit_revision_details.description         ? 
_pdbx_audit_revision_details.details             ? 
# 
_pdbx_database_status.status_code                     REL 
_pdbx_database_status.status_code_sf                  ? 
_pdbx_database_status.status_code_mr                  ? 
_pdbx_database_status.entry_id                        9K8S 
_pdbx_database_status.recvd_initial_deposition_date   2024-10-24 
_pdbx_database_status.SG_entry                        N 
_pdbx_database_status.deposit_site                    PDBJ 
_pdbx_database_status.process_site                    PDBC 
_pdbx_database_status.status_code_cs                  ? 
_pdbx_database_status.status_code_nmr_data            ? 
_pdbx_database_status.methods_development_category    ? 
_pdbx_database_status.pdb_format_compatible           Y 
# 
_pdbx_database_related.db_name        EMDB 
_pdbx_database_related.details        'Cryo-EM structure of HE30 polymorph 1' 
_pdbx_database_related.db_id          EMD-62179 
_pdbx_database_related.content_type   'associated EM volume' 
# 
_pdbx_contact_author.id                 2 
_pdbx_contact_author.email              xiawc@sioc.ac.cn 
_pdbx_contact_author.name_first         Cong 
_pdbx_contact_author.name_last          Liu 
_pdbx_contact_author.name_mi            ? 
_pdbx_contact_author.role               'principal investigator/group leader' 
_pdbx_contact_author.identifier_ORCID   0000-0003-3425-6672 
# 
loop_
_audit_author.name 
_audit_author.pdbx_ordinal 
_audit_author.identifier_ORCID 
'Xia, W.C.' 1 ? 
'Liu, C.'   2 ? 
# 
_citation.abstract                  ? 
_citation.abstract_id_CAS           ? 
_citation.book_id_ISBN              ? 
_citation.book_publisher            ? 
_citation.book_publisher_city       ? 
_citation.book_title                ? 
_citation.coordinate_linkage        ? 
_citation.country                   US 
_citation.database_id_Medline       ? 
_citation.details                   ? 
_citation.id                        primary 
_citation.journal_abbrev            'Acs Nano' 
_citation.journal_id_ASTM           ? 
_citation.journal_id_CSD            ? 
_citation.journal_id_ISSN           1936-086X 
_citation.journal_full              ? 
_citation.journal_issue             ? 
_citation.journal_volume            19 
_citation.language                  ? 
_citation.page_first                35977 
_citation.page_last                 35991 
_citation.title                     
'Amyloid Fibrillation of a Ninjurin-1-Derived alpha-Helical Peptide: Structural Insights into Conformational Transition.' 
_citation.year                      2025 
_citation.database_id_CSD           ? 
_citation.pdbx_database_id_DOI      10.1021/acsnano.5c14731 
_citation.pdbx_database_id_PubMed   41037056 
_citation.pdbx_database_id_patent   ? 
_citation.unpublished_flag          ? 
# 
loop_
_citation_author.citation_id 
_citation_author.name 
_citation_author.ordinal 
_citation_author.identifier_ORCID 
primary 'Wang, M.'    1  ?                   
primary 'Xia, W.'     2  0000-0002-2100-7055 
primary 'Zhao, D.'    3  ?                   
primary 'Zhai, Z.'    4  ?                   
primary 'Chen, R.'    5  ?                   
primary 'Bai, X.'     6  ?                   
primary 'Zhang, Z.'   7  ?                   
primary 'Fan, H.'     8  ?                   
primary 'Zhang, J.P.' 9  0000-0002-9216-2386 
primary 'Liu, C.'     10 0000-0003-3425-6672 
primary 'Jiao, F.'    11 0000-0001-5087-6228 
# 
_entity.id                         1 
_entity.type                       polymer 
_entity.src_method                 syn 
_entity.pdbx_description           Ninjurin-1 
_entity.formula_weight             3194.721 
_entity.pdbx_number_of_molecules   12 
_entity.pdbx_ec                    ? 
_entity.pdbx_mutation              ? 
_entity.pdbx_fragment              ? 
_entity.details                    ? 
# 
_entity_name_com.entity_id   1 
_entity_name_com.name        'HE30,hNINJ1,Nerve injury-induced protein 1' 
# 
_entity_poly.entity_id                      1 
_entity_poly.type                           'polypeptide(L)' 
_entity_poly.nstd_linkage                   no 
_entity_poly.nstd_monomer                   no 
_entity_poly.pdbx_seq_one_letter_code       HYASKKSAAESMLDIALLMANASQLKAVVE 
_entity_poly.pdbx_seq_one_letter_code_can   HYASKKSAAESMLDIALLMANASQLKAVVE 
_entity_poly.pdbx_strand_id                 E,F,G,H,I,J,K,L,M,N,O,P 
_entity_poly.pdbx_target_identifier         ? 
# 
loop_
_entity_poly_seq.entity_id 
_entity_poly_seq.num 
_entity_poly_seq.mon_id 
_entity_poly_seq.hetero 
1 1  HIS n 
1 2  TYR n 
1 3  ALA n 
1 4  SER n 
1 5  LYS n 
1 6  LYS n 
1 7  SER n 
1 8  ALA n 
1 9  ALA n 
1 10 GLU n 
1 11 SER n 
1 12 MET n 
1 13 LEU n 
1 14 ASP n 
1 15 ILE n 
1 16 ALA n 
1 17 LEU n 
1 18 LEU n 
1 19 MET n 
1 20 ALA n 
1 21 ASN n 
1 22 ALA n 
1 23 SER n 
1 24 GLN n 
1 25 LEU n 
1 26 LYS n 
1 27 ALA n 
1 28 VAL n 
1 29 VAL n 
1 30 GLU n 
# 
_pdbx_entity_src_syn.entity_id              1 
_pdbx_entity_src_syn.pdbx_src_id            1 
_pdbx_entity_src_syn.pdbx_alt_source_flag   sample 
_pdbx_entity_src_syn.pdbx_beg_seq_num       1 
_pdbx_entity_src_syn.pdbx_end_seq_num       30 
_pdbx_entity_src_syn.organism_scientific    'Homo sapiens' 
_pdbx_entity_src_syn.organism_common_name   human 
_pdbx_entity_src_syn.ncbi_taxonomy_id       9606 
_pdbx_entity_src_syn.details                ? 
# 
loop_
_chem_comp.id 
_chem_comp.type 
_chem_comp.mon_nstd_flag 
_chem_comp.name 
_chem_comp.pdbx_synonyms 
_chem_comp.formula 
_chem_comp.formula_weight 
ALA 'L-peptide linking' y ALANINE         ? 'C3 H7 N O2'     89.093  
ASN 'L-peptide linking' y ASPARAGINE      ? 'C4 H8 N2 O3'    132.118 
ASP 'L-peptide linking' y 'ASPARTIC ACID' ? 'C4 H7 N O4'     133.103 
GLN 'L-peptide linking' y GLUTAMINE       ? 'C5 H10 N2 O3'   146.144 
GLU 'L-peptide linking' y 'GLUTAMIC ACID' ? 'C5 H9 N O4'     147.129 
HIS 'L-peptide linking' y HISTIDINE       ? 'C6 H10 N3 O2 1' 156.162 
ILE 'L-peptide linking' y ISOLEUCINE      ? 'C6 H13 N O2'    131.173 
LEU 'L-peptide linking' y LEUCINE         ? 'C6 H13 N O2'    131.173 
LYS 'L-peptide linking' y LYSINE          ? 'C6 H15 N2 O2 1' 147.195 
MET 'L-peptide linking' y METHIONINE      ? 'C5 H11 N O2 S'  149.211 
SER 'L-peptide linking' y SERINE          ? 'C3 H7 N O3'     105.093 
TYR 'L-peptide linking' y TYROSINE        ? 'C9 H11 N O3'    181.189 
VAL 'L-peptide linking' y VALINE          ? 'C5 H11 N O2'    117.146 
# 
loop_
_pdbx_poly_seq_scheme.asym_id 
_pdbx_poly_seq_scheme.entity_id 
_pdbx_poly_seq_scheme.seq_id 
_pdbx_poly_seq_scheme.mon_id 
_pdbx_poly_seq_scheme.ndb_seq_num 
_pdbx_poly_seq_scheme.pdb_seq_num 
_pdbx_poly_seq_scheme.auth_seq_num 
_pdbx_poly_seq_scheme.pdb_mon_id 
_pdbx_poly_seq_scheme.auth_mon_id 
_pdbx_poly_seq_scheme.pdb_strand_id 
_pdbx_poly_seq_scheme.pdb_ins_code 
_pdbx_poly_seq_scheme.hetero 
A 1 1  HIS 1  40 ?  ?   ?   E . n 
A 1 2  TYR 2  41 ?  ?   ?   E . n 
A 1 3  ALA 3  42 ?  ?   ?   E . n 
A 1 4  SER 4  43 43 SER SER E . n 
A 1 5  LYS 5  44 44 LYS LYS E . n 
A 1 6  LYS 6  45 45 LYS LYS E . n 
A 1 7  SER 7  46 46 SER SER E . n 
A 1 8  ALA 8  47 47 ALA ALA E . n 
A 1 9  ALA 9  48 48 ALA ALA E . n 
A 1 10 GLU 10 49 49 GLU GLU E . n 
A 1 11 SER 11 50 50 SER SER E . n 
A 1 12 MET 12 51 51 MET MET E . n 
A 1 13 LEU 13 52 52 LEU LEU E . n 
A 1 14 ASP 14 53 53 ASP ASP E . n 
A 1 15 ILE 15 54 54 ILE ILE E . n 
A 1 16 ALA 16 55 55 ALA ALA E . n 
A 1 17 LEU 17 56 56 LEU LEU E . n 
A 1 18 LEU 18 57 57 LEU LEU E . n 
A 1 19 MET 19 58 58 MET MET E . n 
A 1 20 ALA 20 59 59 ALA ALA E . n 
A 1 21 ASN 21 60 60 ASN ASN E . n 
A 1 22 ALA 22 61 61 ALA ALA E . n 
A 1 23 SER 23 62 62 SER SER E . n 
A 1 24 GLN 24 63 63 GLN GLN E . n 
A 1 25 LEU 25 64 64 LEU LEU E . n 
A 1 26 LYS 26 65 65 LYS LYS E . n 
A 1 27 ALA 27 66 66 ALA ALA E . n 
A 1 28 VAL 28 67 67 VAL VAL E . n 
A 1 29 VAL 29 68 ?  ?   ?   E . n 
A 1 30 GLU 30 69 ?  ?   ?   E . n 
B 1 1  HIS 1  40 ?  ?   ?   F . n 
B 1 2  TYR 2  41 ?  ?   ?   F . n 
B 1 3  ALA 3  42 ?  ?   ?   F . n 
B 1 4  SER 4  43 ?  ?   ?   F . n 
B 1 5  LYS 5  44 ?  ?   ?   F . n 
B 1 6  LYS 6  45 ?  ?   ?   F . n 
B 1 7  SER 7  46 ?  ?   ?   F . n 
B 1 8  ALA 8  47 ?  ?   ?   F . n 
B 1 9  ALA 9  48 ?  ?   ?   F . n 
B 1 10 GLU 10 49 ?  ?   ?   F . n 
B 1 11 SER 11 50 ?  ?   ?   F . n 
B 1 12 MET 12 51 51 MET MET F . n 
B 1 13 LEU 13 52 52 LEU LEU F . n 
B 1 14 ASP 14 53 53 ASP ASP F . n 
B 1 15 ILE 15 54 54 ILE ILE F . n 
B 1 16 ALA 16 55 55 ALA ALA F . n 
B 1 17 LEU 17 56 56 LEU LEU F . n 
B 1 18 LEU 18 57 57 LEU LEU F . n 
B 1 19 MET 19 58 58 MET MET F . n 
B 1 20 ALA 20 59 59 ALA ALA F . n 
B 1 21 ASN 21 60 60 ASN ASN F . n 
B 1 22 ALA 22 61 61 ALA ALA F . n 
B 1 23 SER 23 62 62 SER SER F . n 
B 1 24 GLN 24 63 63 GLN GLN F . n 
B 1 25 LEU 25 64 64 LEU LEU F . n 
B 1 26 LYS 26 65 65 LYS LYS F . n 
B 1 27 ALA 27 66 66 ALA ALA F . n 
B 1 28 VAL 28 67 67 VAL VAL F . n 
B 1 29 VAL 29 68 68 VAL VAL F . n 
B 1 30 GLU 30 69 69 GLU GLU F . n 
C 1 1  HIS 1  40 ?  ?   ?   G . n 
C 1 2  TYR 2  41 ?  ?   ?   G . n 
C 1 3  ALA 3  42 ?  ?   ?   G . n 
C 1 4  SER 4  43 43 SER SER G . n 
C 1 5  LYS 5  44 44 LYS LYS G . n 
C 1 6  LYS 6  45 45 LYS LYS G . n 
C 1 7  SER 7  46 46 SER SER G . n 
C 1 8  ALA 8  47 47 ALA ALA G . n 
C 1 9  ALA 9  48 48 ALA ALA G . n 
C 1 10 GLU 10 49 49 GLU GLU G . n 
C 1 11 SER 11 50 50 SER SER G . n 
C 1 12 MET 12 51 51 MET MET G . n 
C 1 13 LEU 13 52 52 LEU LEU G . n 
C 1 14 ASP 14 53 53 ASP ASP G . n 
C 1 15 ILE 15 54 54 ILE ILE G . n 
C 1 16 ALA 16 55 55 ALA ALA G . n 
C 1 17 LEU 17 56 56 LEU LEU G . n 
C 1 18 LEU 18 57 57 LEU LEU G . n 
C 1 19 MET 19 58 58 MET MET G . n 
C 1 20 ALA 20 59 59 ALA ALA G . n 
C 1 21 ASN 21 60 60 ASN ASN G . n 
C 1 22 ALA 22 61 61 ALA ALA G . n 
C 1 23 SER 23 62 62 SER SER G . n 
C 1 24 GLN 24 63 63 GLN GLN G . n 
C 1 25 LEU 25 64 64 LEU LEU G . n 
C 1 26 LYS 26 65 65 LYS LYS G . n 
C 1 27 ALA 27 66 66 ALA ALA G . n 
C 1 28 VAL 28 67 67 VAL VAL G . n 
C 1 29 VAL 29 68 ?  ?   ?   G . n 
C 1 30 GLU 30 69 ?  ?   ?   G . n 
D 1 1  HIS 1  40 ?  ?   ?   H . n 
D 1 2  TYR 2  41 ?  ?   ?   H . n 
D 1 3  ALA 3  42 ?  ?   ?   H . n 
D 1 4  SER 4  43 ?  ?   ?   H . n 
D 1 5  LYS 5  44 ?  ?   ?   H . n 
D 1 6  LYS 6  45 ?  ?   ?   H . n 
D 1 7  SER 7  46 ?  ?   ?   H . n 
D 1 8  ALA 8  47 ?  ?   ?   H . n 
D 1 9  ALA 9  48 ?  ?   ?   H . n 
D 1 10 GLU 10 49 ?  ?   ?   H . n 
D 1 11 SER 11 50 ?  ?   ?   H . n 
D 1 12 MET 12 51 51 MET MET H . n 
D 1 13 LEU 13 52 52 LEU LEU H . n 
D 1 14 ASP 14 53 53 ASP ASP H . n 
D 1 15 ILE 15 54 54 ILE ILE H . n 
D 1 16 ALA 16 55 55 ALA ALA H . n 
D 1 17 LEU 17 56 56 LEU LEU H . n 
D 1 18 LEU 18 57 57 LEU LEU H . n 
D 1 19 MET 19 58 58 MET MET H . n 
D 1 20 ALA 20 59 59 ALA ALA H . n 
D 1 21 ASN 21 60 60 ASN ASN H . n 
D 1 22 ALA 22 61 61 ALA ALA H . n 
D 1 23 SER 23 62 62 SER SER H . n 
D 1 24 GLN 24 63 63 GLN GLN H . n 
D 1 25 LEU 25 64 64 LEU LEU H . n 
D 1 26 LYS 26 65 65 LYS LYS H . n 
D 1 27 ALA 27 66 66 ALA ALA H . n 
D 1 28 VAL 28 67 67 VAL VAL H . n 
D 1 29 VAL 29 68 68 VAL VAL H . n 
D 1 30 GLU 30 69 69 GLU GLU H . n 
E 1 1  HIS 1  40 ?  ?   ?   I . n 
E 1 2  TYR 2  41 ?  ?   ?   I . n 
E 1 3  ALA 3  42 ?  ?   ?   I . n 
E 1 4  SER 4  43 43 SER SER I . n 
E 1 5  LYS 5  44 44 LYS LYS I . n 
E 1 6  LYS 6  45 45 LYS LYS I . n 
E 1 7  SER 7  46 46 SER SER I . n 
E 1 8  ALA 8  47 47 ALA ALA I . n 
E 1 9  ALA 9  48 48 ALA ALA I . n 
E 1 10 GLU 10 49 49 GLU GLU I . n 
E 1 11 SER 11 50 50 SER SER I . n 
E 1 12 MET 12 51 51 MET MET I . n 
E 1 13 LEU 13 52 52 LEU LEU I . n 
E 1 14 ASP 14 53 53 ASP ASP I . n 
E 1 15 ILE 15 54 54 ILE ILE I . n 
E 1 16 ALA 16 55 55 ALA ALA I . n 
E 1 17 LEU 17 56 56 LEU LEU I . n 
E 1 18 LEU 18 57 57 LEU LEU I . n 
E 1 19 MET 19 58 58 MET MET I . n 
E 1 20 ALA 20 59 59 ALA ALA I . n 
E 1 21 ASN 21 60 60 ASN ASN I . n 
E 1 22 ALA 22 61 61 ALA ALA I . n 
E 1 23 SER 23 62 62 SER SER I . n 
E 1 24 GLN 24 63 63 GLN GLN I . n 
E 1 25 LEU 25 64 64 LEU LEU I . n 
E 1 26 LYS 26 65 65 LYS LYS I . n 
E 1 27 ALA 27 66 66 ALA ALA I . n 
E 1 28 VAL 28 67 67 VAL VAL I . n 
E 1 29 VAL 29 68 ?  ?   ?   I . n 
E 1 30 GLU 30 69 ?  ?   ?   I . n 
F 1 1  HIS 1  40 ?  ?   ?   J . n 
F 1 2  TYR 2  41 ?  ?   ?   J . n 
F 1 3  ALA 3  42 ?  ?   ?   J . n 
F 1 4  SER 4  43 ?  ?   ?   J . n 
F 1 5  LYS 5  44 ?  ?   ?   J . n 
F 1 6  LYS 6  45 ?  ?   ?   J . n 
F 1 7  SER 7  46 ?  ?   ?   J . n 
F 1 8  ALA 8  47 ?  ?   ?   J . n 
F 1 9  ALA 9  48 ?  ?   ?   J . n 
F 1 10 GLU 10 49 ?  ?   ?   J . n 
F 1 11 SER 11 50 ?  ?   ?   J . n 
F 1 12 MET 12 51 51 MET MET J . n 
F 1 13 LEU 13 52 52 LEU LEU J . n 
F 1 14 ASP 14 53 53 ASP ASP J . n 
F 1 15 ILE 15 54 54 ILE ILE J . n 
F 1 16 ALA 16 55 55 ALA ALA J . n 
F 1 17 LEU 17 56 56 LEU LEU J . n 
F 1 18 LEU 18 57 57 LEU LEU J . n 
F 1 19 MET 19 58 58 MET MET J . n 
F 1 20 ALA 20 59 59 ALA ALA J . n 
F 1 21 ASN 21 60 60 ASN ASN J . n 
F 1 22 ALA 22 61 61 ALA ALA J . n 
F 1 23 SER 23 62 62 SER SER J . n 
F 1 24 GLN 24 63 63 GLN GLN J . n 
F 1 25 LEU 25 64 64 LEU LEU J . n 
F 1 26 LYS 26 65 65 LYS LYS J . n 
F 1 27 ALA 27 66 66 ALA ALA J . n 
F 1 28 VAL 28 67 67 VAL VAL J . n 
F 1 29 VAL 29 68 68 VAL VAL J . n 
F 1 30 GLU 30 69 69 GLU GLU J . n 
G 1 1  HIS 1  40 ?  ?   ?   K . n 
G 1 2  TYR 2  41 ?  ?   ?   K . n 
G 1 3  ALA 3  42 ?  ?   ?   K . n 
G 1 4  SER 4  43 43 SER SER K . n 
G 1 5  LYS 5  44 44 LYS LYS K . n 
G 1 6  LYS 6  45 45 LYS LYS K . n 
G 1 7  SER 7  46 46 SER SER K . n 
G 1 8  ALA 8  47 47 ALA ALA K . n 
G 1 9  ALA 9  48 48 ALA ALA K . n 
G 1 10 GLU 10 49 49 GLU GLU K . n 
G 1 11 SER 11 50 50 SER SER K . n 
G 1 12 MET 12 51 51 MET MET K . n 
G 1 13 LEU 13 52 52 LEU LEU K . n 
G 1 14 ASP 14 53 53 ASP ASP K . n 
G 1 15 ILE 15 54 54 ILE ILE K . n 
G 1 16 ALA 16 55 55 ALA ALA K . n 
G 1 17 LEU 17 56 56 LEU LEU K . n 
G 1 18 LEU 18 57 57 LEU LEU K . n 
G 1 19 MET 19 58 58 MET MET K . n 
G 1 20 ALA 20 59 59 ALA ALA K . n 
G 1 21 ASN 21 60 60 ASN ASN K . n 
G 1 22 ALA 22 61 61 ALA ALA K . n 
G 1 23 SER 23 62 62 SER SER K . n 
G 1 24 GLN 24 63 63 GLN GLN K . n 
G 1 25 LEU 25 64 64 LEU LEU K . n 
G 1 26 LYS 26 65 65 LYS LYS K . n 
G 1 27 ALA 27 66 66 ALA ALA K . n 
G 1 28 VAL 28 67 67 VAL VAL K . n 
G 1 29 VAL 29 68 ?  ?   ?   K . n 
G 1 30 GLU 30 69 ?  ?   ?   K . n 
H 1 1  HIS 1  40 ?  ?   ?   L . n 
H 1 2  TYR 2  41 ?  ?   ?   L . n 
H 1 3  ALA 3  42 ?  ?   ?   L . n 
H 1 4  SER 4  43 ?  ?   ?   L . n 
H 1 5  LYS 5  44 ?  ?   ?   L . n 
H 1 6  LYS 6  45 ?  ?   ?   L . n 
H 1 7  SER 7  46 ?  ?   ?   L . n 
H 1 8  ALA 8  47 ?  ?   ?   L . n 
H 1 9  ALA 9  48 ?  ?   ?   L . n 
H 1 10 GLU 10 49 ?  ?   ?   L . n 
H 1 11 SER 11 50 ?  ?   ?   L . n 
H 1 12 MET 12 51 51 MET MET L . n 
H 1 13 LEU 13 52 52 LEU LEU L . n 
H 1 14 ASP 14 53 53 ASP ASP L . n 
H 1 15 ILE 15 54 54 ILE ILE L . n 
H 1 16 ALA 16 55 55 ALA ALA L . n 
H 1 17 LEU 17 56 56 LEU LEU L . n 
H 1 18 LEU 18 57 57 LEU LEU L . n 
H 1 19 MET 19 58 58 MET MET L . n 
H 1 20 ALA 20 59 59 ALA ALA L . n 
H 1 21 ASN 21 60 60 ASN ASN L . n 
H 1 22 ALA 22 61 61 ALA ALA L . n 
H 1 23 SER 23 62 62 SER SER L . n 
H 1 24 GLN 24 63 63 GLN GLN L . n 
H 1 25 LEU 25 64 64 LEU LEU L . n 
H 1 26 LYS 26 65 65 LYS LYS L . n 
H 1 27 ALA 27 66 66 ALA ALA L . n 
H 1 28 VAL 28 67 67 VAL VAL L . n 
H 1 29 VAL 29 68 68 VAL VAL L . n 
H 1 30 GLU 30 69 69 GLU GLU L . n 
I 1 1  HIS 1  40 ?  ?   ?   M . n 
I 1 2  TYR 2  41 ?  ?   ?   M . n 
I 1 3  ALA 3  42 ?  ?   ?   M . n 
I 1 4  SER 4  43 43 SER SER M . n 
I 1 5  LYS 5  44 44 LYS LYS M . n 
I 1 6  LYS 6  45 45 LYS LYS M . n 
I 1 7  SER 7  46 46 SER SER M . n 
I 1 8  ALA 8  47 47 ALA ALA M . n 
I 1 9  ALA 9  48 48 ALA ALA M . n 
I 1 10 GLU 10 49 49 GLU GLU M . n 
I 1 11 SER 11 50 50 SER SER M . n 
I 1 12 MET 12 51 51 MET MET M . n 
I 1 13 LEU 13 52 52 LEU LEU M . n 
I 1 14 ASP 14 53 53 ASP ASP M . n 
I 1 15 ILE 15 54 54 ILE ILE M . n 
I 1 16 ALA 16 55 55 ALA ALA M . n 
I 1 17 LEU 17 56 56 LEU LEU M . n 
I 1 18 LEU 18 57 57 LEU LEU M . n 
I 1 19 MET 19 58 58 MET MET M . n 
I 1 20 ALA 20 59 59 ALA ALA M . n 
I 1 21 ASN 21 60 60 ASN ASN M . n 
I 1 22 ALA 22 61 61 ALA ALA M . n 
I 1 23 SER 23 62 62 SER SER M . n 
I 1 24 GLN 24 63 63 GLN GLN M . n 
I 1 25 LEU 25 64 64 LEU LEU M . n 
I 1 26 LYS 26 65 65 LYS LYS M . n 
I 1 27 ALA 27 66 66 ALA ALA M . n 
I 1 28 VAL 28 67 67 VAL VAL M . n 
I 1 29 VAL 29 68 ?  ?   ?   M . n 
I 1 30 GLU 30 69 ?  ?   ?   M . n 
J 1 1  HIS 1  40 ?  ?   ?   N . n 
J 1 2  TYR 2  41 ?  ?   ?   N . n 
J 1 3  ALA 3  42 ?  ?   ?   N . n 
J 1 4  SER 4  43 ?  ?   ?   N . n 
J 1 5  LYS 5  44 ?  ?   ?   N . n 
J 1 6  LYS 6  45 ?  ?   ?   N . n 
J 1 7  SER 7  46 ?  ?   ?   N . n 
J 1 8  ALA 8  47 ?  ?   ?   N . n 
J 1 9  ALA 9  48 ?  ?   ?   N . n 
J 1 10 GLU 10 49 ?  ?   ?   N . n 
J 1 11 SER 11 50 ?  ?   ?   N . n 
J 1 12 MET 12 51 51 MET MET N . n 
J 1 13 LEU 13 52 52 LEU LEU N . n 
J 1 14 ASP 14 53 53 ASP ASP N . n 
J 1 15 ILE 15 54 54 ILE ILE N . n 
J 1 16 ALA 16 55 55 ALA ALA N . n 
J 1 17 LEU 17 56 56 LEU LEU N . n 
J 1 18 LEU 18 57 57 LEU LEU N . n 
J 1 19 MET 19 58 58 MET MET N . n 
J 1 20 ALA 20 59 59 ALA ALA N . n 
J 1 21 ASN 21 60 60 ASN ASN N . n 
J 1 22 ALA 22 61 61 ALA ALA N . n 
J 1 23 SER 23 62 62 SER SER N . n 
J 1 24 GLN 24 63 63 GLN GLN N . n 
J 1 25 LEU 25 64 64 LEU LEU N . n 
J 1 26 LYS 26 65 65 LYS LYS N . n 
J 1 27 ALA 27 66 66 ALA ALA N . n 
J 1 28 VAL 28 67 67 VAL VAL N . n 
J 1 29 VAL 29 68 68 VAL VAL N . n 
J 1 30 GLU 30 69 69 GLU GLU N . n 
K 1 1  HIS 1  40 ?  ?   ?   O . n 
K 1 2  TYR 2  41 ?  ?   ?   O . n 
K 1 3  ALA 3  42 ?  ?   ?   O . n 
K 1 4  SER 4  43 43 SER SER O . n 
K 1 5  LYS 5  44 44 LYS LYS O . n 
K 1 6  LYS 6  45 45 LYS LYS O . n 
K 1 7  SER 7  46 46 SER SER O . n 
K 1 8  ALA 8  47 47 ALA ALA O . n 
K 1 9  ALA 9  48 48 ALA ALA O . n 
K 1 10 GLU 10 49 49 GLU GLU O . n 
K 1 11 SER 11 50 50 SER SER O . n 
K 1 12 MET 12 51 51 MET MET O . n 
K 1 13 LEU 13 52 52 LEU LEU O . n 
K 1 14 ASP 14 53 53 ASP ASP O . n 
K 1 15 ILE 15 54 54 ILE ILE O . n 
K 1 16 ALA 16 55 55 ALA ALA O . n 
K 1 17 LEU 17 56 56 LEU LEU O . n 
K 1 18 LEU 18 57 57 LEU LEU O . n 
K 1 19 MET 19 58 58 MET MET O . n 
K 1 20 ALA 20 59 59 ALA ALA O . n 
K 1 21 ASN 21 60 60 ASN ASN O . n 
K 1 22 ALA 22 61 61 ALA ALA O . n 
K 1 23 SER 23 62 62 SER SER O . n 
K 1 24 GLN 24 63 63 GLN GLN O . n 
K 1 25 LEU 25 64 64 LEU LEU O . n 
K 1 26 LYS 26 65 65 LYS LYS O . n 
K 1 27 ALA 27 66 66 ALA ALA O . n 
K 1 28 VAL 28 67 67 VAL VAL O . n 
K 1 29 VAL 29 68 ?  ?   ?   O . n 
K 1 30 GLU 30 69 ?  ?   ?   O . n 
L 1 1  HIS 1  40 ?  ?   ?   P . n 
L 1 2  TYR 2  41 ?  ?   ?   P . n 
L 1 3  ALA 3  42 ?  ?   ?   P . n 
L 1 4  SER 4  43 ?  ?   ?   P . n 
L 1 5  LYS 5  44 ?  ?   ?   P . n 
L 1 6  LYS 6  45 ?  ?   ?   P . n 
L 1 7  SER 7  46 ?  ?   ?   P . n 
L 1 8  ALA 8  47 ?  ?   ?   P . n 
L 1 9  ALA 9  48 ?  ?   ?   P . n 
L 1 10 GLU 10 49 ?  ?   ?   P . n 
L 1 11 SER 11 50 ?  ?   ?   P . n 
L 1 12 MET 12 51 51 MET MET P . n 
L 1 13 LEU 13 52 52 LEU LEU P . n 
L 1 14 ASP 14 53 53 ASP ASP P . n 
L 1 15 ILE 15 54 54 ILE ILE P . n 
L 1 16 ALA 16 55 55 ALA ALA P . n 
L 1 17 LEU 17 56 56 LEU LEU P . n 
L 1 18 LEU 18 57 57 LEU LEU P . n 
L 1 19 MET 19 58 58 MET MET P . n 
L 1 20 ALA 20 59 59 ALA ALA P . n 
L 1 21 ASN 21 60 60 ASN ASN P . n 
L 1 22 ALA 22 61 61 ALA ALA P . n 
L 1 23 SER 23 62 62 SER SER P . n 
L 1 24 GLN 24 63 63 GLN GLN P . n 
L 1 25 LEU 25 64 64 LEU LEU P . n 
L 1 26 LYS 26 65 65 LYS LYS P . n 
L 1 27 ALA 27 66 66 ALA ALA P . n 
L 1 28 VAL 28 67 67 VAL VAL P . n 
L 1 29 VAL 29 68 68 VAL VAL P . n 
L 1 30 GLU 30 69 69 GLU GLU P . n 
# 
_cell.angle_alpha                  90.00 
_cell.angle_alpha_esd              ? 
_cell.angle_beta                   90.00 
_cell.angle_beta_esd               ? 
_cell.angle_gamma                  90.00 
_cell.angle_gamma_esd              ? 
_cell.entry_id                     9K8S 
_cell.details                      ? 
_cell.formula_units_Z              ? 
_cell.length_a                     1.00 
_cell.length_a_esd                 ? 
_cell.length_b                     1.00 
_cell.length_b_esd                 ? 
_cell.length_c                     1.00 
_cell.length_c_esd                 ? 
_cell.volume                       ? 
_cell.volume_esd                   ? 
_cell.Z_PDB                        ? 
_cell.reciprocal_angle_alpha       ? 
_cell.reciprocal_angle_beta        ? 
_cell.reciprocal_angle_gamma       ? 
_cell.reciprocal_angle_alpha_esd   ? 
_cell.reciprocal_angle_beta_esd    ? 
_cell.reciprocal_angle_gamma_esd   ? 
_cell.reciprocal_length_a          ? 
_cell.reciprocal_length_b          ? 
_cell.reciprocal_length_c          ? 
_cell.reciprocal_length_a_esd      ? 
_cell.reciprocal_length_b_esd      ? 
_cell.reciprocal_length_c_esd      ? 
_cell.pdbx_unique_axis             ? 
_cell.pdbx_esd_method              ? 
# 
_symmetry.entry_id                         9K8S 
_symmetry.cell_setting                     ? 
_symmetry.Int_Tables_number                1 
_symmetry.space_group_name_Hall            ? 
_symmetry.space_group_name_H-M             'P 1' 
_symmetry.pdbx_full_space_group_name_H-M   ? 
# 
_exptl.absorpt_coefficient_mu     ? 
_exptl.absorpt_correction_T_max   ? 
_exptl.absorpt_correction_T_min   ? 
_exptl.absorpt_correction_type    ? 
_exptl.absorpt_process_details    ? 
_exptl.entry_id                   9K8S 
_exptl.crystals_number            ? 
_exptl.details                    ? 
_exptl.method                     'ELECTRON MICROSCOPY' 
_exptl.method_details             ? 
# 
_refine.pdbx_refine_id                           'ELECTRON MICROSCOPY' 
_refine.entry_id                                 9K8S 
_refine.pdbx_diffrn_id                           ? 
_refine.pdbx_TLS_residual_ADP_flag               ? 
_refine.ls_number_reflns_obs                     ? 
_refine.ls_number_reflns_all                     ? 
_refine.pdbx_ls_sigma_I                          ? 
_refine.pdbx_ls_sigma_F                          ? 
_refine.pdbx_data_cutoff_high_absF               ? 
_refine.pdbx_data_cutoff_low_absF                ? 
_refine.pdbx_data_cutoff_high_rms_absF           ? 
_refine.ls_d_res_low                             ? 
_refine.ls_d_res_high                            . 
_refine.ls_percent_reflns_obs                    ? 
_refine.ls_R_factor_obs                          ? 
_refine.ls_R_factor_all                          ? 
_refine.ls_R_factor_R_work                       ? 
_refine.ls_R_factor_R_free                       ? 
_refine.ls_R_factor_R_free_error                 ? 
_refine.ls_R_factor_R_free_error_details         ? 
_refine.ls_percent_reflns_R_free                 ? 
_refine.ls_number_reflns_R_free                  ? 
_refine.ls_number_parameters                     ? 
_refine.ls_number_restraints                     ? 
_refine.occupancy_min                            ? 
_refine.occupancy_max                            ? 
_refine.correlation_coeff_Fo_to_Fc               ? 
_refine.correlation_coeff_Fo_to_Fc_free          ? 
_refine.B_iso_mean                               ? 
_refine.aniso_B[1][1]                            ? 
_refine.aniso_B[2][2]                            ? 
_refine.aniso_B[3][3]                            ? 
_refine.aniso_B[1][2]                            ? 
_refine.aniso_B[1][3]                            ? 
_refine.aniso_B[2][3]                            ? 
_refine.solvent_model_details                    ? 
_refine.solvent_model_param_ksol                 ? 
_refine.solvent_model_param_bsol                 ? 
_refine.pdbx_solvent_vdw_probe_radii             ? 
_refine.pdbx_solvent_ion_probe_radii             ? 
_refine.pdbx_solvent_shrinkage_radii             ? 
_refine.pdbx_ls_cross_valid_method               ? 
_refine.details                                  ? 
_refine.pdbx_starting_model                      ? 
_refine.pdbx_method_to_determine_struct          ? 
_refine.pdbx_isotropic_thermal_model             ? 
_refine.pdbx_stereochemistry_target_values       ? 
_refine.pdbx_stereochem_target_val_spec_case     ? 
_refine.pdbx_R_Free_selection_details            ? 
_refine.pdbx_overall_ESU_R                       ? 
_refine.pdbx_overall_ESU_R_Free                  ? 
_refine.overall_SU_ML                            ? 
_refine.pdbx_overall_phase_error                 ? 
_refine.overall_SU_B                             ? 
_refine.overall_SU_R_Cruickshank_DPI             ? 
_refine.pdbx_overall_SU_R_free_Cruickshank_DPI   ? 
_refine.pdbx_overall_SU_R_Blow_DPI               ? 
_refine.pdbx_overall_SU_R_free_Blow_DPI          ? 
# 
loop_
_refine_ls_restr.pdbx_refine_id 
_refine_ls_restr.criterion 
_refine_ls_restr.dev_ideal 
_refine_ls_restr.dev_ideal_target 
_refine_ls_restr.number 
_refine_ls_restr.rejects 
_refine_ls_restr.type 
_refine_ls_restr.weight 
_refine_ls_restr.pdbx_restraint_function 
'ELECTRON MICROSCOPY' ? 0.002 ? 1890 ? f_bond_d           ? ? 
'ELECTRON MICROSCOPY' ? 0.817 ? 2520 ? f_angle_d          ? ? 
'ELECTRON MICROSCOPY' ? 6.805 ? 270  ? f_dihedral_angle_d ? ? 
'ELECTRON MICROSCOPY' ? 0.044 ? 342  ? f_chiral_restr     ? ? 
'ELECTRON MICROSCOPY' ? 0.001 ? 300  ? f_plane_restr      ? ? 
# 
_struct.entry_id                     9K8S 
_struct.title                        'Cryo-EM structure of HE30 polymorph 1' 
_struct.pdbx_model_details           ? 
_struct.pdbx_formula_weight          ? 
_struct.pdbx_formula_weight_method   ? 
_struct.pdbx_model_type_details      ? 
_struct.pdbx_CASP_flag               N 
# 
_struct_keywords.entry_id        9K8S 
_struct_keywords.text            'helical fibril, PROTEIN FIBRIL' 
_struct_keywords.pdbx_keywords   'PROTEIN FIBRIL' 
# 
loop_
_struct_asym.id 
_struct_asym.pdbx_blank_PDB_chainid_flag 
_struct_asym.pdbx_modified 
_struct_asym.entity_id 
_struct_asym.details 
A N N 1 ? 
B N N 1 ? 
C N N 1 ? 
D N N 1 ? 
E N N 1 ? 
F N N 1 ? 
G N N 1 ? 
H N N 1 ? 
I N N 1 ? 
J N N 1 ? 
K N N 1 ? 
L N N 1 ? 
# 
_struct_ref.id                         1 
_struct_ref.db_name                    UNP 
_struct_ref.db_code                    NINJ1_HUMAN 
_struct_ref.pdbx_db_accession          Q92982 
_struct_ref.pdbx_db_isoform            ? 
_struct_ref.entity_id                  1 
_struct_ref.pdbx_seq_one_letter_code   HYASKKSAAESMLDIALLMANASQLKAVVE 
_struct_ref.pdbx_align_begin           40 
# 
loop_
_struct_ref_seq.align_id 
_struct_ref_seq.ref_id 
_struct_ref_seq.pdbx_PDB_id_code 
_struct_ref_seq.pdbx_strand_id 
_struct_ref_seq.seq_align_beg 
_struct_ref_seq.pdbx_seq_align_beg_ins_code 
_struct_ref_seq.seq_align_end 
_struct_ref_seq.pdbx_seq_align_end_ins_code 
_struct_ref_seq.pdbx_db_accession 
_struct_ref_seq.db_align_beg 
_struct_ref_seq.pdbx_db_align_beg_ins_code 
_struct_ref_seq.db_align_end 
_struct_ref_seq.pdbx_db_align_end_ins_code 
_struct_ref_seq.pdbx_auth_seq_align_beg 
_struct_ref_seq.pdbx_auth_seq_align_end 
1  1 9K8S E 1 ? 30 ? Q92982 40 ? 69 ? 40 69 
2  1 9K8S F 1 ? 30 ? Q92982 40 ? 69 ? 40 69 
3  1 9K8S G 1 ? 30 ? Q92982 40 ? 69 ? 40 69 
4  1 9K8S H 1 ? 30 ? Q92982 40 ? 69 ? 40 69 
5  1 9K8S I 1 ? 30 ? Q92982 40 ? 69 ? 40 69 
6  1 9K8S J 1 ? 30 ? Q92982 40 ? 69 ? 40 69 
7  1 9K8S K 1 ? 30 ? Q92982 40 ? 69 ? 40 69 
8  1 9K8S L 1 ? 30 ? Q92982 40 ? 69 ? 40 69 
9  1 9K8S M 1 ? 30 ? Q92982 40 ? 69 ? 40 69 
10 1 9K8S N 1 ? 30 ? Q92982 40 ? 69 ? 40 69 
11 1 9K8S O 1 ? 30 ? Q92982 40 ? 69 ? 40 69 
12 1 9K8S P 1 ? 30 ? Q92982 40 ? 69 ? 40 69 
# 
_pdbx_struct_assembly.id                   1 
_pdbx_struct_assembly.details              author_defined_assembly 
_pdbx_struct_assembly.method_details       ? 
_pdbx_struct_assembly.oligomeric_details   dodecameric 
_pdbx_struct_assembly.oligomeric_count     12 
# 
_pdbx_struct_assembly_gen.assembly_id       1 
_pdbx_struct_assembly_gen.oper_expression   1 
_pdbx_struct_assembly_gen.asym_id_list      A,B,C,D,E,F,G,H,I,J,K,L 
# 
_pdbx_struct_assembly_auth_evidence.id                     1 
_pdbx_struct_assembly_auth_evidence.assembly_id            1 
_pdbx_struct_assembly_auth_evidence.experimental_support   'electron microscopy' 
_pdbx_struct_assembly_auth_evidence.details                'not applicable' 
# 
_pdbx_struct_oper_list.id                   1 
_pdbx_struct_oper_list.type                 'identity operation' 
_pdbx_struct_oper_list.name                 1_555 
_pdbx_struct_oper_list.symmetry_operation   ? 
_pdbx_struct_oper_list.matrix[1][1]         1.0000000000 
_pdbx_struct_oper_list.matrix[1][2]         0.0000000000 
_pdbx_struct_oper_list.matrix[1][3]         0.0000000000 
_pdbx_struct_oper_list.vector[1]            0.0000000000 
_pdbx_struct_oper_list.matrix[2][1]         0.0000000000 
_pdbx_struct_oper_list.matrix[2][2]         1.0000000000 
_pdbx_struct_oper_list.matrix[2][3]         0.0000000000 
_pdbx_struct_oper_list.vector[2]            0.0000000000 
_pdbx_struct_oper_list.matrix[3][1]         0.0000000000 
_pdbx_struct_oper_list.matrix[3][2]         0.0000000000 
_pdbx_struct_oper_list.matrix[3][3]         1.0000000000 
_pdbx_struct_oper_list.vector[3]            0.0000000000 
# 
loop_
_struct_sheet.id 
_struct_sheet.type 
_struct_sheet.number_strands 
_struct_sheet.details 
AA1 ? 3 ? 
AA2 ? 3 ? 
AA3 ? 3 ? 
AA4 ? 3 ? 
# 
loop_
_struct_sheet_order.sheet_id 
_struct_sheet_order.range_id_1 
_struct_sheet_order.range_id_2 
_struct_sheet_order.offset 
_struct_sheet_order.sense 
AA1 1 2 ? parallel 
AA1 2 3 ? parallel 
AA2 1 2 ? parallel 
AA2 2 3 ? parallel 
AA3 1 2 ? parallel 
AA3 2 3 ? parallel 
AA4 1 2 ? parallel 
AA4 2 3 ? parallel 
# 
loop_
_struct_sheet_range.sheet_id 
_struct_sheet_range.id 
_struct_sheet_range.beg_label_comp_id 
_struct_sheet_range.beg_label_asym_id 
_struct_sheet_range.beg_label_seq_id 
_struct_sheet_range.pdbx_beg_PDB_ins_code 
_struct_sheet_range.end_label_comp_id 
_struct_sheet_range.end_label_asym_id 
_struct_sheet_range.end_label_seq_id 
_struct_sheet_range.pdbx_end_PDB_ins_code 
_struct_sheet_range.beg_auth_comp_id 
_struct_sheet_range.beg_auth_asym_id 
_struct_sheet_range.beg_auth_seq_id 
_struct_sheet_range.end_auth_comp_id 
_struct_sheet_range.end_auth_asym_id 
_struct_sheet_range.end_auth_seq_id 
AA1 1 MET C 19 ? ALA C 20 ? MET G 58 ALA G 59 
AA1 2 MET A 19 ? ALA A 20 ? MET E 58 ALA E 59 
AA1 3 MET E 19 ? ALA E 20 ? MET I 58 ALA I 59 
AA2 1 LYS C 26 ? ALA C 27 ? LYS G 65 ALA G 66 
AA2 2 LYS A 26 ? ALA A 27 ? LYS E 65 ALA E 66 
AA2 3 LYS E 26 ? ALA E 27 ? LYS I 65 ALA I 66 
AA3 1 MET I 19 ? ALA I 20 ? MET M 58 ALA M 59 
AA3 2 MET G 19 ? ALA G 20 ? MET K 58 ALA K 59 
AA3 3 MET K 19 ? ALA K 20 ? MET O 58 ALA O 59 
AA4 1 LYS I 26 ? ALA I 27 ? LYS M 65 ALA M 66 
AA4 2 LYS G 26 ? ALA G 27 ? LYS K 65 ALA K 66 
AA4 3 LYS K 26 ? ALA K 27 ? LYS O 65 ALA O 66 
# 
loop_
_pdbx_struct_sheet_hbond.sheet_id 
_pdbx_struct_sheet_hbond.range_id_1 
_pdbx_struct_sheet_hbond.range_id_2 
_pdbx_struct_sheet_hbond.range_1_label_atom_id 
_pdbx_struct_sheet_hbond.range_1_label_comp_id 
_pdbx_struct_sheet_hbond.range_1_label_asym_id 
_pdbx_struct_sheet_hbond.range_1_label_seq_id 
_pdbx_struct_sheet_hbond.range_1_PDB_ins_code 
_pdbx_struct_sheet_hbond.range_1_auth_atom_id 
_pdbx_struct_sheet_hbond.range_1_auth_comp_id 
_pdbx_struct_sheet_hbond.range_1_auth_asym_id 
_pdbx_struct_sheet_hbond.range_1_auth_seq_id 
_pdbx_struct_sheet_hbond.range_2_label_atom_id 
_pdbx_struct_sheet_hbond.range_2_label_comp_id 
_pdbx_struct_sheet_hbond.range_2_label_asym_id 
_pdbx_struct_sheet_hbond.range_2_label_seq_id 
_pdbx_struct_sheet_hbond.range_2_PDB_ins_code 
_pdbx_struct_sheet_hbond.range_2_auth_atom_id 
_pdbx_struct_sheet_hbond.range_2_auth_comp_id 
_pdbx_struct_sheet_hbond.range_2_auth_asym_id 
_pdbx_struct_sheet_hbond.range_2_auth_seq_id 
AA1 1 2 O ALA C 20 ? O ALA G 59 N MET A 19 ? N MET E 58 
AA1 2 3 N ALA A 20 ? N ALA E 59 O MET E 19 ? O MET I 58 
AA2 1 2 O LYS C 26 ? O LYS G 65 N ALA A 27 ? N ALA E 66 
AA2 2 3 N LYS A 26 ? N LYS E 65 O ALA E 27 ? O ALA I 66 
AA3 1 2 O ALA I 20 ? O ALA M 59 N MET G 19 ? N MET K 58 
AA3 2 3 N ALA G 20 ? N ALA K 59 O MET K 19 ? O MET O 58 
AA4 1 2 O LYS I 26 ? O LYS M 65 N ALA G 27 ? N ALA K 66 
AA4 2 3 N LYS G 26 ? N LYS K 65 O ALA K 27 ? O ALA O 66 
# 
_pdbx_entry_details.entry_id                   9K8S 
_pdbx_entry_details.compound_details           ? 
_pdbx_entry_details.source_details             ? 
_pdbx_entry_details.nonpolymer_details         ? 
_pdbx_entry_details.sequence_details           ? 
_pdbx_entry_details.has_ligand_of_interest     ? 
_pdbx_entry_details.has_protein_modification   N 
# 
_em_3d_fitting.id                1 
_em_3d_fitting.entry_id          9K8S 
_em_3d_fitting.method            ? 
_em_3d_fitting.target_criteria   ? 
_em_3d_fitting.details           ? 
_em_3d_fitting.overall_b_value   ? 
_em_3d_fitting.ref_space         ? 
_em_3d_fitting.ref_protocol      ? 
# 
_em_3d_reconstruction.entry_id                    9K8S 
_em_3d_reconstruction.id                          1 
_em_3d_reconstruction.method                      ? 
_em_3d_reconstruction.algorithm                   ? 
_em_3d_reconstruction.citation_id                 ? 
_em_3d_reconstruction.details                     ? 
_em_3d_reconstruction.resolution                  2.9 
_em_3d_reconstruction.resolution_method           'FSC 0.143 CUT-OFF' 
_em_3d_reconstruction.magnification_calibration   ? 
_em_3d_reconstruction.nominal_pixel_size          ? 
_em_3d_reconstruction.actual_pixel_size           ? 
_em_3d_reconstruction.num_particles               523480 
_em_3d_reconstruction.euler_angles_details        ? 
_em_3d_reconstruction.num_class_averages          ? 
_em_3d_reconstruction.refinement_type             ? 
_em_3d_reconstruction.image_processing_id         1 
_em_3d_reconstruction.symmetry_type               HELICAL 
# 
_em_buffer.id            1 
_em_buffer.specimen_id   1 
_em_buffer.name          ? 
_em_buffer.details       ? 
_em_buffer.pH            7.4 
# 
_em_entity_assembly.id                   1 
_em_entity_assembly.parent_id            0 
_em_entity_assembly.source               NATURAL 
_em_entity_assembly.type                 CELL 
_em_entity_assembly.name                 'Cryo-EM structure of HE30 polymorph 1' 
_em_entity_assembly.details              ? 
_em_entity_assembly.synonym              ? 
_em_entity_assembly.oligomeric_details   ? 
_em_entity_assembly.entity_id_list       1 
# 
_em_imaging.entry_id                        9K8S 
_em_imaging.id                              1 
_em_imaging.astigmatism                     ? 
_em_imaging.electron_beam_tilt_params       ? 
_em_imaging.residual_tilt                   ? 
_em_imaging.microscope_model                'TFS KRIOS' 
_em_imaging.specimen_holder_type            ? 
_em_imaging.specimen_holder_model           ? 
_em_imaging.details                         ? 
_em_imaging.date                            ? 
_em_imaging.accelerating_voltage            300 
_em_imaging.illumination_mode               'FLOOD BEAM' 
_em_imaging.mode                            'BRIGHT FIELD' 
_em_imaging.nominal_cs                      ? 
_em_imaging.nominal_defocus_min             1000 
_em_imaging.nominal_defocus_max             2000 
_em_imaging.calibrated_defocus_min          ? 
_em_imaging.calibrated_defocus_max          ? 
_em_imaging.tilt_angle_min                  ? 
_em_imaging.tilt_angle_max                  ? 
_em_imaging.nominal_magnification           ? 
_em_imaging.calibrated_magnification        ? 
_em_imaging.electron_source                 'FIELD EMISSION GUN' 
_em_imaging.citation_id                     ? 
_em_imaging.temperature                     ? 
_em_imaging.detector_distance               ? 
_em_imaging.recording_temperature_minimum   ? 
_em_imaging.recording_temperature_maximum   ? 
_em_imaging.alignment_procedure             ? 
_em_imaging.c2_aperture_diameter            ? 
_em_imaging.specimen_id                     1 
_em_imaging.cryogen                         ? 
# 
_em_vitrification.entry_id              9K8S 
_em_vitrification.id                    1 
_em_vitrification.specimen_id           1 
_em_vitrification.cryogen_name          ETHANE 
_em_vitrification.humidity              ? 
_em_vitrification.temp                  ? 
_em_vitrification.chamber_temperature   ? 
_em_vitrification.instrument            ? 
_em_vitrification.method                ? 
_em_vitrification.time_resolved_state   ? 
_em_vitrification.citation_id           ? 
_em_vitrification.details               ? 
# 
_em_experiment.entry_id                9K8S 
_em_experiment.id                      1 
_em_experiment.reconstruction_method   HELICAL 
_em_experiment.aggregation_state       FILAMENT 
_em_experiment.entity_assembly_id      1 
# 
loop_
_pdbx_unobs_or_zero_occ_residues.id 
_pdbx_unobs_or_zero_occ_residues.PDB_model_num 
_pdbx_unobs_or_zero_occ_residues.polymer_flag 
_pdbx_unobs_or_zero_occ_residues.occupancy_flag 
_pdbx_unobs_or_zero_occ_residues.auth_asym_id 
_pdbx_unobs_or_zero_occ_residues.auth_comp_id 
_pdbx_unobs_or_zero_occ_residues.auth_seq_id 
_pdbx_unobs_or_zero_occ_residues.PDB_ins_code 
_pdbx_unobs_or_zero_occ_residues.label_asym_id 
_pdbx_unobs_or_zero_occ_residues.label_comp_id 
_pdbx_unobs_or_zero_occ_residues.label_seq_id 
1  1 Y 1 E HIS 40 ? A HIS 1  
2  1 Y 1 E TYR 41 ? A TYR 2  
3  1 Y 1 E ALA 42 ? A ALA 3  
4  1 Y 1 E VAL 68 ? A VAL 29 
5  1 Y 1 E GLU 69 ? A GLU 30 
6  1 Y 1 F HIS 40 ? B HIS 1  
7  1 Y 1 F TYR 41 ? B TYR 2  
8  1 Y 1 F ALA 42 ? B ALA 3  
9  1 Y 1 F SER 43 ? B SER 4  
10 1 Y 1 F LYS 44 ? B LYS 5  
11 1 Y 1 F LYS 45 ? B LYS 6  
12 1 Y 1 F SER 46 ? B SER 7  
13 1 Y 1 F ALA 47 ? B ALA 8  
14 1 Y 1 F ALA 48 ? B ALA 9  
15 1 Y 1 F GLU 49 ? B GLU 10 
16 1 Y 1 F SER 50 ? B SER 11 
17 1 Y 1 G HIS 40 ? C HIS 1  
18 1 Y 1 G TYR 41 ? C TYR 2  
19 1 Y 1 G ALA 42 ? C ALA 3  
20 1 Y 1 G VAL 68 ? C VAL 29 
21 1 Y 1 G GLU 69 ? C GLU 30 
22 1 Y 1 H HIS 40 ? D HIS 1  
23 1 Y 1 H TYR 41 ? D TYR 2  
24 1 Y 1 H ALA 42 ? D ALA 3  
25 1 Y 1 H SER 43 ? D SER 4  
26 1 Y 1 H LYS 44 ? D LYS 5  
27 1 Y 1 H LYS 45 ? D LYS 6  
28 1 Y 1 H SER 46 ? D SER 7  
29 1 Y 1 H ALA 47 ? D ALA 8  
30 1 Y 1 H ALA 48 ? D ALA 9  
31 1 Y 1 H GLU 49 ? D GLU 10 
32 1 Y 1 H SER 50 ? D SER 11 
33 1 Y 1 I HIS 40 ? E HIS 1  
34 1 Y 1 I TYR 41 ? E TYR 2  
35 1 Y 1 I ALA 42 ? E ALA 3  
36 1 Y 1 I VAL 68 ? E VAL 29 
37 1 Y 1 I GLU 69 ? E GLU 30 
38 1 Y 1 J HIS 40 ? F HIS 1  
39 1 Y 1 J TYR 41 ? F TYR 2  
40 1 Y 1 J ALA 42 ? F ALA 3  
41 1 Y 1 J SER 43 ? F SER 4  
42 1 Y 1 J LYS 44 ? F LYS 5  
43 1 Y 1 J LYS 45 ? F LYS 6  
44 1 Y 1 J SER 46 ? F SER 7  
45 1 Y 1 J ALA 47 ? F ALA 8  
46 1 Y 1 J ALA 48 ? F ALA 9  
47 1 Y 1 J GLU 49 ? F GLU 10 
48 1 Y 1 J SER 50 ? F SER 11 
49 1 Y 1 K HIS 40 ? G HIS 1  
50 1 Y 1 K TYR 41 ? G TYR 2  
51 1 Y 1 K ALA 42 ? G ALA 3  
52 1 Y 1 K VAL 68 ? G VAL 29 
53 1 Y 1 K GLU 69 ? G GLU 30 
54 1 Y 1 L HIS 40 ? H HIS 1  
55 1 Y 1 L TYR 41 ? H TYR 2  
56 1 Y 1 L ALA 42 ? H ALA 3  
57 1 Y 1 L SER 43 ? H SER 4  
58 1 Y 1 L LYS 44 ? H LYS 5  
59 1 Y 1 L LYS 45 ? H LYS 6  
60 1 Y 1 L SER 46 ? H SER 7  
61 1 Y 1 L ALA 47 ? H ALA 8  
62 1 Y 1 L ALA 48 ? H ALA 9  
63 1 Y 1 L GLU 49 ? H GLU 10 
64 1 Y 1 L SER 50 ? H SER 11 
65 1 Y 1 M HIS 40 ? I HIS 1  
66 1 Y 1 M TYR 41 ? I TYR 2  
67 1 Y 1 M ALA 42 ? I ALA 3  
68 1 Y 1 M VAL 68 ? I VAL 29 
69 1 Y 1 M GLU 69 ? I GLU 30 
70 1 Y 1 N HIS 40 ? J HIS 1  
71 1 Y 1 N TYR 41 ? J TYR 2  
72 1 Y 1 N ALA 42 ? J ALA 3  
73 1 Y 1 N SER 43 ? J SER 4  
74 1 Y 1 N LYS 44 ? J LYS 5  
75 1 Y 1 N LYS 45 ? J LYS 6  
76 1 Y 1 N SER 46 ? J SER 7  
77 1 Y 1 N ALA 47 ? J ALA 8  
78 1 Y 1 N ALA 48 ? J ALA 9  
79 1 Y 1 N GLU 49 ? J GLU 10 
80 1 Y 1 N SER 50 ? J SER 11 
81 1 Y 1 O HIS 40 ? K HIS 1  
82 1 Y 1 O TYR 41 ? K TYR 2  
83 1 Y 1 O ALA 42 ? K ALA 3  
84 1 Y 1 O VAL 68 ? K VAL 29 
85 1 Y 1 O GLU 69 ? K GLU 30 
86 1 Y 1 P HIS 40 ? L HIS 1  
87 1 Y 1 P TYR 41 ? L TYR 2  
88 1 Y 1 P ALA 42 ? L ALA 3  
89 1 Y 1 P SER 43 ? L SER 4  
90 1 Y 1 P LYS 44 ? L LYS 5  
91 1 Y 1 P LYS 45 ? L LYS 6  
92 1 Y 1 P SER 46 ? L SER 7  
93 1 Y 1 P ALA 47 ? L ALA 8  
94 1 Y 1 P ALA 48 ? L ALA 9  
95 1 Y 1 P GLU 49 ? L GLU 10 
96 1 Y 1 P SER 50 ? L SER 11 
# 
loop_
_chem_comp_atom.comp_id 
_chem_comp_atom.atom_id 
_chem_comp_atom.type_symbol 
_chem_comp_atom.pdbx_aromatic_flag 
_chem_comp_atom.pdbx_stereo_config 
_chem_comp_atom.pdbx_ordinal 
ALA N    N N N 1   
ALA CA   C N S 2   
ALA C    C N N 3   
ALA O    O N N 4   
ALA CB   C N N 5   
ALA OXT  O N N 6   
ALA H    H N N 7   
ALA H2   H N N 8   
ALA HA   H N N 9   
ALA HB1  H N N 10  
ALA HB2  H N N 11  
ALA HB3  H N N 12  
ALA HXT  H N N 13  
ASN N    N N N 14  
ASN CA   C N S 15  
ASN C    C N N 16  
ASN O    O N N 17  
ASN CB   C N N 18  
ASN CG   C N N 19  
ASN OD1  O N N 20  
ASN ND2  N N N 21  
ASN OXT  O N N 22  
ASN H    H N N 23  
ASN H2   H N N 24  
ASN HA   H N N 25  
ASN HB2  H N N 26  
ASN HB3  H N N 27  
ASN HD21 H N N 28  
ASN HD22 H N N 29  
ASN HXT  H N N 30  
ASP N    N N N 31  
ASP CA   C N S 32  
ASP C    C N N 33  
ASP O    O N N 34  
ASP CB   C N N 35  
ASP CG   C N N 36  
ASP OD1  O N N 37  
ASP OD2  O N N 38  
ASP OXT  O N N 39  
ASP H    H N N 40  
ASP H2   H N N 41  
ASP HA   H N N 42  
ASP HB2  H N N 43  
ASP HB3  H N N 44  
ASP HD2  H N N 45  
ASP HXT  H N N 46  
GLN N    N N N 47  
GLN CA   C N S 48  
GLN C    C N N 49  
GLN O    O N N 50  
GLN CB   C N N 51  
GLN CG   C N N 52  
GLN CD   C N N 53  
GLN OE1  O N N 54  
GLN NE2  N N N 55  
GLN OXT  O N N 56  
GLN H    H N N 57  
GLN H2   H N N 58  
GLN HA   H N N 59  
GLN HB2  H N N 60  
GLN HB3  H N N 61  
GLN HG2  H N N 62  
GLN HG3  H N N 63  
GLN HE21 H N N 64  
GLN HE22 H N N 65  
GLN HXT  H N N 66  
GLU N    N N N 67  
GLU CA   C N S 68  
GLU C    C N N 69  
GLU O    O N N 70  
GLU CB   C N N 71  
GLU CG   C N N 72  
GLU CD   C N N 73  
GLU OE1  O N N 74  
GLU OE2  O N N 75  
GLU OXT  O N N 76  
GLU H    H N N 77  
GLU H2   H N N 78  
GLU HA   H N N 79  
GLU HB2  H N N 80  
GLU HB3  H N N 81  
GLU HG2  H N N 82  
GLU HG3  H N N 83  
GLU HE2  H N N 84  
GLU HXT  H N N 85  
HIS N    N N N 86  
HIS CA   C N S 87  
HIS C    C N N 88  
HIS O    O N N 89  
HIS CB   C N N 90  
HIS CG   C Y N 91  
HIS ND1  N Y N 92  
HIS CD2  C Y N 93  
HIS CE1  C Y N 94  
HIS NE2  N Y N 95  
HIS OXT  O N N 96  
HIS H    H N N 97  
HIS H2   H N N 98  
HIS HA   H N N 99  
HIS HB2  H N N 100 
HIS HB3  H N N 101 
HIS HD1  H N N 102 
HIS HD2  H N N 103 
HIS HE1  H N N 104 
HIS HE2  H N N 105 
HIS HXT  H N N 106 
ILE N    N N N 107 
ILE CA   C N S 108 
ILE C    C N N 109 
ILE O    O N N 110 
ILE CB   C N S 111 
ILE CG1  C N N 112 
ILE CG2  C N N 113 
ILE CD1  C N N 114 
ILE OXT  O N N 115 
ILE H    H N N 116 
ILE H2   H N N 117 
ILE HA   H N N 118 
ILE HB   H N N 119 
ILE HG12 H N N 120 
ILE HG13 H N N 121 
ILE HG21 H N N 122 
ILE HG22 H N N 123 
ILE HG23 H N N 124 
ILE HD11 H N N 125 
ILE HD12 H N N 126 
ILE HD13 H N N 127 
ILE HXT  H N N 128 
LEU N    N N N 129 
LEU CA   C N S 130 
LEU C    C N N 131 
LEU O    O N N 132 
LEU CB   C N N 133 
LEU CG   C N N 134 
LEU CD1  C N N 135 
LEU CD2  C N N 136 
LEU OXT  O N N 137 
LEU H    H N N 138 
LEU H2   H N N 139 
LEU HA   H N N 140 
LEU HB2  H N N 141 
LEU HB3  H N N 142 
LEU HG   H N N 143 
LEU HD11 H N N 144 
LEU HD12 H N N 145 
LEU HD13 H N N 146 
LEU HD21 H N N 147 
LEU HD22 H N N 148 
LEU HD23 H N N 149 
LEU HXT  H N N 150 
LYS N    N N N 151 
LYS CA   C N S 152 
LYS C    C N N 153 
LYS O    O N N 154 
LYS CB   C N N 155 
LYS CG   C N N 156 
LYS CD   C N N 157 
LYS CE   C N N 158 
LYS NZ   N N N 159 
LYS OXT  O N N 160 
LYS H    H N N 161 
LYS H2   H N N 162 
LYS HA   H N N 163 
LYS HB2  H N N 164 
LYS HB3  H N N 165 
LYS HG2  H N N 166 
LYS HG3  H N N 167 
LYS HD2  H N N 168 
LYS HD3  H N N 169 
LYS HE2  H N N 170 
LYS HE3  H N N 171 
LYS HZ1  H N N 172 
LYS HZ2  H N N 173 
LYS HZ3  H N N 174 
LYS HXT  H N N 175 
MET N    N N N 176 
MET CA   C N S 177 
MET C    C N N 178 
MET O    O N N 179 
MET CB   C N N 180 
MET CG   C N N 181 
MET SD   S N N 182 
MET CE   C N N 183 
MET OXT  O N N 184 
MET H    H N N 185 
MET H2   H N N 186 
MET HA   H N N 187 
MET HB2  H N N 188 
MET HB3  H N N 189 
MET HG2  H N N 190 
MET HG3  H N N 191 
MET HE1  H N N 192 
MET HE2  H N N 193 
MET HE3  H N N 194 
MET HXT  H N N 195 
SER N    N N N 196 
SER CA   C N S 197 
SER C    C N N 198 
SER O    O N N 199 
SER CB   C N N 200 
SER OG   O N N 201 
SER OXT  O N N 202 
SER H    H N N 203 
SER H2   H N N 204 
SER HA   H N N 205 
SER HB2  H N N 206 
SER HB3  H N N 207 
SER HG   H N N 208 
SER HXT  H N N 209 
TYR N    N N N 210 
TYR CA   C N S 211 
TYR C    C N N 212 
TYR O    O N N 213 
TYR CB   C N N 214 
TYR CG   C Y N 215 
TYR CD1  C Y N 216 
TYR CD2  C Y N 217 
TYR CE1  C Y N 218 
TYR CE2  C Y N 219 
TYR CZ   C Y N 220 
TYR OH   O N N 221 
TYR OXT  O N N 222 
TYR H    H N N 223 
TYR H2   H N N 224 
TYR HA   H N N 225 
TYR HB2  H N N 226 
TYR HB3  H N N 227 
TYR HD1  H N N 228 
TYR HD2  H N N 229 
TYR HE1  H N N 230 
TYR HE2  H N N 231 
TYR HH   H N N 232 
TYR HXT  H N N 233 
VAL N    N N N 234 
VAL CA   C N S 235 
VAL C    C N N 236 
VAL O    O N N 237 
VAL CB   C N N 238 
VAL CG1  C N N 239 
VAL CG2  C N N 240 
VAL OXT  O N N 241 
VAL H    H N N 242 
VAL H2   H N N 243 
VAL HA   H N N 244 
VAL HB   H N N 245 
VAL HG11 H N N 246 
VAL HG12 H N N 247 
VAL HG13 H N N 248 
VAL HG21 H N N 249 
VAL HG22 H N N 250 
VAL HG23 H N N 251 
VAL HXT  H N N 252 
# 
loop_
_chem_comp_bond.comp_id 
_chem_comp_bond.atom_id_1 
_chem_comp_bond.atom_id_2 
_chem_comp_bond.value_order 
_chem_comp_bond.pdbx_aromatic_flag 
_chem_comp_bond.pdbx_stereo_config 
_chem_comp_bond.pdbx_ordinal 
ALA N   CA   sing N N 1   
ALA N   H    sing N N 2   
ALA N   H2   sing N N 3   
ALA CA  C    sing N N 4   
ALA CA  CB   sing N N 5   
ALA CA  HA   sing N N 6   
ALA C   O    doub N N 7   
ALA C   OXT  sing N N 8   
ALA CB  HB1  sing N N 9   
ALA CB  HB2  sing N N 10  
ALA CB  HB3  sing N N 11  
ALA OXT HXT  sing N N 12  
ASN N   CA   sing N N 13  
ASN N   H    sing N N 14  
ASN N   H2   sing N N 15  
ASN CA  C    sing N N 16  
ASN CA  CB   sing N N 17  
ASN CA  HA   sing N N 18  
ASN C   O    doub N N 19  
ASN C   OXT  sing N N 20  
ASN CB  CG   sing N N 21  
ASN CB  HB2  sing N N 22  
ASN CB  HB3  sing N N 23  
ASN CG  OD1  doub N N 24  
ASN CG  ND2  sing N N 25  
ASN ND2 HD21 sing N N 26  
ASN ND2 HD22 sing N N 27  
ASN OXT HXT  sing N N 28  
ASP N   CA   sing N N 29  
ASP N   H    sing N N 30  
ASP N   H2   sing N N 31  
ASP CA  C    sing N N 32  
ASP CA  CB   sing N N 33  
ASP CA  HA   sing N N 34  
ASP C   O    doub N N 35  
ASP C   OXT  sing N N 36  
ASP CB  CG   sing N N 37  
ASP CB  HB2  sing N N 38  
ASP CB  HB3  sing N N 39  
ASP CG  OD1  doub N N 40  
ASP CG  OD2  sing N N 41  
ASP OD2 HD2  sing N N 42  
ASP OXT HXT  sing N N 43  
GLN N   CA   sing N N 44  
GLN N   H    sing N N 45  
GLN N   H2   sing N N 46  
GLN CA  C    sing N N 47  
GLN CA  CB   sing N N 48  
GLN CA  HA   sing N N 49  
GLN C   O    doub N N 50  
GLN C   OXT  sing N N 51  
GLN CB  CG   sing N N 52  
GLN CB  HB2  sing N N 53  
GLN CB  HB3  sing N N 54  
GLN CG  CD   sing N N 55  
GLN CG  HG2  sing N N 56  
GLN CG  HG3  sing N N 57  
GLN CD  OE1  doub N N 58  
GLN CD  NE2  sing N N 59  
GLN NE2 HE21 sing N N 60  
GLN NE2 HE22 sing N N 61  
GLN OXT HXT  sing N N 62  
GLU N   CA   sing N N 63  
GLU N   H    sing N N 64  
GLU N   H2   sing N N 65  
GLU CA  C    sing N N 66  
GLU CA  CB   sing N N 67  
GLU CA  HA   sing N N 68  
GLU C   O    doub N N 69  
GLU C   OXT  sing N N 70  
GLU CB  CG   sing N N 71  
GLU CB  HB2  sing N N 72  
GLU CB  HB3  sing N N 73  
GLU CG  CD   sing N N 74  
GLU CG  HG2  sing N N 75  
GLU CG  HG3  sing N N 76  
GLU CD  OE1  doub N N 77  
GLU CD  OE2  sing N N 78  
GLU OE2 HE2  sing N N 79  
GLU OXT HXT  sing N N 80  
HIS N   CA   sing N N 81  
HIS N   H    sing N N 82  
HIS N   H2   sing N N 83  
HIS CA  C    sing N N 84  
HIS CA  CB   sing N N 85  
HIS CA  HA   sing N N 86  
HIS C   O    doub N N 87  
HIS C   OXT  sing N N 88  
HIS CB  CG   sing N N 89  
HIS CB  HB2  sing N N 90  
HIS CB  HB3  sing N N 91  
HIS CG  ND1  sing Y N 92  
HIS CG  CD2  doub Y N 93  
HIS ND1 CE1  doub Y N 94  
HIS ND1 HD1  sing N N 95  
HIS CD2 NE2  sing Y N 96  
HIS CD2 HD2  sing N N 97  
HIS CE1 NE2  sing Y N 98  
HIS CE1 HE1  sing N N 99  
HIS NE2 HE2  sing N N 100 
HIS OXT HXT  sing N N 101 
ILE N   CA   sing N N 102 
ILE N   H    sing N N 103 
ILE N   H2   sing N N 104 
ILE CA  C    sing N N 105 
ILE CA  CB   sing N N 106 
ILE CA  HA   sing N N 107 
ILE C   O    doub N N 108 
ILE C   OXT  sing N N 109 
ILE CB  CG1  sing N N 110 
ILE CB  CG2  sing N N 111 
ILE CB  HB   sing N N 112 
ILE CG1 CD1  sing N N 113 
ILE CG1 HG12 sing N N 114 
ILE CG1 HG13 sing N N 115 
ILE CG2 HG21 sing N N 116 
ILE CG2 HG22 sing N N 117 
ILE CG2 HG23 sing N N 118 
ILE CD1 HD11 sing N N 119 
ILE CD1 HD12 sing N N 120 
ILE CD1 HD13 sing N N 121 
ILE OXT HXT  sing N N 122 
LEU N   CA   sing N N 123 
LEU N   H    sing N N 124 
LEU N   H2   sing N N 125 
LEU CA  C    sing N N 126 
LEU CA  CB   sing N N 127 
LEU CA  HA   sing N N 128 
LEU C   O    doub N N 129 
LEU C   OXT  sing N N 130 
LEU CB  CG   sing N N 131 
LEU CB  HB2  sing N N 132 
LEU CB  HB3  sing N N 133 
LEU CG  CD1  sing N N 134 
LEU CG  CD2  sing N N 135 
LEU CG  HG   sing N N 136 
LEU CD1 HD11 sing N N 137 
LEU CD1 HD12 sing N N 138 
LEU CD1 HD13 sing N N 139 
LEU CD2 HD21 sing N N 140 
LEU CD2 HD22 sing N N 141 
LEU CD2 HD23 sing N N 142 
LEU OXT HXT  sing N N 143 
LYS N   CA   sing N N 144 
LYS N   H    sing N N 145 
LYS N   H2   sing N N 146 
LYS CA  C    sing N N 147 
LYS CA  CB   sing N N 148 
LYS CA  HA   sing N N 149 
LYS C   O    doub N N 150 
LYS C   OXT  sing N N 151 
LYS CB  CG   sing N N 152 
LYS CB  HB2  sing N N 153 
LYS CB  HB3  sing N N 154 
LYS CG  CD   sing N N 155 
LYS CG  HG2  sing N N 156 
LYS CG  HG3  sing N N 157 
LYS CD  CE   sing N N 158 
LYS CD  HD2  sing N N 159 
LYS CD  HD3  sing N N 160 
LYS CE  NZ   sing N N 161 
LYS CE  HE2  sing N N 162 
LYS CE  HE3  sing N N 163 
LYS NZ  HZ1  sing N N 164 
LYS NZ  HZ2  sing N N 165 
LYS NZ  HZ3  sing N N 166 
LYS OXT HXT  sing N N 167 
MET N   CA   sing N N 168 
MET N   H    sing N N 169 
MET N   H2   sing N N 170 
MET CA  C    sing N N 171 
MET CA  CB   sing N N 172 
MET CA  HA   sing N N 173 
MET C   O    doub N N 174 
MET C   OXT  sing N N 175 
MET CB  CG   sing N N 176 
MET CB  HB2  sing N N 177 
MET CB  HB3  sing N N 178 
MET CG  SD   sing N N 179 
MET CG  HG2  sing N N 180 
MET CG  HG3  sing N N 181 
MET SD  CE   sing N N 182 
MET CE  HE1  sing N N 183 
MET CE  HE2  sing N N 184 
MET CE  HE3  sing N N 185 
MET OXT HXT  sing N N 186 
SER N   CA   sing N N 187 
SER N   H    sing N N 188 
SER N   H2   sing N N 189 
SER CA  C    sing N N 190 
SER CA  CB   sing N N 191 
SER CA  HA   sing N N 192 
SER C   O    doub N N 193 
SER C   OXT  sing N N 194 
SER CB  OG   sing N N 195 
SER CB  HB2  sing N N 196 
SER CB  HB3  sing N N 197 
SER OG  HG   sing N N 198 
SER OXT HXT  sing N N 199 
TYR N   CA   sing N N 200 
TYR N   H    sing N N 201 
TYR N   H2   sing N N 202 
TYR CA  C    sing N N 203 
TYR CA  CB   sing N N 204 
TYR CA  HA   sing N N 205 
TYR C   O    doub N N 206 
TYR C   OXT  sing N N 207 
TYR CB  CG   sing N N 208 
TYR CB  HB2  sing N N 209 
TYR CB  HB3  sing N N 210 
TYR CG  CD1  doub Y N 211 
TYR CG  CD2  sing Y N 212 
TYR CD1 CE1  sing Y N 213 
TYR CD1 HD1  sing N N 214 
TYR CD2 CE2  doub Y N 215 
TYR CD2 HD2  sing N N 216 
TYR CE1 CZ   doub Y N 217 
TYR CE1 HE1  sing N N 218 
TYR CE2 CZ   sing Y N 219 
TYR CE2 HE2  sing N N 220 
TYR CZ  OH   sing N N 221 
TYR OH  HH   sing N N 222 
TYR OXT HXT  sing N N 223 
VAL N   CA   sing N N 224 
VAL N   H    sing N N 225 
VAL N   H2   sing N N 226 
VAL CA  C    sing N N 227 
VAL CA  CB   sing N N 228 
VAL CA  HA   sing N N 229 
VAL C   O    doub N N 230 
VAL C   OXT  sing N N 231 
VAL CB  CG1  sing N N 232 
VAL CB  CG2  sing N N 233 
VAL CB  HB   sing N N 234 
VAL CG1 HG11 sing N N 235 
VAL CG1 HG12 sing N N 236 
VAL CG1 HG13 sing N N 237 
VAL CG2 HG21 sing N N 238 
VAL CG2 HG22 sing N N 239 
VAL CG2 HG23 sing N N 240 
VAL OXT HXT  sing N N 241 
# 
_em_admin.current_status     REL 
_em_admin.deposition_date    2024-10-24 
_em_admin.deposition_site    PDBJ 
_em_admin.entry_id           9K8S 
_em_admin.last_update        2025-10-29 
_em_admin.map_release_date   2025-10-29 
_em_admin.title              'Cryo-EM structure of HE30 polymorph 1' 
# 
_em_ctf_correction.details                  ? 
_em_ctf_correction.em_image_processing_id   1 
_em_ctf_correction.id                       1 
_em_ctf_correction.type                     NONE 
# 
_em_entity_assembly_naturalsource.cell                 ? 
_em_entity_assembly_naturalsource.cellular_location    ? 
_em_entity_assembly_naturalsource.entity_assembly_id   1 
_em_entity_assembly_naturalsource.id                   2 
_em_entity_assembly_naturalsource.ncbi_tax_id          9606 
_em_entity_assembly_naturalsource.organism             'Homo sapiens' 
_em_entity_assembly_naturalsource.organelle            ? 
_em_entity_assembly_naturalsource.organ                ? 
_em_entity_assembly_naturalsource.strain               ? 
_em_entity_assembly_naturalsource.tissue               ? 
_em_entity_assembly_naturalsource.details              ? 
# 
_em_helical_entity.id                             1 
_em_helical_entity.image_processing_id            1 
_em_helical_entity.details                        ? 
_em_helical_entity.axial_symmetry                 C1 
_em_helical_entity.angular_rotation_per_subunit   178.29 
_em_helical_entity.axial_rise_per_subunit         4.66 
# 
_em_image_processing.details              ? 
_em_image_processing.id                   1 
_em_image_processing.image_recording_id   1 
# 
_em_image_recording.average_exposure_time               ? 
_em_image_recording.avg_electron_dose_per_subtomogram   ? 
_em_image_recording.avg_electron_dose_per_image         55 
_em_image_recording.details                             ? 
_em_image_recording.detector_mode                       ? 
_em_image_recording.film_or_detector_model              'GATAN K3 (6k x 4k)' 
_em_image_recording.id                                  1 
_em_image_recording.imaging_id                          1 
_em_image_recording.num_diffraction_images              ? 
_em_image_recording.num_grids_imaged                    ? 
_em_image_recording.num_real_images                     ? 
# 
loop_
_em_software.category 
_em_software.details 
_em_software.id 
_em_software.image_processing_id 
_em_software.fitting_id 
_em_software.imaging_id 
_em_software.name 
_em_software.version 
'PARTICLE SELECTION'       ? 1  1 ? ? ?      ? 
'MODEL REFINEMENT'         ? 2  ? ? ? PHENIX ? 
'IMAGE ACQUISITION'        ? 3  ? ? 1 ?      ? 
MASKING                    ? 4  ? ? ? ?      ? 
'CTF CORRECTION'           ? 5  1 ? ? ?      ? 
'LAYERLINE INDEXING'       ? 6  ? ? ? ?      ? 
'DIFFRACTION INDEXING'     ? 7  ? ? ? ?      ? 
'MODEL FITTING'            ? 8  ? ? ? ?      ? 
OTHER                      ? 9  ? ? ? ?      ? 
'INITIAL EULER ASSIGNMENT' ? 10 1 ? ? ?      ? 
'FINAL EULER ASSIGNMENT'   ? 11 1 ? ? ?      ? 
CLASSIFICATION             ? 12 1 ? ? ?      ? 
RECONSTRUCTION             ? 13 1 ? ? ?      ? 
# 
_em_specimen.concentration           ? 
_em_specimen.details                 ? 
_em_specimen.embedding_applied       NO 
_em_specimen.experiment_id           1 
_em_specimen.id                      1 
_em_specimen.shadowing_applied       NO 
_em_specimen.staining_applied        NO 
_em_specimen.vitrification_applied   YES 
# 
_pdbx_audit_support.funding_organization   'Not funded' 
_pdbx_audit_support.country                ? 
_pdbx_audit_support.grant_number           ? 
_pdbx_audit_support.ordinal                1 
# 
_atom_sites.entry_id                    9K8S 
_atom_sites.Cartn_transf_matrix[1][1]   ? 
_atom_sites.Cartn_transf_matrix[1][2]   ? 
_atom_sites.Cartn_transf_matrix[1][3]   ? 
_atom_sites.Cartn_transf_matrix[2][1]   ? 
_atom_sites.Cartn_transf_matrix[2][2]   ? 
_atom_sites.Cartn_transf_matrix[2][3]   ? 
_atom_sites.Cartn_transf_matrix[3][1]   ? 
_atom_sites.Cartn_transf_matrix[3][2]   ? 
_atom_sites.Cartn_transf_matrix[3][3]   ? 
_atom_sites.Cartn_transf_vector[1]      ? 
_atom_sites.Cartn_transf_vector[2]      ? 
_atom_sites.Cartn_transf_vector[3]      ? 
_atom_sites.Cartn_transform_axes        ? 
_atom_sites.fract_transf_matrix[1][1]   1.000000 
_atom_sites.fract_transf_matrix[1][2]   0.000000 
_atom_sites.fract_transf_matrix[1][3]   0.000000 
_atom_sites.fract_transf_matrix[2][1]   0.000000 
_atom_sites.fract_transf_matrix[2][2]   1.000000 
_atom_sites.fract_transf_matrix[2][3]   0.000000 
_atom_sites.fract_transf_matrix[3][1]   0.000000 
_atom_sites.fract_transf_matrix[3][2]   0.000000 
_atom_sites.fract_transf_matrix[3][3]   1.000000 
_atom_sites.fract_transf_vector[1]      0.00000 
_atom_sites.fract_transf_vector[2]      0.00000 
_atom_sites.fract_transf_vector[3]      0.00000 
_atom_sites.solution_primary            ? 
_atom_sites.solution_secondary          ? 
_atom_sites.solution_hydrogens          ? 
_atom_sites.special_details             ? 
# 
loop_
_atom_type.symbol 
C 
N 
O 
S 
# 
loop_
_atom_site.group_PDB 
_atom_site.id 
_atom_site.type_symbol 
_atom_site.label_atom_id 
_atom_site.label_alt_id 
_atom_site.label_comp_id 
_atom_site.label_asym_id 
_atom_site.label_entity_id 
_atom_site.label_seq_id 
_atom_site.pdbx_PDB_ins_code 
_atom_site.Cartn_x 
_atom_site.Cartn_y 
_atom_site.Cartn_z 
_atom_site.occupancy 
_atom_site.B_iso_or_equiv 
_atom_site.pdbx_formal_charge 
_atom_site.auth_seq_id 
_atom_site.auth_comp_id 
_atom_site.auth_asym_id 
_atom_site.auth_atom_id 
_atom_site.pdbx_PDB_model_num 
ATOM 1    N N   . SER A 1 4  ? -30.071 23.090  14.786  1.00 26.77  ? 43 SER E N   1 
ATOM 2    C CA  . SER A 1 4  ? -29.401 21.868  14.359  1.00 27.78  ? 43 SER E CA  1 
ATOM 3    C C   . SER A 1 4  ? -27.967 22.151  13.927  1.00 28.28  ? 43 SER E C   1 
ATOM 4    O O   . SER A 1 4  ? -27.706 23.117  13.210  1.00 30.55  ? 43 SER E O   1 
ATOM 5    C CB  . SER A 1 4  ? -30.171 21.204  13.217  1.00 28.61  ? 43 SER E CB  1 
ATOM 6    O OG  . SER A 1 4  ? -29.386 20.208  12.585  1.00 29.46  ? 43 SER E OG  1 
ATOM 7    N N   . LYS A 1 5  ? -27.042 21.301  14.362  1.00 27.44  ? 44 LYS E N   1 
ATOM 8    C CA  . LYS A 1 5  ? -25.633 21.458  14.036  1.00 27.17  ? 44 LYS E CA  1 
ATOM 9    C C   . LYS A 1 5  ? -25.000 20.081  13.915  1.00 27.41  ? 44 LYS E C   1 
ATOM 10   O O   . LYS A 1 5  ? -25.247 19.203  14.745  1.00 29.60  ? 44 LYS E O   1 
ATOM 11   C CB  . LYS A 1 5  ? -24.900 22.285  15.099  1.00 27.54  ? 44 LYS E CB  1 
ATOM 12   C CG  . LYS A 1 5  ? -25.138 23.782  15.000  1.00 29.57  ? 44 LYS E CG  1 
ATOM 13   C CD  . LYS A 1 5  ? -24.316 24.546  16.023  1.00 31.34  ? 44 LYS E CD  1 
ATOM 14   C CE  . LYS A 1 5  ? -24.992 24.537  17.385  1.00 32.04  ? 44 LYS E CE  1 
ATOM 15   N NZ  . LYS A 1 5  ? -24.365 25.504  18.327  1.00 33.58  ? 44 LYS E NZ  1 
ATOM 16   N N   . LYS A 1 6  ? -24.186 19.897  12.879  1.00 25.26  ? 45 LYS E N   1 
ATOM 17   C CA  . LYS A 1 6  ? -23.496 18.637  12.646  1.00 24.54  ? 45 LYS E CA  1 
ATOM 18   C C   . LYS A 1 6  ? -22.027 18.903  12.351  1.00 23.89  ? 45 LYS E C   1 
ATOM 19   O O   . LYS A 1 6  ? -21.576 20.050  12.280  1.00 26.12  ? 45 LYS E O   1 
ATOM 20   C CB  . LYS A 1 6  ? -24.123 17.849  11.488  1.00 25.86  ? 45 LYS E CB  1 
ATOM 21   C CG  . LYS A 1 6  ? -25.626 17.679  11.551  1.00 28.84  ? 45 LYS E CG  1 
ATOM 22   C CD  . LYS A 1 6  ? -26.088 16.749  10.444  1.00 31.82  ? 45 LYS E CD  1 
ATOM 23   C CE  . LYS A 1 6  ? -27.581 16.500  10.506  1.00 35.11  ? 45 LYS E CE  1 
ATOM 24   N NZ  . LYS A 1 6  ? -28.096 15.955  9.221   1.00 36.51  ? 45 LYS E NZ  1 
ATOM 25   N N   . SER A 1 7  ? -21.285 17.811  12.171  1.00 22.36  ? 46 SER E N   1 
ATOM 26   C CA  . SER A 1 7  ? -19.887 17.842  11.765  1.00 21.42  ? 46 SER E CA  1 
ATOM 27   C C   . SER A 1 7  ? -19.428 16.426  11.448  1.00 21.38  ? 46 SER E C   1 
ATOM 28   O O   . SER A 1 7  ? -19.935 15.462  12.032  1.00 24.09  ? 46 SER E O   1 
ATOM 29   C CB  . SER A 1 7  ? -19.005 18.457  12.851  1.00 22.22  ? 46 SER E CB  1 
ATOM 30   O OG  . SER A 1 7  ? -17.646 18.437  12.453  1.00 23.92  ? 46 SER E OG  1 
ATOM 31   N N   . ALA A 1 8  ? -18.473 16.282  10.529  1.00 20.33  ? 47 ALA E N   1 
ATOM 32   C CA  . ALA A 1 8  ? -17.980 14.953  10.162  1.00 20.24  ? 47 ALA E CA  1 
ATOM 33   C C   . ALA A 1 8  ? -16.492 15.078  9.841   1.00 20.86  ? 47 ALA E C   1 
ATOM 34   O O   . ALA A 1 8  ? -16.112 15.400  8.711   1.00 23.00  ? 47 ALA E O   1 
ATOM 35   C CB  . ALA A 1 8  ? -18.762 14.373  8.994   1.00 20.01  ? 47 ALA E CB  1 
ATOM 36   N N   . ALA A 1 9  ? -15.658 14.813  10.842  1.00 20.28  ? 48 ALA E N   1 
ATOM 37   C CA  . ALA A 1 9  ? -14.211 14.788  10.670  1.00 20.77  ? 48 ALA E CA  1 
ATOM 38   C C   . ALA A 1 9  ? -13.814 13.384  10.233  1.00 21.78  ? 48 ALA E C   1 
ATOM 39   O O   . ALA A 1 9  ? -13.932 12.428  11.008  1.00 23.80  ? 48 ALA E O   1 
ATOM 40   C CB  . ALA A 1 9  ? -13.501 15.189  11.960  1.00 21.29  ? 48 ALA E CB  1 
ATOM 41   N N   . GLU A 1 10 ? -13.348 13.256  8.996   1.00 21.58  ? 49 GLU E N   1 
ATOM 42   C CA  . GLU A 1 10 ? -13.051 11.960  8.413   1.00 22.25  ? 49 GLU E CA  1 
ATOM 43   C C   . GLU A 1 10 ? -11.658 11.989  7.805   1.00 22.98  ? 49 GLU E C   1 
ATOM 44   O O   . GLU A 1 10 ? -11.240 12.993  7.222   1.00 26.31  ? 49 GLU E O   1 
ATOM 45   C CB  . GLU A 1 10 ? -14.102 11.595  7.358   1.00 23.24  ? 49 GLU E CB  1 
ATOM 46   C CG  . GLU A 1 10 ? -14.050 10.169  6.856   1.00 25.57  ? 49 GLU E CG  1 
ATOM 47   C CD  . GLU A 1 10 ? -15.226 9.848   5.956   1.00 28.01  ? 49 GLU E CD  1 
ATOM 48   O OE1 . GLU A 1 10 ? -15.997 10.775  5.631   1.00 26.92  ? 49 GLU E OE1 1 
ATOM 49   O OE2 . GLU A 1 10 ? -15.393 8.668   5.594   1.00 30.80  ? 49 GLU E OE2 1 
ATOM 50   N N   . SER A 1 11 ? -10.937 10.879  7.947   1.00 21.67  ? 50 SER E N   1 
ATOM 51   C CA  . SER A 1 11 ? -9.569  10.808  7.455   1.00 21.86  ? 50 SER E CA  1 
ATOM 52   C C   . SER A 1 11 ? -9.188  9.351   7.249   1.00 22.77  ? 50 SER E C   1 
ATOM 53   O O   . SER A 1 11 ? -9.852  8.436   7.743   1.00 24.86  ? 50 SER E O   1 
ATOM 54   C CB  . SER A 1 11 ? -8.594  11.496  8.416   1.00 22.42  ? 50 SER E CB  1 
ATOM 55   O OG  . SER A 1 11 ? -7.267  11.049  8.200   1.00 24.14  ? 50 SER E OG  1 
ATOM 56   N N   . MET A 1 12 ? -8.104  9.148   6.498   1.00 21.80  ? 51 MET E N   1 
ATOM 57   C CA  . MET A 1 12 ? -7.574  7.815   6.242   1.00 22.50  ? 51 MET E CA  1 
ATOM 58   C C   . MET A 1 12 ? -6.134  7.884   5.745   1.00 22.12  ? 51 MET E C   1 
ATOM 59   O O   . MET A 1 12 ? -5.860  8.494   4.707   1.00 24.72  ? 51 MET E O   1 
ATOM 60   C CB  . MET A 1 12 ? -8.448  7.077   5.228   1.00 23.72  ? 51 MET E CB  1 
ATOM 61   C CG  . MET A 1 12 ? -8.966  7.960   4.116   1.00 25.54  ? 51 MET E CG  1 
ATOM 62   S SD  . MET A 1 12 ? -9.169  7.067   2.572   1.00 33.23  ? 51 MET E SD  1 
ATOM 63   C CE  . MET A 1 12 ? -10.296 5.775   3.063   1.00 30.98  ? 51 MET E CE  1 
ATOM 64   N N   . LEU A 1 13 ? -5.212  7.265   6.472   1.00 20.96  ? 52 LEU E N   1 
ATOM 65   C CA  . LEU A 1 13 ? -3.810  7.225   6.090   1.00 20.25  ? 52 LEU E CA  1 
ATOM 66   C C   . LEU A 1 13 ? -3.473  5.863   5.489   1.00 20.34  ? 52 LEU E C   1 
ATOM 67   O O   . LEU A 1 13 ? -4.209  4.886   5.648   1.00 22.74  ? 52 LEU E O   1 
ATOM 68   C CB  . LEU A 1 13 ? -2.927  7.531   7.305   1.00 20.79  ? 52 LEU E CB  1 
ATOM 69   C CG  . LEU A 1 13 ? -1.475  7.973   7.106   1.00 21.79  ? 52 LEU E CG  1 
ATOM 70   C CD1 . LEU A 1 13 ? -1.118  8.998   8.165   1.00 23.12  ? 52 LEU E CD1 1 
ATOM 71   C CD2 . LEU A 1 13 ? -0.521  6.791   7.182   1.00 20.56  ? 52 LEU E CD2 1 
ATOM 72   N N   . ASP A 1 14 ? -2.344  5.806   4.783   1.00 18.87  ? 53 ASP E N   1 
ATOM 73   C CA  . ASP A 1 14 ? -1.917  4.572   4.136   1.00 18.65  ? 53 ASP E CA  1 
ATOM 74   C C   . ASP A 1 14 ? -0.410  4.630   3.925   1.00 18.64  ? 53 ASP E C   1 
ATOM 75   O O   . ASP A 1 14 ? 0.158   5.704   3.708   1.00 21.00  ? 53 ASP E O   1 
ATOM 76   C CB  . ASP A 1 14 ? -2.653  4.370   2.804   1.00 18.96  ? 53 ASP E CB  1 
ATOM 77   C CG  . ASP A 1 14 ? -2.334  3.038   2.137   1.00 19.87  ? 53 ASP E CG  1 
ATOM 78   O OD1 . ASP A 1 14 ? -1.148  2.665   2.033   1.00 18.86  ? 53 ASP E OD1 1 
ATOM 79   O OD2 . ASP A 1 14 ? -3.289  2.358   1.703   1.00 21.60  ? 53 ASP E OD2 1 
ATOM 80   N N   . ILE A 1 15 ? 0.228   3.458   3.992   1.00 18.06  ? 54 ILE E N   1 
ATOM 81   C CA  . ILE A 1 15 ? 1.670   3.325   3.798   1.00 17.72  ? 54 ILE E CA  1 
ATOM 82   C C   . ILE A 1 15 ? 1.926   2.045   3.010   1.00 18.69  ? 54 ILE E C   1 
ATOM 83   O O   . ILE A 1 15 ? 1.187   1.066   3.134   1.00 21.90  ? 54 ILE E O   1 
ATOM 84   C CB  . ILE A 1 15 ? 2.431   3.303   5.150   1.00 18.95  ? 54 ILE E CB  1 
ATOM 85   C CG1 . ILE A 1 15 ? 2.236   4.614   5.911   1.00 18.39  ? 54 ILE E CG1 1 
ATOM 86   C CG2 . ILE A 1 15 ? 3.916   3.024   4.952   1.00 18.37  ? 54 ILE E CG2 1 
ATOM 87   C CD1 . ILE A 1 15 ? 2.941   4.649   7.243   1.00 19.82  ? 54 ILE E CD1 1 
ATOM 88   N N   . ALA A 1 16 ? 2.980   2.055   2.192   1.00 17.39  ? 55 ALA E N   1 
ATOM 89   C CA  . ALA A 1 16 ? 3.403   0.857   1.482   1.00 18.05  ? 55 ALA E CA  1 
ATOM 90   C C   . ALA A 1 16 ? 4.905   0.917   1.249   1.00 19.11  ? 55 ALA E C   1 
ATOM 91   O O   . ALA A 1 16 ? 5.438   1.957   0.853   1.00 21.60  ? 55 ALA E O   1 
ATOM 92   C CB  . ALA A 1 16 ? 2.663   0.703   0.149   1.00 17.93  ? 55 ALA E CB  1 
ATOM 93   N N   . LEU A 1 17 ? 5.574   -0.212  1.480   1.00 18.76  ? 56 LEU E N   1 
ATOM 94   C CA  . LEU A 1 17 ? 7.021   -0.324  1.350   1.00 19.13  ? 56 LEU E CA  1 
ATOM 95   C C   . LEU A 1 17 ? 7.374   -1.519  0.477   1.00 20.36  ? 56 LEU E C   1 
ATOM 96   O O   . LEU A 1 17 ? 6.655   -2.520  0.448   1.00 22.72  ? 56 LEU E O   1 
ATOM 97   C CB  . LEU A 1 17 ? 7.700   -0.480  2.717   1.00 19.49  ? 56 LEU E CB  1 
ATOM 98   C CG  . LEU A 1 17 ? 8.302   0.724   3.445   1.00 18.99  ? 56 LEU E CG  1 
ATOM 99   C CD1 . LEU A 1 17 ? 9.598   1.163   2.784   1.00 20.80  ? 56 LEU E CD1 1 
ATOM 100  C CD2 . LEU A 1 17 ? 7.312   1.873   3.503   1.00 18.99  ? 56 LEU E CD2 1 
ATOM 101  N N   . LEU A 1 18 ? 8.501   -1.410  -0.224  1.00 20.61  ? 57 LEU E N   1 
ATOM 102  C CA  . LEU A 1 18 ? 8.994   -2.480  -1.079  1.00 21.02  ? 57 LEU E CA  1 
ATOM 103  C C   . LEU A 1 18 ? 10.515  -2.409  -1.112  1.00 22.31  ? 57 LEU E C   1 
ATOM 104  O O   . LEU A 1 18 ? 11.084  -1.325  -1.261  1.00 24.82  ? 57 LEU E O   1 
ATOM 105  C CB  . LEU A 1 18 ? 8.434   -2.366  -2.504  1.00 22.15  ? 57 LEU E CB  1 
ATOM 106  C CG  . LEU A 1 18 ? 6.976   -2.748  -2.777  1.00 22.02  ? 57 LEU E CG  1 
ATOM 107  C CD1 . LEU A 1 18 ? 6.086   -1.526  -2.657  1.00 22.19  ? 57 LEU E CD1 1 
ATOM 108  C CD2 . LEU A 1 18 ? 6.824   -3.373  -4.153  1.00 23.22  ? 57 LEU E CD2 1 
ATOM 109  N N   . MET A 1 19 ? 11.167  -3.566  -0.976  1.00 21.84  ? 58 MET E N   1 
ATOM 110  C CA  . MET A 1 19 ? 12.630  -3.625  -1.017  1.00 23.01  ? 58 MET E CA  1 
ATOM 111  C C   . MET A 1 19 ? 13.035  -4.920  -1.714  1.00 23.60  ? 58 MET E C   1 
ATOM 112  O O   . MET A 1 19 ? 13.139  -5.966  -1.068  1.00 26.49  ? 58 MET E O   1 
ATOM 113  C CB  . MET A 1 19 ? 13.243  -3.550  0.377   1.00 24.44  ? 58 MET E CB  1 
ATOM 114  C CG  . MET A 1 19 ? 12.735  -2.440  1.279   1.00 25.66  ? 58 MET E CG  1 
ATOM 115  S SD  . MET A 1 19 ? 13.824  -2.182  2.694   1.00 33.75  ? 58 MET E SD  1 
ATOM 116  C CE  . MET A 1 19 ? 15.289  -3.076  2.171   1.00 28.68  ? 58 MET E CE  1 
ATOM 117  N N   . ALA A 1 20 ? 13.262  -4.842  -3.023  1.00 22.92  ? 59 ALA E N   1 
ATOM 118  C CA  . ALA A 1 20 ? 13.805  -5.964  -3.786  1.00 23.63  ? 59 ALA E CA  1 
ATOM 119  C C   . ALA A 1 20 ? 15.302  -5.742  -3.937  1.00 25.00  ? 59 ALA E C   1 
ATOM 120  O O   . ALA A 1 20 ? 15.739  -4.924  -4.747  1.00 27.32  ? 59 ALA E O   1 
ATOM 121  C CB  . ALA A 1 20 ? 13.119  -6.087  -5.140  1.00 23.96  ? 59 ALA E CB  1 
ATOM 122  N N   . ASN A 1 21 ? 16.097  -6.443  -3.136  1.00 23.22  ? 60 ASN E N   1 
ATOM 123  C CA  . ASN A 1 21 ? 17.544  -6.351  -3.229  1.00 23.93  ? 60 ASN E CA  1 
ATOM 124  C C   . ASN A 1 21 ? 18.152  -7.745  -3.342  1.00 23.69  ? 60 ASN E C   1 
ATOM 125  O O   . ASN A 1 21 ? 17.469  -8.762  -3.205  1.00 25.94  ? 60 ASN E O   1 
ATOM 126  C CB  . ASN A 1 21 ? 18.128  -5.589  -2.032  1.00 24.20  ? 60 ASN E CB  1 
ATOM 127  C CG  . ASN A 1 21 ? 17.985  -6.337  -0.728  1.00 24.45  ? 60 ASN E CG  1 
ATOM 128  O OD1 . ASN A 1 21 ? 18.722  -7.283  -0.461  1.00 26.11  ? 60 ASN E OD1 1 
ATOM 129  N ND2 . ASN A 1 21 ? 17.035  -5.913  0.098   1.00 25.02  ? 60 ASN E ND2 1 
ATOM 130  N N   . ALA A 1 22 ? 19.455  -7.780  -3.607  1.00 23.34  ? 61 ALA E N   1 
ATOM 131  C CA  . ALA A 1 22 ? 20.190  -9.031  -3.736  1.00 23.27  ? 61 ALA E CA  1 
ATOM 132  C C   . ALA A 1 22 ? 21.669  -8.737  -3.521  1.00 23.66  ? 61 ALA E C   1 
ATOM 133  O O   . ALA A 1 22 ? 22.067  -7.589  -3.305  1.00 26.20  ? 61 ALA E O   1 
ATOM 134  C CB  . ALA A 1 22 ? 19.939  -9.686  -5.097  1.00 22.94  ? 61 ALA E CB  1 
ATOM 135  N N   . SER A 1 23 ? 22.484  -9.785  -3.593  1.00 23.08  ? 62 SER E N   1 
ATOM 136  C CA  . SER A 1 23 ? 23.921  -9.647  -3.396  1.00 24.85  ? 62 SER E CA  1 
ATOM 137  C C   . SER A 1 23 ? 24.609  -10.930 -3.832  1.00 25.92  ? 62 SER E C   1 
ATOM 138  O O   . SER A 1 23 ? 24.012  -12.011 -3.826  1.00 27.58  ? 62 SER E O   1 
ATOM 139  C CB  . SER A 1 23 ? 24.265  -9.334  -1.935  1.00 24.88  ? 62 SER E CB  1 
ATOM 140  O OG  . SER A 1 23 ? 25.667  -9.247  -1.751  1.00 25.26  ? 62 SER E OG  1 
ATOM 141  N N   . GLN A 1 24 ? 25.882  -10.792 -4.201  1.00 26.63  ? 63 GLN E N   1 
ATOM 142  C CA  . GLN A 1 24 ? 26.736  -11.921 -4.539  1.00 27.43  ? 63 GLN E CA  1 
ATOM 143  C C   . GLN A 1 24 ? 28.159  -11.583 -4.122  1.00 28.33  ? 63 GLN E C   1 
ATOM 144  O O   . GLN A 1 24 ? 28.516  -10.413 -3.961  1.00 30.36  ? 63 GLN E O   1 
ATOM 145  C CB  . GLN A 1 24 ? 26.685  -12.259 -6.035  1.00 28.76  ? 63 GLN E CB  1 
ATOM 146  C CG  . GLN A 1 24 ? 25.401  -12.933 -6.495  1.00 29.92  ? 63 GLN E CG  1 
ATOM 147  C CD  . GLN A 1 24 ? 25.409  -13.251 -7.977  1.00 32.98  ? 63 GLN E CD  1 
ATOM 148  O OE1 . GLN A 1 24 ? 26.384  -12.977 -8.676  1.00 35.40  ? 63 GLN E OE1 1 
ATOM 149  N NE2 . GLN A 1 24 ? 24.317  -13.829 -8.465  1.00 32.59  ? 63 GLN E NE2 1 
ATOM 150  N N   . LEU A 1 25 ? 28.973  -12.622 -3.956  1.00 28.39  ? 64 LEU E N   1 
ATOM 151  C CA  . LEU A 1 25 ? 30.346  -12.446 -3.501  1.00 28.69  ? 64 LEU E CA  1 
ATOM 152  C C   . LEU A 1 25 ? 31.124  -13.732 -3.731  1.00 30.12  ? 64 LEU E C   1 
ATOM 153  O O   . LEU A 1 25 ? 30.619  -14.824 -3.461  1.00 32.66  ? 64 LEU E O   1 
ATOM 154  C CB  . LEU A 1 25 ? 30.389  -12.042 -2.020  1.00 28.86  ? 64 LEU E CB  1 
ATOM 155  C CG  . LEU A 1 25 ? 31.756  -11.971 -1.335  1.00 30.08  ? 64 LEU E CG  1 
ATOM 156  C CD1 . LEU A 1 25 ? 32.681  -11.026 -2.049  1.00 30.67  ? 64 LEU E CD1 1 
ATOM 157  C CD2 . LEU A 1 25 ? 31.586  -11.540 0.115   1.00 31.38  ? 64 LEU E CD2 1 
ATOM 158  N N   . LYS A 1 26 ? 32.352  -13.590 -4.231  1.00 28.65  ? 65 LYS E N   1 
ATOM 159  C CA  . LYS A 1 26 ? 33.217  -14.725 -4.527  1.00 29.72  ? 65 LYS E CA  1 
ATOM 160  C C   . LYS A 1 26 ? 34.659  -14.338 -4.242  1.00 30.49  ? 65 LYS E C   1 
ATOM 161  O O   . LYS A 1 26 ? 35.082  -13.229 -4.579  1.00 32.71  ? 65 LYS E O   1 
ATOM 162  C CB  . LYS A 1 26 ? 33.087  -15.173 -5.988  1.00 29.42  ? 65 LYS E CB  1 
ATOM 163  C CG  . LYS A 1 26 ? 31.703  -15.612 -6.423  1.00 29.59  ? 65 LYS E CG  1 
ATOM 164  C CD  . LYS A 1 26 ? 31.650  -15.769 -7.933  1.00 29.74  ? 65 LYS E CD  1 
ATOM 165  C CE  . LYS A 1 26 ? 30.425  -16.548 -8.368  1.00 30.45  ? 65 LYS E CE  1 
ATOM 166  N NZ  . LYS A 1 26 ? 30.562  -17.051 -9.762  1.00 30.73  ? 65 LYS E NZ  1 
ATOM 167  N N   . ALA A 1 27 ? 35.405  -15.251 -3.626  1.00 31.01  ? 66 ALA E N   1 
ATOM 168  C CA  . ALA A 1 27 ? 36.835  -15.089 -3.425  1.00 31.72  ? 66 ALA E CA  1 
ATOM 169  C C   . ALA A 1 27 ? 37.569  -16.281 -4.022  1.00 32.94  ? 66 ALA E C   1 
ATOM 170  O O   . ALA A 1 27 ? 37.071  -17.411 -4.004  1.00 34.78  ? 66 ALA E O   1 
ATOM 171  C CB  . ALA A 1 27 ? 37.181  -14.950 -1.938  1.00 32.17  ? 66 ALA E CB  1 
ATOM 172  N N   . VAL A 1 28 ? 38.760  -16.022 -4.552  1.00 33.08  ? 67 VAL E N   1 
ATOM 173  C CA  . VAL A 1 28 ? 39.566  -17.069 -5.170  1.00 33.71  ? 67 VAL E CA  1 
ATOM 174  C C   . VAL A 1 28 ? 41.017  -16.952 -4.717  1.00 34.28  ? 67 VAL E C   1 
ATOM 175  O O   . VAL A 1 28 ? 41.583  -17.895 -4.166  1.00 33.89  ? 67 VAL E O   1 
ATOM 176  C CB  . VAL A 1 28 ? 39.472  -17.019 -6.707  1.00 34.42  ? 67 VAL E CB  1 
ATOM 177  C CG1 . VAL A 1 28 ? 40.526  -17.921 -7.332  1.00 34.54  ? 67 VAL E CG1 1 
ATOM 178  C CG2 . VAL A 1 28 ? 38.081  -17.425 -7.173  1.00 33.54  ? 67 VAL E CG2 1 
ATOM 179  N N   . MET B 1 12 ? 27.595  -6.113  1.666   1.00 107.71 ? 51 MET F N   1 
ATOM 180  C CA  . MET B 1 12 ? 26.966  -5.619  2.885   1.00 112.19 ? 51 MET F CA  1 
ATOM 181  C C   . MET B 1 12 ? 25.865  -4.612  2.564   1.00 110.70 ? 51 MET F C   1 
ATOM 182  O O   . MET B 1 12 ? 26.143  -3.465  2.222   1.00 113.33 ? 51 MET F O   1 
ATOM 183  C CB  . MET B 1 12 ? 28.009  -4.985  3.806   1.00 114.75 ? 51 MET F CB  1 
ATOM 184  C CG  . MET B 1 12 ? 27.433  -4.396  5.083   1.00 118.37 ? 51 MET F CG  1 
ATOM 185  S SD  . MET B 1 12 ? 28.708  -3.815  6.217   1.00 137.19 ? 51 MET F SD  1 
ATOM 186  C CE  . MET B 1 12 ? 27.713  -2.952  7.431   1.00 125.70 ? 51 MET F CE  1 
ATOM 187  N N   . LEU B 1 13 ? 24.614  -5.048  2.680   1.00 108.09 ? 52 LEU F N   1 
ATOM 188  C CA  . LEU B 1 13 ? 23.451  -4.221  2.372   1.00 106.32 ? 52 LEU F CA  1 
ATOM 189  C C   . LEU B 1 13 ? 22.754  -3.875  3.685   1.00 106.48 ? 52 LEU F C   1 
ATOM 190  O O   . LEU B 1 13 ? 21.839  -4.567  4.132   1.00 111.25 ? 52 LEU F O   1 
ATOM 191  C CB  . LEU B 1 13 ? 22.504  -4.942  1.398   1.00 106.42 ? 52 LEU F CB  1 
ATOM 192  C CG  . LEU B 1 13 ? 22.924  -5.070  -0.069  1.00 107.14 ? 52 LEU F CG  1 
ATOM 193  C CD1 . LEU B 1 13 ? 24.036  -6.092  -0.262  1.00 104.88 ? 52 LEU F CD1 1 
ATOM 194  C CD2 . LEU B 1 13 ? 21.719  -5.428  -0.920  1.00 108.76 ? 52 LEU F CD2 1 
ATOM 195  N N   . ASP B 1 14 ? 23.199  -2.786  4.304   1.00 103.35 ? 53 ASP F N   1 
ATOM 196  C CA  . ASP B 1 14 ? 22.639  -2.322  5.569   1.00 104.25 ? 53 ASP F CA  1 
ATOM 197  C C   . ASP B 1 14 ? 21.502  -1.349  5.273   1.00 104.05 ? 53 ASP F C   1 
ATOM 198  O O   . ASP B 1 14 ? 21.739  -0.233  4.803   1.00 108.86 ? 53 ASP F O   1 
ATOM 199  C CB  . ASP B 1 14 ? 23.717  -1.665  6.427   1.00 106.77 ? 53 ASP F CB  1 
ATOM 200  C CG  . ASP B 1 14 ? 23.159  -1.030  7.689   1.00 110.59 ? 53 ASP F CG  1 
ATOM 201  O OD1 . ASP B 1 14 ? 22.049  -1.410  8.117   1.00 111.55 ? 53 ASP F OD1 1 
ATOM 202  O OD2 . ASP B 1 14 ? 23.834  -0.145  8.255   1.00 109.61 ? 53 ASP F OD2 1 
ATOM 203  N N   . ILE B 1 15 ? 20.270  -1.769  5.549   1.00 102.19 ? 54 ILE F N   1 
ATOM 204  C CA  . ILE B 1 15 ? 19.093  -0.926  5.388   1.00 102.04 ? 54 ILE F CA  1 
ATOM 205  C C   . ILE B 1 15 ? 18.504  -0.642  6.763   1.00 103.62 ? 54 ILE F C   1 
ATOM 206  O O   . ILE B 1 15 ? 18.250  -1.570  7.540   1.00 110.83 ? 54 ILE F O   1 
ATOM 207  C CB  . ILE B 1 15 ? 18.045  -1.574  4.466   1.00 101.45 ? 54 ILE F CB  1 
ATOM 208  C CG1 . ILE B 1 15 ? 18.561  -1.644  3.025   1.00 102.71 ? 54 ILE F CG1 1 
ATOM 209  C CG2 . ILE B 1 15 ? 16.738  -0.800  4.530   1.00 99.07  ? 54 ILE F CG2 1 
ATOM 210  C CD1 . ILE B 1 15 ? 19.288  -2.928  2.682   1.00 101.24 ? 54 ILE F CD1 1 
ATOM 211  N N   . ALA B 1 16 ? 18.291  0.636   7.059   1.00 100.80 ? 55 ALA F N   1 
ATOM 212  C CA  . ALA B 1 16 ? 17.615  1.067   8.270   1.00 101.46 ? 55 ALA F CA  1 
ATOM 213  C C   . ALA B 1 16 ? 16.341  1.808   7.893   1.00 102.16 ? 55 ALA F C   1 
ATOM 214  O O   . ALA B 1 16 ? 16.224  2.368   6.799   1.00 106.87 ? 55 ALA F O   1 
ATOM 215  C CB  . ALA B 1 16 ? 18.517  1.959   9.133   1.00 100.28 ? 55 ALA F CB  1 
ATOM 216  N N   . LEU B 1 17 ? 15.381  1.811   8.813   1.00 102.66 ? 56 LEU F N   1 
ATOM 217  C CA  . LEU B 1 17 ? 14.068  2.359   8.510   1.00 102.03 ? 56 LEU F CA  1 
ATOM 218  C C   . LEU B 1 17 ? 13.352  2.676   9.814   1.00 107.05 ? 56 LEU F C   1 
ATOM 219  O O   . LEU B 1 17 ? 13.289  1.833   10.713  1.00 114.07 ? 56 LEU F O   1 
ATOM 220  C CB  . LEU B 1 17 ? 13.251  1.371   7.667   1.00 101.95 ? 56 LEU F CB  1 
ATOM 221  C CG  . LEU B 1 17 ? 12.018  1.835   6.888   1.00 104.29 ? 56 LEU F CG  1 
ATOM 222  C CD1 . LEU B 1 17 ? 11.787  0.898   5.715   1.00 104.95 ? 56 LEU F CD1 1 
ATOM 223  C CD2 . LEU B 1 17 ? 10.780  1.886   7.768   1.00 106.71 ? 56 LEU F CD2 1 
ATOM 224  N N   . LEU B 1 18 ? 12.823  3.895   9.905   1.00 103.93 ? 57 LEU F N   1 
ATOM 225  C CA  . LEU B 1 18 ? 12.133  4.387   11.095  1.00 103.60 ? 57 LEU F CA  1 
ATOM 226  C C   . LEU B 1 18 ? 10.988  5.283   10.637  1.00 102.58 ? 57 LEU F C   1 
ATOM 227  O O   . LEU B 1 18 ? 11.197  6.472   10.380  1.00 107.38 ? 57 LEU F O   1 
ATOM 228  C CB  . LEU B 1 18 ? 13.098  5.147   12.009  1.00 106.62 ? 57 LEU F CB  1 
ATOM 229  C CG  . LEU B 1 18 ? 14.441  4.491   12.352  1.00 109.98 ? 57 LEU F CG  1 
ATOM 230  C CD1 . LEU B 1 18 ? 15.611  5.110   11.615  1.00 105.50 ? 57 LEU F CD1 1 
ATOM 231  C CD2 . LEU B 1 18 ? 14.667  4.631   13.847  1.00 111.39 ? 57 LEU F CD2 1 
ATOM 232  N N   . MET B 1 19 ? 9.781   4.721   10.545  1.00 100.25 ? 58 MET F N   1 
ATOM 233  C CA  . MET B 1 19 ? 8.615   5.462   10.055  1.00 100.49 ? 58 MET F CA  1 
ATOM 234  C C   . MET B 1 19 ? 7.654   5.742   11.206  1.00 95.95  ? 58 MET F C   1 
ATOM 235  O O   . MET B 1 19 ? 6.726   4.982   11.481  1.00 95.27  ? 58 MET F O   1 
ATOM 236  C CB  . MET B 1 19 ? 7.923   4.708   8.926   1.00 103.05 ? 58 MET F CB  1 
ATOM 237  C CG  . MET B 1 19 ? 8.642   4.773   7.592   1.00 113.68 ? 58 MET F CG  1 
ATOM 238  S SD  . MET B 1 19 ? 7.708   3.974   6.279   1.00 134.15 ? 58 MET F SD  1 
ATOM 239  C CE  . MET B 1 19 ? 6.619   5.315   5.789   1.00 125.49 ? 58 MET F CE  1 
ATOM 240  N N   . ALA B 1 20 ? 7.875   6.868   11.878  1.00 95.68  ? 59 ALA F N   1 
ATOM 241  C CA  . ALA B 1 20 ? 6.933   7.326   12.889  1.00 90.87  ? 59 ALA F CA  1 
ATOM 242  C C   . ALA B 1 20 ? 5.588   7.669   12.248  1.00 87.59  ? 59 ALA F C   1 
ATOM 243  O O   . ALA B 1 20 ? 5.464   7.795   11.026  1.00 90.79  ? 59 ALA F O   1 
ATOM 244  C CB  . ALA B 1 20 ? 7.488   8.541   13.635  1.00 90.46  ? 59 ALA F CB  1 
ATOM 245  N N   . ASN B 1 21 ? 4.570   7.820   13.092  1.00 83.99  ? 60 ASN F N   1 
ATOM 246  C CA  . ASN B 1 21 ? 3.218   8.091   12.622  1.00 80.55  ? 60 ASN F CA  1 
ATOM 247  C C   . ASN B 1 21 ? 2.391   8.577   13.804  1.00 80.53  ? 60 ASN F C   1 
ATOM 248  O O   . ASN B 1 21 ? 2.678   8.249   14.959  1.00 87.01  ? 60 ASN F O   1 
ATOM 249  C CB  . ASN B 1 21 ? 2.588   6.843   11.988  1.00 81.02  ? 60 ASN F CB  1 
ATOM 250  C CG  . ASN B 1 21 ? 1.239   7.120   11.343  1.00 82.59  ? 60 ASN F CG  1 
ATOM 251  O OD1 . ASN B 1 21 ? 0.418   7.871   11.869  1.00 79.69  ? 60 ASN F OD1 1 
ATOM 252  N ND2 . ASN B 1 21 ? 1.005   6.500   10.194  1.00 85.98  ? 60 ASN F ND2 1 
ATOM 253  N N   . ALA B 1 22 ? 1.354   9.352   13.496  1.00 75.60  ? 61 ALA F N   1 
ATOM 254  C CA  . ALA B 1 22 ? 0.471   9.894   14.520  1.00 70.30  ? 61 ALA F CA  1 
ATOM 255  C C   . ALA B 1 22 ? -0.826  10.345  13.867  1.00 70.96  ? 61 ALA F C   1 
ATOM 256  O O   . ALA B 1 22 ? -0.872  10.635  12.667  1.00 80.89  ? 61 ALA F O   1 
ATOM 257  C CB  . ALA B 1 22 ? 1.124   11.057  15.275  1.00 70.91  ? 61 ALA F CB  1 
ATOM 258  N N   . SER B 1 23 ? -1.879  10.409  14.679  1.00 63.88  ? 62 SER F N   1 
ATOM 259  C CA  . SER B 1 23 ? -3.192  10.870  14.252  1.00 63.34  ? 62 SER F CA  1 
ATOM 260  C C   . SER B 1 23 ? -4.013  11.177  15.493  1.00 63.17  ? 62 SER F C   1 
ATOM 261  O O   . SER B 1 23 ? -3.934  10.448  16.484  1.00 73.62  ? 62 SER F O   1 
ATOM 262  C CB  . SER B 1 23 ? -3.903  9.823   13.385  1.00 64.08  ? 62 SER F CB  1 
ATOM 263  O OG  . SER B 1 23 ? -5.311  9.946   13.488  1.00 64.31  ? 62 SER F OG  1 
ATOM 264  N N   . GLN B 1 24 ? -4.800  12.249  15.434  1.00 57.28  ? 63 GLN F N   1 
ATOM 265  C CA  . GLN B 1 24 ? -5.554  12.682  16.608  1.00 56.13  ? 63 GLN F CA  1 
ATOM 266  C C   . GLN B 1 24 ? -6.797  13.425  16.142  1.00 60.41  ? 63 GLN F C   1 
ATOM 267  O O   . GLN B 1 24 ? -6.691  14.539  15.621  1.00 71.76  ? 63 GLN F O   1 
ATOM 268  C CB  . GLN B 1 24 ? -4.691  13.560  17.508  1.00 56.88  ? 63 GLN F CB  1 
ATOM 269  C CG  . GLN B 1 24 ? -5.217  13.711  18.926  1.00 62.22  ? 63 GLN F CG  1 
ATOM 270  C CD  . GLN B 1 24 ? -6.213  14.844  19.065  1.00 65.86  ? 63 GLN F CD  1 
ATOM 271  O OE1 . GLN B 1 24 ? -6.210  15.789  18.278  1.00 74.12  ? 63 GLN F OE1 1 
ATOM 272  N NE2 . GLN B 1 24 ? -7.076  14.753  20.071  1.00 63.63  ? 63 GLN F NE2 1 
ATOM 273  N N   . LEU B 1 25 ? -7.960  12.812  16.329  1.00 56.48  ? 64 LEU F N   1 
ATOM 274  C CA  . LEU B 1 25 ? -9.236  13.452  16.047  1.00 58.44  ? 64 LEU F CA  1 
ATOM 275  C C   . LEU B 1 25 ? -9.863  13.945  17.346  1.00 59.38  ? 64 LEU F C   1 
ATOM 276  O O   . LEU B 1 25 ? -9.565  13.449  18.435  1.00 67.18  ? 64 LEU F O   1 
ATOM 277  C CB  . LEU B 1 25 ? -10.199 12.494  15.331  1.00 59.26  ? 64 LEU F CB  1 
ATOM 278  C CG  . LEU B 1 25 ? -9.964  11.947  13.911  1.00 63.27  ? 64 LEU F CG  1 
ATOM 279  C CD1 . LEU B 1 25 ? -8.573  11.363  13.674  1.00 57.76  ? 64 LEU F CD1 1 
ATOM 280  C CD2 . LEU B 1 25 ? -11.037 10.917  13.571  1.00 63.82  ? 64 LEU F CD2 1 
ATOM 281  N N   . LYS B 1 26 ? -10.750 14.930  17.216  1.00 59.31  ? 65 LYS F N   1 
ATOM 282  C CA  . LYS B 1 26 ? -11.380 15.526  18.386  1.00 58.92  ? 65 LYS F CA  1 
ATOM 283  C C   . LYS B 1 26 ? -12.650 16.274  18.006  1.00 65.14  ? 65 LYS F C   1 
ATOM 284  O O   . LYS B 1 26 ? -12.662 17.043  17.039  1.00 79.88  ? 65 LYS F O   1 
ATOM 285  C CB  . LYS B 1 26 ? -10.405 16.465  19.098  1.00 60.21  ? 65 LYS F CB  1 
ATOM 286  C CG  . LYS B 1 26 ? -10.741 16.707  20.558  1.00 65.33  ? 65 LYS F CG  1 
ATOM 287  C CD  . LYS B 1 26 ? -9.742  17.644  21.210  1.00 73.17  ? 65 LYS F CD  1 
ATOM 288  C CE  . LYS B 1 26 ? -9.845  17.585  22.725  1.00 75.35  ? 65 LYS F CE  1 
ATOM 289  N NZ  . LYS B 1 26 ? -8.860  18.484  23.385  1.00 75.91  ? 65 LYS F NZ  1 
ATOM 290  N N   . ALA B 1 27 ? -13.724 16.056  18.764  1.00 60.93  ? 66 ALA F N   1 
ATOM 291  C CA  . ALA B 1 27 ? -15.015 16.705  18.519  1.00 63.93  ? 66 ALA F CA  1 
ATOM 292  C C   . ALA B 1 27 ? -15.581 17.119  19.876  1.00 69.30  ? 66 ALA F C   1 
ATOM 293  O O   . ALA B 1 27 ? -16.242 16.326  20.552  1.00 80.29  ? 66 ALA F O   1 
ATOM 294  C CB  . ALA B 1 27 ? -15.961 15.784  17.766  1.00 63.23  ? 66 ALA F CB  1 
ATOM 295  N N   . VAL B 1 28 ? -15.320 18.361  20.263  1.00 66.99  ? 67 VAL F N   1 
ATOM 296  C CA  . VAL B 1 28 ? -15.724 18.875  21.570  1.00 70.35  ? 67 VAL F CA  1 
ATOM 297  C C   . VAL B 1 28 ? -17.016 19.655  21.355  1.00 74.28  ? 67 VAL F C   1 
ATOM 298  O O   . VAL B 1 28 ? -17.011 20.859  21.093  1.00 80.78  ? 67 VAL F O   1 
ATOM 299  C CB  . VAL B 1 28 ? -14.629 19.730  22.206  1.00 72.59  ? 67 VAL F CB  1 
ATOM 300  C CG1 . VAL B 1 28 ? -15.069 20.220  23.578  1.00 74.87  ? 67 VAL F CG1 1 
ATOM 301  C CG2 . VAL B 1 28 ? -13.336 18.938  22.308  1.00 65.29  ? 67 VAL F CG2 1 
ATOM 302  N N   . VAL B 1 29 ? -18.146 18.952  21.462  1.00 74.01  ? 68 VAL F N   1 
ATOM 303  C CA  . VAL B 1 29 ? -19.432 19.634  21.451  1.00 79.53  ? 68 VAL F CA  1 
ATOM 304  C C   . VAL B 1 29 ? -19.698 20.242  22.826  1.00 85.45  ? 68 VAL F C   1 
ATOM 305  O O   . VAL B 1 29 ? -19.280 19.718  23.866  1.00 91.71  ? 68 VAL F O   1 
ATOM 306  C CB  . VAL B 1 29 ? -20.555 18.669  21.036  1.00 83.25  ? 68 VAL F CB  1 
ATOM 307  C CG1 . VAL B 1 29 ? -21.849 19.425  20.765  1.00 81.54  ? 68 VAL F CG1 1 
ATOM 308  C CG2 . VAL B 1 29 ? -20.138 17.867  19.813  1.00 79.78  ? 68 VAL F CG2 1 
ATOM 309  N N   . GLU B 1 30 ? -20.404 21.367  22.829  1.00 83.34  ? 69 GLU F N   1 
ATOM 310  C CA  . GLU B 1 30 ? -20.685 22.071  24.073  1.00 84.96  ? 69 GLU F CA  1 
ATOM 311  C C   . GLU B 1 30 ? -22.184 22.131  24.338  1.00 83.57  ? 69 GLU F C   1 
ATOM 312  O O   . GLU B 1 30 ? -22.986 21.686  23.517  1.00 81.87  ? 69 GLU F O   1 
ATOM 313  C CB  . GLU B 1 30 ? -20.099 23.484  24.035  1.00 89.12  ? 69 GLU F CB  1 
ATOM 314  C CG  . GLU B 1 30 ? -18.580 23.529  23.954  1.00 93.10  ? 69 GLU F CG  1 
ATOM 315  C CD  . GLU B 1 30 ? -17.906 23.369  25.301  1.00 95.69  ? 69 GLU F CD  1 
ATOM 316  O OE1 . GLU B 1 30 ? -17.848 24.358  26.061  1.00 100.28 ? 69 GLU F OE1 1 
ATOM 317  O OE2 . GLU B 1 30 ? -17.414 22.259  25.592  1.00 91.28  ? 69 GLU F OE2 1 
ATOM 318  N N   . SER C 1 4  ? -30.535 20.052  18.493  1.00 26.77  ? 43 SER G N   1 
ATOM 319  C CA  . SER C 1 4  ? -29.898 18.822  18.043  1.00 27.78  ? 43 SER G CA  1 
ATOM 320  C C   . SER C 1 4  ? -28.469 19.082  17.579  1.00 28.28  ? 43 SER G C   1 
ATOM 321  O O   . SER C 1 4  ? -28.207 20.047  16.862  1.00 30.55  ? 43 SER G O   1 
ATOM 322  C CB  . SER C 1 4  ? -30.706 18.179  16.915  1.00 28.61  ? 43 SER G CB  1 
ATOM 323  O OG  . SER C 1 4  ? -29.953 17.174  16.259  1.00 29.46  ? 43 SER G OG  1 
ATOM 324  N N   . LYS C 1 5  ? -27.549 18.211  17.988  1.00 27.44  ? 44 LYS G N   1 
ATOM 325  C CA  . LYS C 1 5  ? -26.146 18.345  17.630  1.00 27.17  ? 44 LYS G CA  1 
ATOM 326  C C   . LYS C 1 5  ? -25.541 16.958  17.485  1.00 27.41  ? 44 LYS G C   1 
ATOM 327  O O   . LYS C 1 5  ? -25.785 16.079  18.315  1.00 29.60  ? 44 LYS G O   1 
ATOM 328  C CB  . LYS C 1 5  ? -25.373 19.152  18.680  1.00 27.54  ? 44 LYS G CB  1 
ATOM 329  C CG  . LYS C 1 5  ? -25.587 20.654  18.597  1.00 29.57  ? 44 LYS G CG  1 
ATOM 330  C CD  . LYS C 1 5  ? -24.726 21.395  19.605  1.00 31.34  ? 44 LYS G CD  1 
ATOM 331  C CE  . LYS C 1 5  ? -25.371 21.389  20.982  1.00 32.04  ? 44 LYS G CE  1 
ATOM 332  N NZ  . LYS C 1 5  ? -24.704 22.338  21.915  1.00 33.58  ? 44 LYS G NZ  1 
ATOM 333  N N   . LYS C 1 6  ? -24.755 16.766  16.429  1.00 25.26  ? 45 LYS G N   1 
ATOM 334  C CA  . LYS C 1 6  ? -24.095 15.495  16.173  1.00 24.54  ? 45 LYS G CA  1 
ATOM 335  C C   . LYS C 1 6  ? -22.627 15.736  15.846  1.00 23.89  ? 45 LYS G C   1 
ATOM 336  O O   . LYS C 1 6  ? -22.157 16.875  15.771  1.00 26.12  ? 45 LYS G O   1 
ATOM 337  C CB  . LYS C 1 6  ? -24.762 14.725  15.025  1.00 25.86  ? 45 LYS G CB  1 
ATOM 338  C CG  . LYS C 1 6  ? -26.265 14.585  15.121  1.00 28.84  ? 45 LYS G CG  1 
ATOM 339  C CD  . LYS C 1 6  ? -26.771 13.670  14.019  1.00 31.82  ? 45 LYS G CD  1 
ATOM 340  C CE  . LYS C 1 6  ? -28.266 13.447  14.116  1.00 35.11  ? 45 LYS G CE  1 
ATOM 341  N NZ  . LYS C 1 6  ? -28.820 12.920  12.838  1.00 36.51  ? 45 LYS G NZ  1 
ATOM 342  N N   . SER C 1 7  ? -21.911 14.631  15.641  1.00 22.36  ? 46 SER G N   1 
ATOM 343  C CA  . SER C 1 7  ? -20.522 14.640  15.202  1.00 21.42  ? 46 SER G CA  1 
ATOM 344  C C   . SER C 1 7  ? -20.095 13.219  14.867  1.00 21.38  ? 46 SER G C   1 
ATOM 345  O O   . SER C 1 7  ? -20.606 12.259  15.455  1.00 24.09  ? 46 SER G O   1 
ATOM 346  C CB  . SER C 1 7  ? -19.604 15.231  16.272  1.00 22.22  ? 46 SER G CB  1 
ATOM 347  O OG  . SER C 1 7  ? -18.255 15.190  15.843  1.00 23.92  ? 46 SER G OG  1 
ATOM 348  N N   . ALA C 1 8  ? -19.165 13.064  13.925  1.00 20.33  ? 47 ALA G N   1 
ATOM 349  C CA  . ALA C 1 8  ? -18.705 11.728  13.538  1.00 20.24  ? 47 ALA G CA  1 
ATOM 350  C C   . ALA C 1 8  ? -17.223 11.828  13.183  1.00 20.86  ? 47 ALA G C   1 
ATOM 351  O O   . ALA C 1 8  ? -16.863 12.150  12.047  1.00 23.00  ? 47 ALA G O   1 
ATOM 352  C CB  . ALA C 1 8  ? -19.525 11.169  12.385  1.00 20.01  ? 47 ALA G CB  1 
ATOM 353  N N   . ALA C 1 9  ? -16.371 11.541  14.164  1.00 20.28  ? 48 ALA G N   1 
ATOM 354  C CA  . ALA C 1 9  ? -14.929 11.490  13.957  1.00 20.77  ? 48 ALA G CA  1 
ATOM 355  C C   . ALA C 1 9  ? -14.568 10.082  13.502  1.00 21.78  ? 48 ALA G C   1 
ATOM 356  O O   . ALA C 1 9  ? -14.686 9.124   14.273  1.00 23.80  ? 48 ALA G O   1 
ATOM 357  C CB  . ALA C 1 9  ? -14.182 11.871  15.233  1.00 21.29  ? 48 ALA G CB  1 
ATOM 358  N N   . GLU C 1 10 ? -14.134 9.955   12.255  1.00 21.58  ? 49 GLU G N   1 
ATOM 359  C CA  . GLU C 1 10 ? -13.874 8.657   11.656  1.00 22.25  ? 49 GLU G CA  1 
ATOM 360  C C   . GLU C 1 10 ? -12.495 8.664   11.016  1.00 22.98  ? 49 GLU G C   1 
ATOM 361  O O   . GLU C 1 10 ? -12.072 9.665   10.430  1.00 26.31  ? 49 GLU G O   1 
ATOM 362  C CB  . GLU C 1 10 ? -14.957 8.319   10.623  1.00 23.24  ? 49 GLU G CB  1 
ATOM 363  C CG  . GLU C 1 10 ? -14.942 6.896   10.112  1.00 25.57  ? 49 GLU G CG  1 
ATOM 364  C CD  . GLU C 1 10 ? -16.144 6.601   9.238   1.00 28.01  ? 49 GLU G CD  1 
ATOM 365  O OE1 . GLU C 1 10 ? -16.905 7.545   8.936   1.00 26.92  ? 49 GLU G OE1 1 
ATOM 366  O OE2 . GLU C 1 10 ? -16.341 5.427   8.872   1.00 30.80  ? 49 GLU G OE2 1 
ATOM 367  N N   . SER C 1 11 ? -11.792 7.541   11.134  1.00 21.67  ? 50 SER G N   1 
ATOM 368  C CA  . SER C 1 11 ? -10.437 7.449   10.610  1.00 21.86  ? 50 SER G CA  1 
ATOM 369  C C   . SER C 1 11 ? -10.088 5.985   10.386  1.00 22.77  ? 50 SER G C   1 
ATOM 370  O O   . SER C 1 11 ? -10.756 5.081   10.890  1.00 24.86  ? 50 SER G O   1 
ATOM 371  C CB  . SER C 1 11 ? -9.428  8.112   11.553  1.00 22.42  ? 50 SER G CB  1 
ATOM 372  O OG  . SER C 1 11 ? -8.115  7.642   11.303  1.00 24.14  ? 50 SER G OG  1 
ATOM 373  N N   . MET C 1 12 ? -9.025  5.769   9.610   1.00 21.80  ? 51 MET G N   1 
ATOM 374  C CA  . MET C 1 12 ? -8.526  4.428   9.332   1.00 22.50  ? 51 MET G CA  1 
ATOM 375  C C   . MET C 1 12 ? -7.097  4.474   8.803   1.00 22.12  ? 51 MET G C   1 
ATOM 376  O O   . MET C 1 12 ? -6.835  5.085   7.763   1.00 24.72  ? 51 MET G O   1 
ATOM 377  C CB  . MET C 1 12 ? -9.437  3.713   8.334   1.00 23.72  ? 51 MET G CB  1 
ATOM 378  C CG  . MET C 1 12 ? -9.964  4.613   7.241   1.00 25.54  ? 51 MET G CG  1 
ATOM 379  S SD  . MET C 1 12 ? -10.219 3.733   5.696   1.00 33.23  ? 51 MET G SD  1 
ATOM 380  C CE  . MET C 1 12 ? -11.357 2.459   6.205   1.00 30.98  ? 51 MET G CE  1 
ATOM 381  N N   . LEU C 1 13 ? -6.170  3.832   9.504   1.00 20.96  ? 52 LEU G N   1 
ATOM 382  C CA  . LEU C 1 13 ? -4.777  3.770   9.090   1.00 20.25  ? 52 LEU G CA  1 
ATOM 383  C C   . LEU C 1 13 ? -4.480  2.406   8.472   1.00 20.34  ? 52 LEU G C   1 
ATOM 384  O O   . LEU C 1 13 ? -5.229  1.442   8.642   1.00 22.74  ? 52 LEU G O   1 
ATOM 385  C CB  . LEU C 1 13 ? -3.862  4.051   10.286  1.00 20.79  ? 52 LEU G CB  1 
ATOM 386  C CG  . LEU C 1 13 ? -2.408  4.468   10.056  1.00 21.79  ? 52 LEU G CG  1 
ATOM 387  C CD1 . LEU C 1 13 ? -2.007  5.480   11.113  1.00 23.12  ? 52 LEU G CD1 1 
ATOM 388  C CD2 . LEU C 1 13 ? -1.473  3.270   10.102  1.00 20.56  ? 52 LEU G CD2 1 
ATOM 389  N N   . ASP C 1 14 ? -3.369  2.333   7.740   1.00 18.87  ? 53 ASP G N   1 
ATOM 390  C CA  . ASP C 1 14 ? -2.980  1.096   7.075   1.00 18.65  ? 53 ASP G CA  1 
ATOM 391  C C   . ASP C 1 14 ? -1.477  1.128   6.830   1.00 18.64  ? 53 ASP G C   1 
ATOM 392  O O   . ASP C 1 14 ? -0.895  2.192   6.607   1.00 21.00  ? 53 ASP G O   1 
ATOM 393  C CB  . ASP C 1 14 ? -3.751  0.917   5.759   1.00 18.96  ? 53 ASP G CB  1 
ATOM 394  C CG  . ASP C 1 14 ? -3.471  -0.417  5.076   1.00 19.87  ? 53 ASP G CG  1 
ATOM 395  O OD1 . ASP C 1 14 ? -2.296  -0.811  4.943   1.00 18.86  ? 53 ASP G OD1 1 
ATOM 396  O OD2 . ASP C 1 14 ? -4.449  -1.076  4.661   1.00 21.60  ? 53 ASP G OD2 1 
ATOM 397  N N   . ILE C 1 15 ? -0.859  -0.055  6.874   1.00 18.06  ? 54 ILE G N   1 
ATOM 398  C CA  . ILE C 1 15 ? 0.575   -0.214  6.646   1.00 17.72  ? 54 ILE G CA  1 
ATOM 399  C C   . ILE C 1 15 ? 0.789   -1.493  5.844   1.00 18.69  ? 54 ILE G C   1 
ATOM 400  O O   . ILE C 1 15 ? 0.036   -2.459  5.979   1.00 21.90  ? 54 ILE G O   1 
ATOM 401  C CB  . ILE C 1 15 ? 1.367   -0.259  7.980   1.00 18.95  ? 54 ILE G CB  1 
ATOM 402  C CG1 . ILE C 1 15 ? 1.214   1.050   8.754   1.00 18.39  ? 54 ILE G CG1 1 
ATOM 403  C CG2 . ILE C 1 15 ? 2.842   -0.564  7.746   1.00 18.37  ? 54 ILE G CG2 1 
ATOM 404  C CD1 . ILE C 1 15 ? 1.948   1.063   10.069  1.00 19.82  ? 54 ILE G CD1 1 
ATOM 405  N N   . ALA C 1 16 ? 1.823   -1.497  5.002   1.00 17.39  ? 55 ALA G N   1 
ATOM 406  C CA  . ALA C 1 16 ? 2.208   -2.698  4.275   1.00 18.05  ? 55 ALA G CA  1 
ATOM 407  C C   . ALA C 1 16 ? 3.705   -2.664  4.007   1.00 19.11  ? 55 ALA G C   1 
ATOM 408  O O   . ALA C 1 16 ? 4.248   -1.631  3.606   1.00 21.60  ? 55 ALA G O   1 
ATOM 409  C CB  . ALA C 1 16 ? 1.435   -2.829  2.958   1.00 17.93  ? 55 ALA G CB  1 
ATOM 410  N N   . LEU C 1 17 ? 4.359   -3.806  4.216   1.00 18.76  ? 56 LEU G N   1 
ATOM 411  C CA  . LEU C 1 17 ? 5.800   -3.943  4.051   1.00 19.13  ? 56 LEU G CA  1 
ATOM 412  C C   . LEU C 1 17 ? 6.111   -5.139  3.164   1.00 20.36  ? 56 LEU G C   1 
ATOM 413  O O   . LEU C 1 17 ? 5.372   -6.127  3.144   1.00 22.72  ? 56 LEU G O   1 
ATOM 414  C CB  . LEU C 1 17 ? 6.508   -4.121  5.401   1.00 19.49  ? 56 LEU G CB  1 
ATOM 415  C CG  . LEU C 1 17 ? 7.148   -2.932  6.123   1.00 18.99  ? 56 LEU G CG  1 
ATOM 416  C CD1 . LEU C 1 17 ? 8.436   -2.513  5.434   1.00 20.80  ? 56 LEU G CD1 1 
ATOM 417  C CD2 . LEU C 1 17 ? 6.181   -1.766  6.210   1.00 18.99  ? 56 LEU G CD2 1 
ATOM 418  N N   . LEU C 1 18 ? 7.223   -5.045  2.437   1.00 20.61  ? 57 LEU G N   1 
ATOM 419  C CA  . LEU C 1 18 ? 7.676   -6.118  1.564   1.00 21.02  ? 57 LEU G CA  1 
ATOM 420  C C   . LEU C 1 18 ? 9.196   -6.075  1.496   1.00 22.31  ? 57 LEU G C   1 
ATOM 421  O O   . LEU C 1 18 ? 9.781   -5.001  1.341   1.00 24.82  ? 57 LEU G O   1 
ATOM 422  C CB  . LEU C 1 18 ? 7.085   -5.986  0.153   1.00 22.15  ? 57 LEU G CB  1 
ATOM 423  C CG  . LEU C 1 18 ? 5.615   -6.338  -0.088  1.00 22.02  ? 57 LEU G CG  1 
ATOM 424  C CD1 . LEU C 1 18 ? 4.750   -5.101  0.060   1.00 22.19  ? 57 LEU G CD1 1 
ATOM 425  C CD2 . LEU C 1 18 ? 5.420   -6.951  -1.465  1.00 23.22  ? 57 LEU G CD2 1 
ATOM 426  N N   . MET C 1 19 ? 9.831   -7.245  1.610   1.00 21.84  ? 58 MET G N   1 
ATOM 427  C CA  . MET C 1 19 ? 11.292  -7.330  1.535   1.00 23.01  ? 58 MET G CA  1 
ATOM 428  C C   . MET C 1 19 ? 11.655  -8.628  0.819   1.00 23.60  ? 58 MET G C   1 
ATOM 429  O O   . MET C 1 19 ? 11.756  -9.680  1.456   1.00 26.49  ? 58 MET G O   1 
ATOM 430  C CB  . MET C 1 19 ? 11.937  -7.275  2.914   1.00 24.44  ? 58 MET G CB  1 
ATOM 431  C CG  . MET C 1 19 ? 11.471  -6.163  3.835   1.00 25.66  ? 58 MET G CG  1 
ATOM 432  S SD  . MET C 1 19 ? 12.597  -5.935  5.225   1.00 33.75  ? 58 MET G SD  1 
ATOM 433  C CE  . MET C 1 19 ? 14.032  -6.852  4.663   1.00 28.68  ? 58 MET G CE  1 
ATOM 434  N N   . ALA C 1 20 ? 11.853  -8.545  -0.493  1.00 22.92  ? 59 ALA G N   1 
ATOM 435  C CA  . ALA C 1 20 ? 12.357  -9.671  -1.276  1.00 23.63  ? 59 ALA G CA  1 
ATOM 436  C C   . ALA C 1 20 ? 13.856  -9.476  -1.460  1.00 25.00  ? 59 ALA G C   1 
ATOM 437  O O   . ALA C 1 20 ? 14.289  -8.660  -2.275  1.00 27.32  ? 59 ALA G O   1 
ATOM 438  C CB  . ALA C 1 20 ? 11.638  -9.772  -2.616  1.00 23.96  ? 59 ALA G CB  1 
ATOM 439  N N   . ASN C 1 21 ? 14.655  -10.196 -0.682  1.00 23.22  ? 60 ASN G N   1 
ATOM 440  C CA  . ASN C 1 21 ? 16.102  -10.131 -0.808  1.00 23.93  ? 60 ASN G CA  1 
ATOM 441  C C   . ASN C 1 21 ? 16.681  -11.534 -0.944  1.00 23.69  ? 60 ASN G C   1 
ATOM 442  O O   . ASN C 1 21 ? 15.982  -12.540 -0.798  1.00 25.94  ? 60 ASN G O   1 
ATOM 443  C CB  . ASN C 1 21 ? 16.727  -9.387  0.380   1.00 24.20  ? 60 ASN G CB  1 
ATOM 444  C CG  . ASN C 1 21 ? 16.600  -10.141 1.681   1.00 24.45  ? 60 ASN G CG  1 
ATOM 445  O OD1 . ASN C 1 21 ? 17.326  -11.103 1.925   1.00 26.11  ? 60 ASN G OD1 1 
ATOM 446  N ND2 . ASN C 1 21 ? 15.678  -9.705  2.532   1.00 25.02  ? 60 ASN G ND2 1 
ATOM 447  N N   . ALA C 1 22 ? 17.976  -11.591 -1.239  1.00 23.34  ? 61 ALA G N   1 
ATOM 448  C CA  . ALA C 1 22 ? 18.686  -12.854 -1.394  1.00 23.27  ? 61 ALA G CA  1 
ATOM 449  C C   . ALA C 1 22 ? 20.174  -12.589 -1.211  1.00 23.66  ? 61 ALA G C   1 
ATOM 450  O O   . ALA C 1 22 ? 20.598  -11.450 -0.997  1.00 26.20  ? 61 ALA G O   1 
ATOM 451  C CB  . ALA C 1 22 ? 18.390  -13.495 -2.753  1.00 22.94  ? 61 ALA G CB  1 
ATOM 452  N N   . SER C 1 23 ? 20.969  -13.652 -1.309  1.00 23.08  ? 62 SER G N   1 
ATOM 453  C CA  . SER C 1 23 ? 22.411  -13.540 -1.144  1.00 24.85  ? 62 SER G CA  1 
ATOM 454  C C   . SER C 1 23 ? 23.066  -14.834 -1.604  1.00 25.92  ? 62 SER G C   1 
ATOM 455  O O   . SER C 1 23 ? 22.450  -15.904 -1.591  1.00 27.58  ? 62 SER G O   1 
ATOM 456  C CB  . SER C 1 23 ? 22.794  -13.243 0.310   1.00 24.88  ? 62 SER G CB  1 
ATOM 457  O OG  . SER C 1 23 ? 24.202  -13.184 0.462   1.00 25.26  ? 62 SER G OG  1 
ATOM 458  N N   . GLN C 1 24 ? 24.331  -14.716 -2.002  1.00 26.63  ? 63 GLN G N   1 
ATOM 459  C CA  . GLN C 1 24 ? 25.156  -15.859 -2.366  1.00 27.43  ? 63 GLN G CA  1 
ATOM 460  C C   . GLN C 1 24 ? 26.595  -15.549 -1.981  1.00 28.33  ? 63 GLN G C   1 
ATOM 461  O O   . GLN C 1 24 ? 26.977  -14.386 -1.822  1.00 30.36  ? 63 GLN G O   1 
ATOM 462  C CB  . GLN C 1 24 ? 25.064  -16.186 -3.864  1.00 28.76  ? 63 GLN G CB  1 
ATOM 463  C CG  . GLN C 1 24 ? 23.758  -16.833 -4.297  1.00 29.92  ? 63 GLN G CG  1 
ATOM 464  C CD  . GLN C 1 24 ? 23.726  -17.141 -5.781  1.00 32.98  ? 63 GLN G CD  1 
ATOM 465  O OE1 . GLN C 1 24 ? 24.690  -16.880 -6.500  1.00 35.40  ? 63 GLN G OE1 1 
ATOM 466  N NE2 . GLN C 1 24 ? 22.614  -17.696 -6.248  1.00 32.59  ? 63 GLN G NE2 1 
ATOM 467  N N   . LEU C 1 25 ? 27.394  -16.604 -1.840  1.00 28.39  ? 64 LEU G N   1 
ATOM 468  C CA  . LEU C 1 25 ? 28.780  -16.456 -1.417  1.00 28.69  ? 64 LEU G CA  1 
ATOM 469  C C   . LEU C 1 25 ? 29.528  -17.755 -1.672  1.00 30.12  ? 64 LEU G C   1 
ATOM 470  O O   . LEU C 1 25 ? 29.010  -18.839 -1.397  1.00 32.66  ? 64 LEU G O   1 
ATOM 471  C CB  . LEU C 1 25 ? 28.865  -16.063 0.066   1.00 28.86  ? 64 LEU G CB  1 
ATOM 472  C CG  . LEU C 1 25 ? 30.248  -16.021 0.719   1.00 30.08  ? 64 LEU G CG  1 
ATOM 473  C CD1 . LEU C 1 25 ? 31.173  -15.088 -0.010  1.00 30.67  ? 64 LEU G CD1 1 
ATOM 474  C CD2 . LEU C 1 25 ? 30.120  -15.596 2.176   1.00 31.38  ? 64 LEU G CD2 1 
ATOM 475  N N   . LYS C 1 26 ? 30.746  -17.632 -2.199  1.00 28.65  ? 65 LYS G N   1 
ATOM 476  C CA  . LYS C 1 26 ? 31.583  -18.779 -2.523  1.00 29.72  ? 65 LYS G CA  1 
ATOM 477  C C   . LYS C 1 26 ? 33.039  -18.422 -2.270  1.00 30.49  ? 65 LYS G C   1 
ATOM 478  O O   . LYS C 1 26 ? 33.474  -17.319 -2.608  1.00 32.71  ? 65 LYS G O   1 
ATOM 479  C CB  . LYS C 1 26 ? 31.412  -19.215 -3.983  1.00 29.42  ? 65 LYS G CB  1 
ATOM 480  C CG  . LYS C 1 26 ? 30.011  -19.627 -4.389  1.00 29.59  ? 65 LYS G CG  1 
ATOM 481  C CD  . LYS C 1 26 ? 29.920  -19.772 -5.898  1.00 29.74  ? 65 LYS G CD  1 
ATOM 482  C CE  . LYS C 1 26 ? 28.671  -20.526 -6.309  1.00 30.45  ? 65 LYS G CE  1 
ATOM 483  N NZ  . LYS C 1 26 ? 28.766  -21.022 -7.709  1.00 30.73  ? 65 LYS G NZ  1 
ATOM 484  N N   . ALA C 1 27 ? 33.782  -19.351 -1.676  1.00 31.01  ? 66 ALA G N   1 
ATOM 485  C CA  . ALA C 1 27 ? 35.219  -19.217 -1.508  1.00 31.72  ? 66 ALA G CA  1 
ATOM 486  C C   . ALA C 1 27 ? 35.917  -20.418 -2.129  1.00 32.94  ? 66 ALA G C   1 
ATOM 487  O O   . ALA C 1 27 ? 35.399  -21.538 -2.106  1.00 34.78  ? 66 ALA G O   1 
ATOM 488  C CB  . ALA C 1 27 ? 35.601  -19.095 -0.027  1.00 32.17  ? 66 ALA G CB  1 
ATOM 489  N N   . VAL C 1 28 ? 37.100  -20.178 -2.685  1.00 33.08  ? 67 VAL G N   1 
ATOM 490  C CA  . VAL C 1 28 ? 37.872  -21.235 -3.328  1.00 33.71  ? 67 VAL G CA  1 
ATOM 491  C C   . VAL C 1 28 ? 39.334  -21.147 -2.908  1.00 34.28  ? 67 VAL G C   1 
ATOM 492  O O   . VAL C 1 28 ? 39.897  -22.105 -2.376  1.00 33.89  ? 67 VAL G O   1 
ATOM 493  C CB  . VAL C 1 28 ? 37.743  -21.173 -4.863  1.00 34.42  ? 67 VAL G CB  1 
ATOM 494  C CG1 . VAL C 1 28 ? 38.766  -22.090 -5.517  1.00 34.54  ? 67 VAL G CG1 1 
ATOM 495  C CG2 . VAL C 1 28 ? 36.335  -21.550 -5.298  1.00 33.54  ? 67 VAL G CG2 1 
ATOM 496  N N   . MET D 1 12 ? 26.259  -10.130 3.874   1.00 107.71 ? 51 MET H N   1 
ATOM 497  C CA  . MET D 1 12 ? 25.666  -9.637  5.111   1.00 112.19 ? 51 MET H CA  1 
ATOM 498  C C   . MET D 1 12 ? 24.579  -8.606  4.824   1.00 110.70 ? 51 MET H C   1 
ATOM 499  O O   . MET D 1 12 ? 24.873  -7.461  4.486   1.00 113.33 ? 51 MET H O   1 
ATOM 500  C CB  . MET D 1 12 ? 26.740  -9.034  6.017   1.00 114.75 ? 51 MET H CB  1 
ATOM 501  C CG  . MET D 1 12 ? 26.203  -8.447  7.312   1.00 118.37 ? 51 MET H CG  1 
ATOM 502  S SD  . MET D 1 12 ? 27.511  -7.904  8.424   1.00 137.19 ? 51 MET H SD  1 
ATOM 503  C CE  . MET D 1 12 ? 26.559  -7.034  9.667   1.00 125.70 ? 51 MET H CE  1 
ATOM 504  N N   . LEU D 1 13 ? 23.322  -9.019  4.961   1.00 108.09 ? 52 LEU H N   1 
ATOM 505  C CA  . LEU D 1 13 ? 22.169  -8.166  4.685   1.00 106.32 ? 52 LEU H CA  1 
ATOM 506  C C   . LEU D 1 13 ? 21.508  -7.820  6.016   1.00 106.48 ? 52 LEU H C   1 
ATOM 507  O O   . LEU D 1 13 ? 20.588  -8.499  6.475   1.00 111.25 ? 52 LEU H O   1 
ATOM 508  C CB  . LEU D 1 13 ? 21.189  -8.857  3.725   1.00 106.42 ? 52 LEU H CB  1 
ATOM 509  C CG  . LEU D 1 13 ? 21.576  -8.978  2.247   1.00 107.14 ? 52 LEU H CG  1 
ATOM 510  C CD1 . LEU D 1 13 ? 22.663  -10.020 2.021   1.00 104.88 ? 52 LEU H CD1 1 
ATOM 511  C CD2 . LEU D 1 13 ? 20.347  -9.302  1.418   1.00 108.76 ? 52 LEU H CD2 1 
ATOM 512  N N   . ASP D 1 14 ? 21.987  -6.746  6.637   1.00 103.35 ? 53 ASP H N   1 
ATOM 513  C CA  . ASP D 1 14 ? 21.461  -6.284  7.918   1.00 104.25 ? 53 ASP H CA  1 
ATOM 514  C C   . ASP D 1 14 ? 20.338  -5.286  7.655   1.00 104.05 ? 53 ASP H C   1 
ATOM 515  O O   . ASP D 1 14 ? 20.587  -4.170  7.191   1.00 108.86 ? 53 ASP H O   1 
ATOM 516  C CB  . ASP D 1 14 ? 22.570  -5.658  8.759   1.00 106.77 ? 53 ASP H CB  1 
ATOM 517  C CG  . ASP D 1 14 ? 22.051  -5.025  10.040  1.00 110.59 ? 53 ASP H CG  1 
ATOM 518  O OD1 . ASP D 1 14 ? 20.942  -5.388  10.487  1.00 111.55 ? 53 ASP H OD1 1 
ATOM 519  O OD2 . ASP D 1 14 ? 22.755  -4.160  10.600  1.00 109.61 ? 53 ASP H OD2 1 
ATOM 520  N N   . ILE D 1 15 ? 19.105  -5.685  7.953   1.00 102.19 ? 54 ILE H N   1 
ATOM 521  C CA  . ILE D 1 15 ? 17.941  -4.818  7.824   1.00 102.04 ? 54 ILE H CA  1 
ATOM 522  C C   . ILE D 1 15 ? 17.385  -4.537  9.213   1.00 103.62 ? 54 ILE H C   1 
ATOM 523  O O   . ILE D 1 15 ? 17.129  -5.467  9.987   1.00 110.83 ? 54 ILE H O   1 
ATOM 524  C CB  . ILE D 1 15 ? 16.861  -5.435  6.918   1.00 101.45 ? 54 ILE H CB  1 
ATOM 525  C CG1 . ILE D 1 15 ? 17.346  -5.501  5.466   1.00 102.71 ? 54 ILE H CG1 1 
ATOM 526  C CG2 . ILE D 1 15 ? 15.572  -4.636  7.017   1.00 99.07  ? 54 ILE H CG2 1 
ATOM 527  C CD1 . ILE D 1 15 ? 18.041  -6.794  5.095   1.00 101.24 ? 54 ILE H CD1 1 
ATOM 528  N N   . ALA D 1 16 ? 17.204  -3.258  9.528   1.00 100.80 ? 55 ALA H N   1 
ATOM 529  C CA  . ALA D 1 16 ? 16.563  -2.827  10.758  1.00 101.46 ? 55 ALA H CA  1 
ATOM 530  C C   . ALA D 1 16 ? 15.296  -2.057  10.413  1.00 102.16 ? 55 ALA H C   1 
ATOM 531  O O   . ALA D 1 16 ? 15.168  -1.482  9.328   1.00 106.87 ? 55 ALA H O   1 
ATOM 532  C CB  . ALA D 1 16 ? 17.500  -1.962  11.609  1.00 100.28 ? 55 ALA H CB  1 
ATOM 533  N N   . LEU D 1 17 ? 14.355  -2.044  11.354  1.00 102.66 ? 56 LEU H N   1 
ATOM 534  C CA  . LEU D 1 17 ? 13.048  -1.466  11.084  1.00 102.03 ? 56 LEU H CA  1 
ATOM 535  C C   . LEU D 1 17 ? 12.365  -1.150  12.405  1.00 107.05 ? 56 LEU H C   1 
ATOM 536  O O   . LEU D 1 17 ? 12.303  -2.001  13.296  1.00 114.07 ? 56 LEU H O   1 
ATOM 537  C CB  . LEU D 1 17 ? 12.193  -2.431  10.248  1.00 101.95 ? 56 LEU H CB  1 
ATOM 538  C CG  . LEU D 1 17 ? 10.955  -1.934  9.499   1.00 104.29 ? 56 LEU H CG  1 
ATOM 539  C CD1 . LEU D 1 17 ? 10.681  -2.854  8.321   1.00 104.95 ? 56 LEU H CD1 1 
ATOM 540  C CD2 . LEU D 1 17 ? 9.737   -1.868  10.405  1.00 106.71 ? 56 LEU H CD2 1 
ATOM 541  N N   . LEU D 1 18 ? 11.861  0.078   12.520  1.00 103.93 ? 57 LEU H N   1 
ATOM 542  C CA  . LEU D 1 18 ? 11.206  0.571   13.729  1.00 103.60 ? 57 LEU H CA  1 
ATOM 543  C C   . LEU D 1 18 ? 10.071  1.493   13.303  1.00 102.58 ? 57 LEU H C   1 
ATOM 544  O O   . LEU D 1 18 ? 10.299  2.681   13.054  1.00 107.38 ? 57 LEU H O   1 
ATOM 545  C CB  . LEU D 1 18 ? 12.205  1.302   14.631  1.00 106.62 ? 57 LEU H CB  1 
ATOM 546  C CG  . LEU D 1 18 ? 13.542  0.616   14.938  1.00 109.98 ? 57 LEU H CG  1 
ATOM 547  C CD1 . LEU D 1 18 ? 14.709  1.220   14.183  1.00 105.50 ? 57 LEU H CD1 1 
ATOM 548  C CD2 . LEU D 1 18 ? 13.801  0.737   16.429  1.00 111.39 ? 57 LEU H CD2 1 
ATOM 549  N N   . MET D 1 19 ? 8.850   0.957   13.231  1.00 100.25 ? 58 MET H N   1 
ATOM 550  C CA  . MET D 1 19 ? 7.690   1.726   12.773  1.00 100.49 ? 58 MET H CA  1 
ATOM 551  C C   . MET D 1 19 ? 6.758   2.012   13.946  1.00 95.95  ? 58 MET H C   1 
ATOM 552  O O   . MET D 1 19 ? 5.822   1.268   14.233  1.00 95.27  ? 58 MET H O   1 
ATOM 553  C CB  . MET D 1 19 ? 6.960   0.996   11.650  1.00 103.05 ? 58 MET H CB  1 
ATOM 554  C CG  . MET D 1 19 ? 7.653   1.063   10.302  1.00 113.68 ? 58 MET H CG  1 
ATOM 555  S SD  . MET D 1 19 ? 6.676   0.295   9.001   1.00 134.15 ? 58 MET H SD  1 
ATOM 556  C CE  . MET D 1 19 ? 5.604   1.662   8.548   1.00 125.49 ? 58 MET H CE  1 
ATOM 557  N N   . ALA D 1 20 ? 7.016   3.126   14.625  1.00 95.68  ? 59 ALA H N   1 
ATOM 558  C CA  . ALA D 1 20 ? 6.104   3.593   15.659  1.00 90.87  ? 59 ALA H CA  1 
ATOM 559  C C   . ALA D 1 20 ? 4.754   3.968   15.051  1.00 87.59  ? 59 ALA H C   1 
ATOM 560  O O   . ALA D 1 20 ? 4.607   4.109   13.832  1.00 90.79  ? 59 ALA H O   1 
ATOM 561  C CB  . ALA D 1 20 ? 6.698   4.788   16.407  1.00 90.46  ? 59 ALA H CB  1 
ATOM 562  N N   . ASN D 1 21 ? 3.756   4.130   15.917  1.00 83.99  ? 60 ASN H N   1 
ATOM 563  C CA  . ASN D 1 21 ? 2.400   4.433   15.478  1.00 80.55  ? 60 ASN H CA  1 
ATOM 564  C C   . ASN D 1 21 ? 1.607   4.922   16.682  1.00 80.53  ? 60 ASN H C   1 
ATOM 565  O O   . ASN D 1 21 ? 1.911   4.576   17.827  1.00 87.01  ? 60 ASN H O   1 
ATOM 566  C CB  . ASN D 1 21 ? 1.732   3.204   14.844  1.00 81.02  ? 60 ASN H CB  1 
ATOM 567  C CG  . ASN D 1 21 ? 0.376   3.514   14.230  1.00 82.59  ? 60 ASN H CG  1 
ATOM 568  O OD1 . ASN D 1 21 ? -0.418  4.276   14.780  1.00 79.69  ? 60 ASN H OD1 1 
ATOM 569  N ND2 . ASN D 1 21 ? 0.107   2.911   13.080  1.00 85.98  ? 60 ASN H ND2 1 
ATOM 570  N N   . ALA D 1 22 ? 0.580   5.721   16.404  1.00 75.60  ? 61 ALA H N   1 
ATOM 571  C CA  . ALA D 1 22 ? -0.272  6.268   17.451  1.00 70.30  ? 61 ALA H CA  1 
ATOM 572  C C   . ALA D 1 22 ? -1.573  6.753   16.829  1.00 70.96  ? 61 ALA H C   1 
ATOM 573  O O   . ALA D 1 22 ? -1.637  7.055   15.634  1.00 80.89  ? 61 ALA H O   1 
ATOM 574  C CB  . ALA D 1 22 ? 0.420   7.411   18.204  1.00 70.91  ? 61 ALA H CB  1 
ATOM 575  N N   . SER D 1 23 ? -2.607  6.828   17.664  1.00 63.88  ? 62 SER H N   1 
ATOM 576  C CA  . SER D 1 23 ? -3.918  7.320   17.269  1.00 63.34  ? 62 SER H CA  1 
ATOM 577  C C   . SER D 1 23 ? -4.708  7.630   18.530  1.00 63.17  ? 62 SER H C   1 
ATOM 578  O O   . SER D 1 23 ? -4.622  6.889   19.512  1.00 73.62  ? 62 SER H O   1 
ATOM 579  C CB  . SER D 1 23 ? -4.668  6.296   16.406  1.00 64.08  ? 62 SER H CB  1 
ATOM 580  O OG  . SER D 1 23 ? -6.070  6.445   16.539  1.00 64.31  ? 62 SER H OG  1 
ATOM 581  N N   . GLN D 1 24 ? -5.474  8.718   18.498  1.00 57.28  ? 63 GLN H N   1 
ATOM 582  C CA  . GLN D 1 24 ? -6.195  9.152   19.692  1.00 56.13  ? 63 GLN H CA  1 
ATOM 583  C C   . GLN D 1 24 ? -7.432  9.925   19.258  1.00 60.41  ? 63 GLN H C   1 
ATOM 584  O O   . GLN D 1 24 ? -7.316  11.042  18.747  1.00 71.76  ? 63 GLN H O   1 
ATOM 585  C CB  . GLN D 1 24 ? -5.296  10.004  20.582  1.00 56.88  ? 63 GLN H CB  1 
ATOM 586  C CG  . GLN D 1 24 ? -5.791  10.150  22.013  1.00 62.22  ? 63 GLN H CG  1 
ATOM 587  C CD  . GLN D 1 24 ? -6.761  11.301  22.185  1.00 65.86  ? 63 GLN H CD  1 
ATOM 588  O OE1 . GLN D 1 24 ? -6.755  12.255  21.406  1.00 74.12  ? 63 GLN H OE1 1 
ATOM 589  N NE2 . GLN D 1 24 ? -7.604  11.216  23.206  1.00 63.63  ? 63 GLN H NE2 1 
ATOM 590  N N   . LEU D 1 25 ? -8.603  9.333   19.464  1.00 56.48  ? 64 LEU H N   1 
ATOM 591  C CA  . LEU D 1 25 ? -9.872  10.001  19.215  1.00 58.44  ? 64 LEU H CA  1 
ATOM 592  C C   . LEU D 1 25 ? -10.461 10.492  20.531  1.00 59.38  ? 64 LEU H C   1 
ATOM 593  O O   . LEU D 1 25 ? -10.153 9.979   21.609  1.00 67.18  ? 64 LEU H O   1 
ATOM 594  C CB  . LEU D 1 25 ? -10.868 9.069   18.509  1.00 59.26  ? 64 LEU H CB  1 
ATOM 595  C CG  . LEU D 1 25 ? -10.673 8.532   17.080  1.00 63.27  ? 64 LEU H CG  1 
ATOM 596  C CD1 . LEU D 1 25 ? -9.300  7.923   16.808  1.00 57.76  ? 64 LEU H CD1 1 
ATOM 597  C CD2 . LEU D 1 25 ? -11.773 7.529   16.752  1.00 63.82  ? 64 LEU H CD2 1 
ATOM 598  N N   . LYS D 1 26 ? -11.332 11.496  20.429  1.00 59.31  ? 65 LYS H N   1 
ATOM 599  C CA  . LYS D 1 26 ? -11.926 12.092  21.619  1.00 58.92  ? 65 LYS H CA  1 
ATOM 600  C C   . LYS D 1 26 ? -13.188 12.870  21.273  1.00 65.14  ? 65 LYS H C   1 
ATOM 601  O O   . LYS D 1 26 ? -13.205 13.648  20.314  1.00 79.88  ? 65 LYS H O   1 
ATOM 602  C CB  . LYS D 1 26 ? -10.918 13.004  22.321  1.00 60.21  ? 65 LYS H CB  1 
ATOM 603  C CG  . LYS D 1 26 ? -11.219 13.236  23.789  1.00 65.33  ? 65 LYS H CG  1 
ATOM 604  C CD  . LYS D 1 26 ? -10.188 14.147  24.430  1.00 73.17  ? 65 LYS H CD  1 
ATOM 605  C CE  . LYS D 1 26 ? -10.261 14.073  25.946  1.00 75.35  ? 65 LYS H CE  1 
ATOM 606  N NZ  . LYS D 1 26 ? -9.246  14.947  26.594  1.00 75.91  ? 65 LYS H NZ  1 
ATOM 607  N N   . ALA D 1 27 ? -14.251 12.663  22.051  1.00 60.93  ? 66 ALA H N   1 
ATOM 608  C CA  . ALA D 1 27 ? -15.532 13.340  21.839  1.00 63.93  ? 66 ALA H CA  1 
ATOM 609  C C   . ALA D 1 27 ? -16.063 13.751  23.211  1.00 69.30  ? 66 ALA H C   1 
ATOM 610  O O   . ALA D 1 27 ? -16.725 12.964  23.894  1.00 80.29  ? 66 ALA H O   1 
ATOM 611  C CB  . ALA D 1 27 ? -16.514 12.446  21.097  1.00 63.23  ? 66 ALA H CB  1 
ATOM 612  N N   . VAL D 1 28 ? -15.770 14.984  23.606  1.00 66.99  ? 67 VAL H N   1 
ATOM 613  C CA  . VAL D 1 28 ? -16.135 15.491  24.926  1.00 70.35  ? 67 VAL H CA  1 
ATOM 614  C C   . VAL D 1 28 ? -17.416 16.298  24.747  1.00 74.28  ? 67 VAL H C   1 
ATOM 615  O O   . VAL D 1 28 ? -17.393 17.506  24.497  1.00 80.78  ? 67 VAL H O   1 
ATOM 616  C CB  . VAL D 1 28 ? -15.011 16.318  25.549  1.00 72.59  ? 67 VAL H CB  1 
ATOM 617  C CG1 . VAL D 1 28 ? -15.413 16.803  26.934  1.00 74.87  ? 67 VAL H CG1 1 
ATOM 618  C CG2 . VAL D 1 28 ? -13.733 15.499  25.615  1.00 65.29  ? 67 VAL H CG2 1 
ATOM 619  N N   . VAL D 1 29 ? -18.558 15.617  24.868  1.00 74.01  ? 68 VAL H N   1 
ATOM 620  C CA  . VAL D 1 29 ? -19.830 16.325  24.893  1.00 79.53  ? 68 VAL H CA  1 
ATOM 621  C C   . VAL D 1 29 ? -20.055 16.923  26.279  1.00 85.45  ? 68 VAL H C   1 
ATOM 622  O O   . VAL D 1 29 ? -19.627 16.381  27.304  1.00 91.71  ? 68 VAL H O   1 
ATOM 623  C CB  . VAL D 1 29 ? -20.980 15.385  24.492  1.00 83.25  ? 68 VAL H CB  1 
ATOM 624  C CG1 . VAL D 1 29 ? -22.264 16.170  24.255  1.00 81.54  ? 68 VAL H CG1 1 
ATOM 625  C CG2 . VAL D 1 29 ? -20.604 14.589  23.252  1.00 79.78  ? 68 VAL H CG2 1 
ATOM 626  N N   . GLU D 1 30 ? -20.739 18.061  26.307  1.00 83.34  ? 69 GLU H N   1 
ATOM 627  C CA  . GLU D 1 30 ? -20.979 18.758  27.565  1.00 84.96  ? 69 GLU H CA  1 
ATOM 628  C C   . GLU D 1 30 ? -22.472 18.844  27.860  1.00 83.57  ? 69 GLU H C   1 
ATOM 629  O O   . GLU D 1 30 ? -23.299 18.423  27.051  1.00 81.87  ? 69 GLU H O   1 
ATOM 630  C CB  . GLU D 1 30 ? -20.367 20.159  27.528  1.00 89.12  ? 69 GLU H CB  1 
ATOM 631  C CG  . GLU D 1 30 ? -18.849 20.175  27.416  1.00 93.10  ? 69 GLU H CG  1 
ATOM 632  C CD  . GLU D 1 30 ? -18.150 19.988  28.748  1.00 95.69  ? 69 GLU H CD  1 
ATOM 633  O OE1 . GLU D 1 30 ? -18.058 20.968  29.516  1.00 100.28 ? 69 GLU H OE1 1 
ATOM 634  O OE2 . GLU D 1 30 ? -17.676 18.866  29.017  1.00 91.28  ? 69 GLU H OE2 1 
ATOM 635  N N   . SER E 1 4  ? -29.529 26.155  11.078  1.00 26.77  ? 43 SER I N   1 
ATOM 636  C CA  . SER E 1 4  ? -28.829 24.943  10.672  1.00 27.78  ? 43 SER I CA  1 
ATOM 637  C C   . SER E 1 4  ? -27.389 25.249  10.277  1.00 28.28  ? 43 SER I C   1 
ATOM 638  O O   . SER E 1 4  ? -27.124 26.216  9.564   1.00 30.55  ? 43 SER I O   1 
ATOM 639  C CB  . SER E 1 4  ? -29.559 24.264  9.511   1.00 28.61  ? 43 SER I CB  1 
ATOM 640  O OG  . SER E 1 4  ? -28.741 23.281  8.902   1.00 29.46  ? 43 SER I OG  1 
ATOM 641  N N   . LYS E 1 5  ? -26.462 24.413  10.737  1.00 27.44  ? 44 LYS I N   1 
ATOM 642  C CA  . LYS E 1 5  ? -25.048 24.592  10.448  1.00 27.17  ? 44 LYS I CA  1 
ATOM 643  C C   . LYS E 1 5  ? -24.390 23.225  10.346  1.00 27.41  ? 44 LYS I C   1 
ATOM 644  O O   . LYS E 1 5  ? -24.644 22.345  11.171  1.00 29.60  ? 44 LYS I O   1 
ATOM 645  C CB  . LYS E 1 5  ? -24.355 25.433  11.527  1.00 27.54  ? 44 LYS I CB  1 
ATOM 646  C CG  . LYS E 1 5  ? -24.615 26.926  11.419  1.00 29.57  ? 44 LYS I CG  1 
ATOM 647  C CD  . LYS E 1 5  ? -23.832 27.704  12.462  1.00 31.34  ? 44 LYS I CD  1 
ATOM 648  C CE  . LYS E 1 5  ? -24.543 27.687  13.805  1.00 32.04  ? 44 LYS I CE  1 
ATOM 649  N NZ  . LYS E 1 5  ? -23.955 28.666  14.762  1.00 33.58  ? 44 LYS I NZ  1 
ATOM 650  N N   . LYS E 1 6  ? -23.546 23.053  9.332   1.00 25.26  ? 45 LYS I N   1 
ATOM 651  C CA  . LYS E 1 6  ? -22.831 21.803  9.120   1.00 24.54  ? 45 LYS I CA  1 
ATOM 652  C C   . LYS E 1 6  ? -21.359 22.091  8.864   1.00 23.89  ? 45 LYS I C   1 
ATOM 653  O O   . LYS E 1 6  ? -20.924 23.245  8.801   1.00 26.12  ? 45 LYS I O   1 
ATOM 654  C CB  . LYS E 1 6  ? -23.415 21.003  7.949   1.00 25.86  ? 45 LYS I CB  1 
ATOM 655  C CG  . LYS E 1 6  ? -24.916 20.811  7.973   1.00 28.84  ? 45 LYS I CG  1 
ATOM 656  C CD  . LYS E 1 6  ? -25.334 19.871  6.855   1.00 31.82  ? 45 LYS I CD  1 
ATOM 657  C CE  . LYS E 1 6  ? -26.824 19.598  6.880   1.00 35.11  ? 45 LYS I CE  1 
ATOM 658  N NZ  . LYS E 1 6  ? -27.296 19.042  5.583   1.00 36.51  ? 45 LYS I NZ  1 
ATOM 659  N N   . SER E 1 7  ? -20.596 21.011  8.705   1.00 22.36  ? 46 SER I N   1 
ATOM 660  C CA  . SER E 1 7  ? -19.188 21.063  8.335   1.00 21.42  ? 46 SER I CA  1 
ATOM 661  C C   . SER E 1 7  ? -18.697 19.655  8.035   1.00 21.38  ? 46 SER I C   1 
ATOM 662  O O   . SER E 1 7  ? -19.205 18.684  8.605   1.00 24.09  ? 46 SER I O   1 
ATOM 663  C CB  . SER E 1 7  ? -18.344 21.694  9.442   1.00 22.22  ? 46 SER I CB  1 
ATOM 664  O OG  . SER E 1 7  ? -16.975 21.695  9.081   1.00 23.92  ? 46 SER I OG  1 
ATOM 665  N N   . ALA E 1 8  ? -17.718 19.524  7.141   1.00 20.33  ? 47 ALA I N   1 
ATOM 666  C CA  . ALA E 1 8  ? -17.194 18.202  6.789   1.00 20.24  ? 47 ALA I CA  1 
ATOM 667  C C   . ALA E 1 8  ? -15.701 18.351  6.507   1.00 20.86  ? 47 ALA I C   1 
ATOM 668  O O   . ALA E 1 8  ? -15.295 18.676  5.386   1.00 23.00  ? 47 ALA I O   1 
ATOM 669  C CB  . ALA E 1 8  ? -17.936 17.607  5.603   1.00 20.01  ? 47 ALA I CB  1 
ATOM 670  N N   . ALA E 1 9  ? -14.888 18.101  7.530   1.00 20.28  ? 48 ALA I N   1 
ATOM 671  C CA  . ALA E 1 9  ? -13.437 18.097  7.396   1.00 20.77  ? 48 ALA I CA  1 
ATOM 672  C C   . ALA E 1 9  ? -13.008 16.699  6.973   1.00 21.78  ? 48 ALA I C   1 
ATOM 673  O O   . ALA E 1 9  ? -13.130 15.743  7.746   1.00 23.80  ? 48 ALA I O   1 
ATOM 674  C CB  . ALA E 1 9  ? -12.768 18.513  8.703   1.00 21.29  ? 48 ALA I CB  1 
ATOM 675  N N   . GLU E 1 10 ? -12.507 16.577  5.749   1.00 21.58  ? 49 GLU I N   1 
ATOM 676  C CA  . GLU E 1 10 ? -12.175 15.284  5.177   1.00 22.25  ? 49 GLU I CA  1 
ATOM 677  C C   . GLU E 1 10 ? -10.766 15.334  4.605   1.00 22.98  ? 49 GLU I C   1 
ATOM 678  O O   . GLU E 1 10 ? -10.349 16.344  4.032   1.00 26.31  ? 49 GLU I O   1 
ATOM 679  C CB  . GLU E 1 10 ? -13.192 14.901  4.095   1.00 23.24  ? 49 GLU I CB  1 
ATOM 680  C CG  . GLU E 1 10 ? -13.105 13.476  3.598   1.00 25.57  ? 49 GLU I CG  1 
ATOM 681  C CD  . GLU E 1 10 ? -14.251 13.133  2.669   1.00 28.01  ? 49 GLU I CD  1 
ATOM 682  O OE1 . GLU E 1 10 ? -15.028 14.048  2.321   1.00 26.92  ? 49 GLU I OE1 1 
ATOM 683  O OE2 . GLU E 1 10 ? -14.389 11.950  2.305   1.00 30.80  ? 49 GLU I OE2 1 
ATOM 684  N N   . SER E 1 11 ? -10.033 14.237  4.768   1.00 21.67  ? 50 SER I N   1 
ATOM 685  C CA  . SER E 1 11 ? -8.650  14.187  4.312   1.00 21.86  ? 50 SER I CA  1 
ATOM 686  C C   . SER E 1 11 ? -8.242  12.734  4.119   1.00 22.77  ? 50 SER I C   1 
ATOM 687  O O   . SER E 1 11 ? -8.903  11.811  4.598   1.00 24.86  ? 50 SER I O   1 
ATOM 688  C CB  . SER E 1 11 ? -7.713  14.891  5.296   1.00 22.42  ? 50 SER I CB  1 
ATOM 689  O OG  . SER E 1 11 ? -6.374  14.465  5.116   1.00 24.14  ? 50 SER I OG  1 
ATOM 690  N N   . MET E 1 12 ? -7.136  12.548  3.398   1.00 21.80  ? 51 MET I N   1 
ATOM 691  C CA  . MET E 1 12 ? -6.577  11.223  3.157   1.00 22.50  ? 51 MET I CA  1 
ATOM 692  C C   . MET E 1 12 ? -5.127  11.314  2.699   1.00 22.12  ? 51 MET I C   1 
ATOM 693  O O   . MET E 1 12 ? -4.835  11.925  1.667   1.00 24.72  ? 51 MET I O   1 
ATOM 694  C CB  . MET E 1 12 ? -7.414  10.469  2.124   1.00 23.72  ? 51 MET I CB  1 
ATOM 695  C CG  . MET E 1 12 ? -7.916  11.342  0.997   1.00 25.54  ? 51 MET I CG  1 
ATOM 696  S SD  . MET E 1 12 ? -8.064  10.442  -0.551  1.00 33.23  ? 51 MET I SD  1 
ATOM 697  C CE  . MET E 1 12 ? -9.183  9.135   -0.086  1.00 30.98  ? 51 MET I CE  1 
ATOM 698  N N   . LEU E 1 13 ? -4.216  10.710  3.451   1.00 20.96  ? 52 LEU I N   1 
ATOM 699  C CA  . LEU E 1 13 ? -2.802  10.692  3.106   1.00 20.25  ? 52 LEU I CA  1 
ATOM 700  C C   . LEU E 1 13 ? -2.428  9.334   2.516   1.00 20.34  ? 52 LEU I C   1 
ATOM 701  O O   . LEU E 1 13 ? -3.153  8.347   2.659   1.00 22.74  ? 52 LEU I O   1 
ATOM 702  C CB  . LEU E 1 13 ? -1.956  11.014  4.344   1.00 20.79  ? 52 LEU I CB  1 
ATOM 703  C CG  . LEU E 1 13 ? -0.508  11.479  4.182   1.00 21.79  ? 52 LEU I CG  1 
ATOM 704  C CD1 . LEU E 1 13 ? -0.193  12.511  5.247   1.00 23.12  ? 52 LEU I CD1 1 
ATOM 705  C CD2 . LEU E 1 13 ? 0.464   10.313  4.284   1.00 20.56  ? 52 LEU I CD2 1 
ATOM 706  N N   . ASP E 1 14 ? -1.281  9.294   1.841   1.00 18.87  ? 53 ASP I N   1 
ATOM 707  C CA  . ASP E 1 14 ? -0.818  8.066   1.208   1.00 18.65  ? 53 ASP I CA  1 
ATOM 708  C C   . ASP E 1 14 ? 0.694   8.146   1.036   1.00 18.64  ? 53 ASP I C   1 
ATOM 709  O O   . ASP E 1 14 ? 1.251   9.229   0.832   1.00 21.00  ? 53 ASP I O   1 
ATOM 710  C CB  . ASP E 1 14 ? -1.515  7.850   -0.143  1.00 18.96  ? 53 ASP I CB  1 
ATOM 711  C CG  . ASP E 1 14 ? -1.158  6.521   -0.798  1.00 19.87  ? 53 ASP I CG  1 
ATOM 712  O OD1 . ASP E 1 14 ? 0.036   6.167   -0.870  1.00 18.86  ? 53 ASP I OD1 1 
ATOM 713  O OD2 . ASP E 1 14 ? -2.091  5.825   -1.254  1.00 21.60  ? 53 ASP I OD2 1 
ATOM 714  N N   . ILE E 1 15 ? 1.348   6.987   1.123   1.00 18.06  ? 54 ILE I N   1 
ATOM 715  C CA  . ILE E 1 15 ? 2.797   6.874   0.966   1.00 17.72  ? 54 ILE I CA  1 
ATOM 716  C C   . ILE E 1 15 ? 3.092   5.598   0.188   1.00 18.69  ? 54 ILE I C   1 
ATOM 717  O O   . ILE E 1 15 ? 2.367   4.608   0.295   1.00 21.90  ? 54 ILE I O   1 
ATOM 718  C CB  . ILE E 1 15 ? 3.522   6.867   2.338   1.00 18.95  ? 54 ILE I CB  1 
ATOM 719  C CG1 . ILE E 1 15 ? 3.287   8.176   3.091   1.00 18.39  ? 54 ILE I CG1 1 
ATOM 720  C CG2 . ILE E 1 15 ? 5.016   6.611   2.179   1.00 18.37  ? 54 ILE I CG2 1 
ATOM 721  C CD1 . ILE E 1 15 ? 3.956   8.225   4.441   1.00 19.82  ? 54 ILE I CD1 1 
ATOM 722  N N   . ALA E 1 16 ? 4.167   5.623   -0.602  1.00 17.39  ? 55 ALA I N   1 
ATOM 723  C CA  . ALA E 1 16 ? 4.628   4.430   -1.298  1.00 18.05  ? 55 ALA I CA  1 
ATOM 724  C C   . ALA E 1 16 ? 6.134   4.513   -1.493  1.00 19.11  ? 55 ALA I C   1 
ATOM 725  O O   . ALA E 1 16 ? 6.661   5.560   -1.876  1.00 21.60  ? 55 ALA I O   1 
ATOM 726  C CB  . ALA E 1 16 ? 3.926   4.262   -2.649  1.00 17.93  ? 55 ALA I CB  1 
ATOM 727  N N   . LEU E 1 17 ? 6.816   3.396   -1.241  1.00 18.76  ? 56 LEU I N   1 
ATOM 728  C CA  . LEU E 1 17 ? 8.266   3.307   -1.333  1.00 19.13  ? 56 LEU I CA  1 
ATOM 729  C C   . LEU E 1 17 ? 8.661   2.116   -2.193  1.00 20.36  ? 56 LEU I C   1 
ATOM 730  O O   . LEU E 1 17 ? 7.959   1.103   -2.239  1.00 22.72  ? 56 LEU I O   1 
ATOM 731  C CB  . LEU E 1 17 ? 8.913   3.163   0.052   1.00 19.49  ? 56 LEU I CB  1 
ATOM 732  C CG  . LEU E 1 17 ? 9.476   4.380   0.792   1.00 18.99  ? 56 LEU I CG  1 
ATOM 733  C CD1 . LEU E 1 17 ? 10.781  4.837   0.164   1.00 20.80  ? 56 LEU I CD1 1 
ATOM 734  C CD2 . LEU E 1 17 ? 8.467   5.512   0.822   1.00 18.99  ? 56 LEU I CD2 1 
ATOM 735  N N   . LEU E 1 18 ? 9.803   2.241   -2.866  1.00 20.61  ? 57 LEU I N   1 
ATOM 736  C CA  . LEU E 1 18 ? 10.336  1.178   -3.704  1.00 21.02  ? 57 LEU I CA  1 
ATOM 737  C C   . LEU E 1 18 ? 11.855  1.272   -3.698  1.00 22.31  ? 57 LEU I C   1 
ATOM 738  O O   . LEU E 1 18 ? 12.411  2.365   -3.835  1.00 24.82  ? 57 LEU I O   1 
ATOM 739  C CB  . LEU E 1 18 ? 9.811   1.280   -5.144  1.00 22.15  ? 57 LEU I CB  1 
ATOM 740  C CG  . LEU E 1 18 ? 8.367   0.875   -5.454  1.00 22.02  ? 57 LEU I CG  1 
ATOM 741  C CD1 . LEU E 1 18 ? 7.454   2.083   -5.360  1.00 22.19  ? 57 LEU I CD1 1 
ATOM 742  C CD2 . LEU E 1 18 ? 8.262   0.245   -6.833  1.00 23.22  ? 57 LEU I CD2 1 
ATOM 743  N N   . MET E 1 19 ? 12.523  0.127   -3.542  1.00 21.84  ? 58 MET I N   1 
ATOM 744  C CA  . MET E 1 19 ? 13.988  0.090   -3.545  1.00 23.01  ? 58 MET I CA  1 
ATOM 745  C C   . MET E 1 19 ? 14.429  -1.199  -4.229  1.00 23.60  ? 58 MET I C   1 
ATOM 746  O O   . MET E 1 19 ? 14.534  -2.243  -3.579  1.00 26.49  ? 58 MET I O   1 
ATOM 747  C CB  . MET E 1 19 ? 14.562  0.178   -2.136  1.00 24.44  ? 58 MET I CB  1 
ATOM 748  C CG  . MET E 1 19 ? 14.013  1.281   -1.249  1.00 25.66  ? 58 MET I CG  1 
ATOM 749  S SD  . MET E 1 19 ? 15.060  1.559   0.193   1.00 33.75  ? 58 MET I SD  1 
ATOM 750  C CE  . MET E 1 19 ? 16.552  0.687   -0.291  1.00 28.68  ? 58 MET I CE  1 
ATOM 751  N N   . ALA E 1 20 ? 14.689  -1.121  -5.531  1.00 22.92  ? 59 ALA I N   1 
ATOM 752  C CA  . ALA E 1 20 ? 15.269  -2.234  -6.277  1.00 23.63  ? 59 ALA I CA  1 
ATOM 753  C C   . ALA E 1 20 ? 16.768  -1.989  -6.389  1.00 25.00  ? 59 ALA I C   1 
ATOM 754  O O   . ALA E 1 20 ? 17.213  -1.166  -7.191  1.00 27.32  ? 59 ALA I O   1 
ATOM 755  C CB  . ALA E 1 20 ? 14.621  -2.371  -7.650  1.00 23.96  ? 59 ALA I CB  1 
ATOM 756  N N   . ASN E 1 21 ? 17.551  -2.676  -5.567  1.00 23.22  ? 60 ASN I N   1 
ATOM 757  C CA  . ASN E 1 21 ? 18.999  -2.562  -5.622  1.00 23.93  ? 60 ASN I CA  1 
ATOM 758  C C   . ASN E 1 21 ? 19.632  -3.946  -5.716  1.00 23.69  ? 60 ASN I C   1 
ATOM 759  O O   . ASN E 1 21 ? 18.962  -4.973  -5.594  1.00 25.94  ? 60 ASN I O   1 
ATOM 760  C CB  . ASN E 1 21 ? 19.540  -1.787  -4.411  1.00 24.20  ? 60 ASN I CB  1 
ATOM 761  C CG  . ASN E 1 21 ? 19.374  -2.536  -3.110  1.00 24.45  ? 60 ASN I CG  1 
ATOM 762  O OD1 . ASN E 1 21 ? 20.119  -3.470  -2.823  1.00 26.11  ? 60 ASN I OD1 1 
ATOM 763  N ND2 . ASN E 1 21 ? 18.397  -2.125  -2.311  1.00 25.02  ? 60 ASN I ND2 1 
ATOM 764  N N   . ALA E 1 22 ? 20.941  -3.960  -5.947  1.00 23.34  ? 61 ALA I N   1 
ATOM 765  C CA  . ALA E 1 22 ? 21.699  -5.200  -6.055  1.00 23.27  ? 61 ALA I CA  1 
ATOM 766  C C   . ALA E 1 22 ? 23.167  -4.882  -5.801  1.00 23.66  ? 61 ALA I C   1 
ATOM 767  O O   . ALA E 1 22 ? 23.542  -3.728  -5.577  1.00 26.20  ? 61 ALA I O   1 
ATOM 768  C CB  . ALA E 1 22 ? 21.494  -5.861  -7.420  1.00 22.94  ? 61 ALA I CB  1 
ATOM 769  N N   . SER E 1 23 ? 24.002  -5.917  -5.850  1.00 23.08  ? 62 SER I N   1 
ATOM 770  C CA  . SER E 1 23 ? 25.431  -5.756  -5.615  1.00 24.85  ? 62 SER I CA  1 
ATOM 771  C C   . SER E 1 23 ? 26.150  -7.030  -6.031  1.00 25.92  ? 62 SER I C   1 
ATOM 772  O O   . SER E 1 23 ? 25.570  -8.119  -6.038  1.00 27.58  ? 62 SER I O   1 
ATOM 773  C CB  . SER E 1 23 ? 25.731  -5.435  -4.147  1.00 24.88  ? 62 SER I CB  1 
ATOM 774  O OG  . SER E 1 23 ? 27.125  -5.326  -3.926  1.00 25.26  ? 62 SER I OG  1 
ATOM 775  N N   . GLN E 1 24 ? 27.428  -6.872  -6.366  1.00 26.63  ? 63 GLN I N   1 
ATOM 776  C CA  . GLN E 1 24 ? 28.308  -7.987  -6.679  1.00 27.43  ? 63 GLN I CA  1 
ATOM 777  C C   . GLN E 1 24 ? 29.715  -7.626  -6.227  1.00 28.33  ? 63 GLN I C   1 
ATOM 778  O O   . GLN E 1 24 ? 30.049  -6.450  -6.060  1.00 30.36  ? 63 GLN I O   1 
ATOM 779  C CB  . GLN E 1 24 ? 28.302  -8.329  -8.175  1.00 28.76  ? 63 GLN I CB  1 
ATOM 780  C CG  . GLN E 1 24 ? 27.042  -9.024  -8.667  1.00 29.92  ? 63 GLN I CG  1 
ATOM 781  C CD  . GLN E 1 24 ? 27.094  -9.345  -10.148 1.00 32.98  ? 63 GLN I CD  1 
ATOM 782  O OE1 . GLN E 1 24 ? 28.081  -9.057  -10.822 1.00 35.40  ? 63 GLN I OE1 1 
ATOM 783  N NE2 . GLN E 1 24 ? 26.024  -9.941  -10.663 1.00 32.59  ? 63 GLN I NE2 1 
ATOM 784  N N   . LEU E 1 25 ? 30.541  -8.652  -6.037  1.00 28.39  ? 64 LEU I N   1 
ATOM 785  C CA  . LEU E 1 25 ? 31.898  -8.454  -5.546  1.00 28.69  ? 64 LEU I CA  1 
ATOM 786  C C   . LEU E 1 25 ? 32.703  -9.728  -5.753  1.00 30.12  ? 64 LEU I C   1 
ATOM 787  O O   . LEU E 1 25 ? 32.208  -10.828 -5.494  1.00 32.66  ? 64 LEU I O   1 
ATOM 788  C CB  . LEU E 1 25 ? 31.897  -8.047  -4.065  1.00 28.86  ? 64 LEU I CB  1 
ATOM 789  C CG  . LEU E 1 25 ? 33.244  -7.953  -3.346  1.00 30.08  ? 64 LEU I CG  1 
ATOM 790  C CD1 . LEU E 1 25 ? 34.172  -6.994  -4.037  1.00 30.67  ? 64 LEU I CD1 1 
ATOM 791  C CD2 . LEU E 1 25 ? 33.030  -7.521  -1.901  1.00 31.38  ? 64 LEU I CD2 1 
ATOM 792  N N   . LYS E 1 26 ? 33.940  -9.567  -6.221  1.00 28.65  ? 65 LYS I N   1 
ATOM 793  C CA  . LYS E 1 26 ? 34.831  -10.689 -6.492  1.00 29.72  ? 65 LYS I CA  1 
ATOM 794  C C   . LYS E 1 26 ? 36.259  -10.279 -6.171  1.00 30.49  ? 65 LYS I C   1 
ATOM 795  O O   . LYS E 1 26 ? 36.673  -9.164  -6.498  1.00 32.71  ? 65 LYS I O   1 
ATOM 796  C CB  . LYS E 1 26 ? 34.747  -11.141 -7.956  1.00 29.42  ? 65 LYS I CB  1 
ATOM 797  C CG  . LYS E 1 26 ? 33.382  -11.603 -8.425  1.00 29.59  ? 65 LYS I CG  1 
ATOM 798  C CD  . LYS E 1 26 ? 33.370  -11.763 -9.935  1.00 29.74  ? 65 LYS I CD  1 
ATOM 799  C CE  . LYS E 1 26 ? 32.170  -12.563 -10.400 1.00 30.45  ? 65 LYS I CE  1 
ATOM 800  N NZ  . LYS E 1 26 ? 32.350  -13.065 -11.789 1.00 30.73  ? 65 LYS I NZ  1 
ATOM 801  N N   . ALA E 1 27 ? 37.002  -11.178 -5.534  1.00 31.01  ? 66 ALA I N   1 
ATOM 802  C CA  . ALA E 1 27 ? 38.424  -10.993 -5.294  1.00 31.72  ? 66 ALA I CA  1 
ATOM 803  C C   . ALA E 1 27 ? 39.192  -12.175 -5.870  1.00 32.94  ? 66 ALA I C   1 
ATOM 804  O O   . ALA E 1 27 ? 38.712  -13.312 -5.863  1.00 34.78  ? 66 ALA I O   1 
ATOM 805  C CB  . ALA E 1 27 ? 38.729  -10.847 -3.799  1.00 32.17  ? 66 ALA I CB  1 
ATOM 806  N N   . VAL E 1 28 ? 40.392  -11.898 -6.369  1.00 33.08  ? 67 VAL I N   1 
ATOM 807  C CA  . VAL E 1 28 ? 41.231  -12.933 -6.964  1.00 33.71  ? 67 VAL I CA  1 
ATOM 808  C C   . VAL E 1 28 ? 42.667  -12.792 -6.474  1.00 34.28  ? 67 VAL I C   1 
ATOM 809  O O   . VAL E 1 28 ? 43.234  -13.726 -5.906  1.00 33.89  ? 67 VAL I O   1 
ATOM 810  C CB  . VAL E 1 28 ? 41.176  -12.888 -8.503  1.00 34.42  ? 67 VAL I CB  1 
ATOM 811  C CG1 . VAL E 1 28 ? 42.259  -13.774 -9.098  1.00 34.54  ? 67 VAL I CG1 1 
ATOM 812  C CG2 . VAL E 1 28 ? 39.804  -13.315 -9.004  1.00 33.54  ? 67 VAL I CG2 1 
ATOM 813  N N   . MET F 1 12 ? 28.918  -2.139  -0.485  1.00 107.71 ? 51 MET J N   1 
ATOM 814  C CA  . MET F 1 12 ? 28.252  -1.650  0.716   1.00 112.19 ? 51 MET J CA  1 
ATOM 815  C C   . MET F 1 12 ? 27.143  -0.665  0.364   1.00 110.70 ? 51 MET J C   1 
ATOM 816  O O   . MET F 1 12 ? 27.409  0.486   0.021   1.00 113.33 ? 51 MET J O   1 
ATOM 817  C CB  . MET F 1 12 ? 29.261  -0.994  1.659   1.00 114.75 ? 51 MET J CB  1 
ATOM 818  C CG  . MET F 1 12 ? 28.644  -0.410  2.919   1.00 118.37 ? 51 MET J CG  1 
ATOM 819  S SD  . MET F 1 12 ? 29.882  0.198   4.080   1.00 137.19 ? 51 MET J SD  1 
ATOM 820  C CE  . MET F 1 12 ? 28.843  1.050   5.264   1.00 125.70 ? 51 MET J CE  1 
ATOM 821  N N   . LEU F 1 13 ? 25.897  -1.122  0.452   1.00 108.09 ? 52 LEU J N   1 
ATOM 822  C CA  . LEU F 1 13 ? 24.727  -0.315  0.110   1.00 106.32 ? 52 LEU J CA  1 
ATOM 823  C C   . LEU F 1 13 ? 23.994  0.026   1.404   1.00 106.48 ? 52 LEU J C   1 
ATOM 824  O O   . LEU F 1 13 ? 23.079  -0.680  1.832   1.00 111.25 ? 52 LEU J O   1 
ATOM 825  C CB  . LEU F 1 13 ? 23.817  -1.056  -0.882  1.00 106.42 ? 52 LEU J CB  1 
ATOM 826  C CG  . LEU F 1 13 ? 24.274  -1.185  -2.338  1.00 107.14 ? 52 LEU J CG  1 
ATOM 827  C CD1 . LEU F 1 13 ? 25.408  -2.189  -2.498  1.00 104.88 ? 52 LEU J CD1 1 
ATOM 828  C CD2 . LEU F 1 13 ? 23.096  -1.566  -3.216  1.00 108.76 ? 52 LEU J CD2 1 
ATOM 829  N N   . ASP F 1 14 ? 24.404  1.125   2.029   1.00 103.35 ? 53 ASP J N   1 
ATOM 830  C CA  . ASP F 1 14 ? 23.805  1.585   3.277   1.00 104.25 ? 53 ASP J CA  1 
ATOM 831  C C   . ASP F 1 14 ? 22.661  2.537   2.949   1.00 104.05 ? 53 ASP J C   1 
ATOM 832  O O   . ASP F 1 14 ? 22.890  3.656   2.478   1.00 108.86 ? 53 ASP J O   1 
ATOM 833  C CB  . ASP F 1 14 ? 24.852  2.265   4.157   1.00 106.77 ? 53 ASP J CB  1 
ATOM 834  C CG  . ASP F 1 14 ? 24.253  2.897   5.403   1.00 110.59 ? 53 ASP J CG  1 
ATOM 835  O OD1 . ASP F 1 14 ? 23.139  2.500   5.806   1.00 111.55 ? 53 ASP J OD1 1 
ATOM 836  O OD2 . ASP F 1 14 ? 24.899  3.796   5.979   1.00 109.61 ? 53 ASP J OD2 1 
ATOM 837  N N   . ILE F 1 15 ? 21.430  2.098   3.197   1.00 102.19 ? 54 ILE J N   1 
ATOM 838  C CA  . ILE F 1 15 ? 20.242  2.920   3.003   1.00 102.04 ? 54 ILE J CA  1 
ATOM 839  C C   . ILE F 1 15 ? 19.615  3.201   4.361   1.00 103.62 ? 54 ILE J C   1 
ATOM 840  O O   . ILE F 1 15 ? 19.358  2.273   5.137   1.00 110.83 ? 54 ILE J O   1 
ATOM 841  C CB  . ILE F 1 15 ? 19.228  2.251   2.059   1.00 101.45 ? 54 ILE J CB  1 
ATOM 842  C CG1 . ILE F 1 15 ? 19.781  2.182   0.631   1.00 102.71 ? 54 ILE J CG1 1 
ATOM 843  C CG2 . ILE F 1 15 ? 17.907  3.002   2.087   1.00 99.07  ? 54 ILE J CG2 1 
ATOM 844  C CD1 . ILE F 1 15 ? 20.537  0.909   0.313   1.00 101.24 ? 54 ILE J CD1 1 
ATOM 845  N N   . ALA F 1 16 ? 19.373  4.476   4.645   1.00 100.80 ? 55 ALA J N   1 
ATOM 846  C CA  . ALA F 1 16 ? 18.661  4.901   5.839   1.00 101.46 ? 55 ALA J CA  1 
ATOM 847  C C   . ALA F 1 16 ? 17.384  5.619   5.426   1.00 102.16 ? 55 ALA J C   1 
ATOM 848  O O   . ALA F 1 16 ? 17.285  6.172   4.327   1.00 106.87 ? 55 ALA J O   1 
ATOM 849  C CB  . ALA F 1 16 ? 19.527  5.813   6.717   1.00 100.28 ? 55 ALA J CB  1 
ATOM 850  N N   . LEU F 1 17 ? 16.403  5.611   6.323   1.00 102.66 ? 56 LEU J N   1 
ATOM 851  C CA  . LEU F 1 17 ? 15.088  6.136   5.985   1.00 102.03 ? 56 LEU J CA  1 
ATOM 852  C C   . LEU F 1 17 ? 14.336  6.445   7.269   1.00 107.05 ? 56 LEU J C   1 
ATOM 853  O O   . LEU F 1 17 ? 14.265  5.606   8.170   1.00 114.07 ? 56 LEU J O   1 
ATOM 854  C CB  . LEU F 1 17 ? 14.308  5.128   5.128   1.00 101.95 ? 56 LEU J CB  1 
ATOM 855  C CG  . LEU F 1 17 ? 13.087  5.568   4.316   1.00 104.29 ? 56 LEU J CG  1 
ATOM 856  C CD1 . LEU F 1 17 ? 12.901  4.622   3.142   1.00 104.95 ? 56 LEU J CD1 1 
ATOM 857  C CD2 . LEU F 1 17 ? 11.828  5.603   5.165   1.00 106.71 ? 56 LEU J CD2 1 
ATOM 858  N N   . LEU F 1 18 ? 13.783  7.656   7.341   1.00 103.93 ? 57 LEU J N   1 
ATOM 859  C CA  . LEU F 1 18 ? 13.057  8.142   8.512   1.00 103.60 ? 57 LEU J CA  1 
ATOM 860  C C   . LEU F 1 18 ? 11.909  9.016   8.021   1.00 102.58 ? 57 LEU J C   1 
ATOM 861  O O   . LEU F 1 18 ? 12.104  10.208  7.763   1.00 107.38 ? 57 LEU J O   1 
ATOM 862  C CB  . LEU F 1 18 ? 13.987  8.923   9.445   1.00 106.62 ? 57 LEU J CB  1 
ATOM 863  C CG  . LEU F 1 18 ? 15.332  8.291   9.823   1.00 109.98 ? 57 LEU J CG  1 
ATOM 864  C CD1 . LEU F 1 18 ? 16.510  8.927   9.112   1.00 105.50 ? 57 LEU J CD1 1 
ATOM 865  C CD2 . LEU F 1 18 ? 15.519  8.443   11.323  1.00 111.39 ? 57 LEU J CD2 1 
ATOM 866  N N   . MET F 1 19 ? 10.713  8.433   7.903   1.00 100.25 ? 58 MET J N   1 
ATOM 867  C CA  . MET F 1 19 ? 9.549   9.153   7.381   1.00 100.49 ? 58 MET J CA  1 
ATOM 868  C C   . MET F 1 19 ? 8.554   9.422   8.506   1.00 95.95  ? 58 MET J C   1 
ATOM 869  O O   . MET F 1 19 ? 7.634   8.647   8.762   1.00 95.27  ? 58 MET J O   1 
ATOM 870  C CB  . MET F 1 19 ? 8.897   8.381   6.239   1.00 103.05 ? 58 MET J CB  1 
ATOM 871  C CG  . MET F 1 19 ? 9.646   8.453   4.922   1.00 113.68 ? 58 MET J CG  1 
ATOM 872  S SD  . MET F 1 19 ? 8.758   7.630   3.592   1.00 134.15 ? 58 MET J SD  1 
ATOM 873  C CE  . MET F 1 19 ? 7.659   8.951   3.069   1.00 125.49 ? 58 MET J CE  1 
ATOM 874  N N   . ALA F 1 20 ? 8.740   10.555  9.178   1.00 95.68  ? 59 ALA J N   1 
ATOM 875  C CA  . ALA F 1 20 ? 7.766   11.002  10.163  1.00 90.87  ? 59 ALA J CA  1 
ATOM 876  C C   . ALA F 1 20 ? 6.432   11.318  9.488   1.00 87.59  ? 59 ALA J C   1 
ATOM 877  O O   . ALA F 1 20 ? 6.336   11.436  8.263   1.00 90.79  ? 59 ALA J O   1 
ATOM 878  C CB  . ALA F 1 20 ? 8.282   12.228  10.917  1.00 90.46  ? 59 ALA J CB  1 
ATOM 879  N N   . ASN F 1 21 ? 5.391   11.455  10.307  1.00 83.99  ? 60 ASN J N   1 
ATOM 880  C CA  . ASN F 1 21 ? 4.047   11.702  9.803   1.00 80.55  ? 60 ASN J CA  1 
ATOM 881  C C   . ASN F 1 21 ? 3.183   12.180  10.961  1.00 80.53  ? 60 ASN J C   1 
ATOM 882  O O   . ASN F 1 21 ? 3.448   11.862  12.125  1.00 87.01  ? 60 ASN J O   1 
ATOM 883  C CB  . ASN F 1 21 ? 3.453   10.441  9.159   1.00 81.02  ? 60 ASN J CB  1 
ATOM 884  C CG  . ASN F 1 21 ? 2.116   10.691  8.481   1.00 82.59  ? 60 ASN J CG  1 
ATOM 885  O OD1 . ASN F 1 21 ? 1.270   11.431  8.982   1.00 79.69  ? 60 ASN J OD1 1 
ATOM 886  N ND2 . ASN F 1 21 ? 1.921   10.062  7.329   1.00 85.98  ? 60 ASN J ND2 1 
ATOM 887  N N   . ALA F 1 22 ? 2.141   12.935  10.625  1.00 75.60  ? 61 ALA J N   1 
ATOM 888  C CA  . ALA F 1 22 ? 1.224   13.467  11.624  1.00 70.30  ? 61 ALA J CA  1 
ATOM 889  C C   . ALA F 1 22 ? -0.064  13.893  10.937  1.00 70.96  ? 61 ALA J C   1 
ATOM 890  O O   . ALA F 1 22 ? -0.086  14.176  9.735   1.00 80.89  ? 61 ALA J O   1 
ATOM 891  C CB  . ALA F 1 22 ? 1.839   14.645  12.388  1.00 70.91  ? 61 ALA J CB  1 
ATOM 892  N N   . SER F 1 23 ? -1.137  13.943  11.723  1.00 63.88  ? 62 SER J N   1 
ATOM 893  C CA  . SER F 1 23 ? -2.447  14.380  11.262  1.00 63.34  ? 62 SER J CA  1 
ATOM 894  C C   . SER F 1 23 ? -3.304  14.679  12.481  1.00 63.17  ? 62 SER J C   1 
ATOM 895  O O   . SER F 1 23 ? -3.236  13.956  13.478  1.00 73.62  ? 62 SER J O   1 
ATOM 896  C CB  . SER F 1 23 ? -3.119  13.316  10.383  1.00 64.08  ? 62 SER J CB  1 
ATOM 897  O OG  . SER F 1 23 ? -4.531  13.416  10.451  1.00 64.31  ? 62 SER J OG  1 
ATOM 898  N N   . GLN F 1 24 ? -4.107  15.737  12.397  1.00 57.28  ? 63 GLN J N   1 
ATOM 899  C CA  . GLN F 1 24 ? -4.895  16.162  13.550  1.00 56.13  ? 63 GLN J CA  1 
ATOM 900  C C   . GLN F 1 24 ? -6.140  16.882  13.050  1.00 60.41  ? 63 GLN J C   1 
ATOM 901  O O   . GLN F 1 24 ? -6.040  17.995  12.526  1.00 71.76  ? 63 GLN J O   1 
ATOM 902  C CB  . GLN F 1 24 ? -4.070  17.060  14.467  1.00 56.88  ? 63 GLN J CB  1 
ATOM 903  C CG  . GLN F 1 24 ? -4.633  17.208  15.871  1.00 62.22  ? 63 GLN J CG  1 
ATOM 904  C CD  . GLN F 1 24 ? -5.651  18.325  15.979  1.00 65.86  ? 63 GLN J CD  1 
ATOM 905  O OE1 . GLN F 1 24 ? -5.645  19.266  15.188  1.00 74.12  ? 63 GLN J OE1 1 
ATOM 906  N NE2 . GLN F 1 24 ? -6.536  18.224  16.964  1.00 63.63  ? 63 GLN J NE2 1 
ATOM 907  N N   . LEU F 1 25 ? -7.296  16.252  13.212  1.00 56.48  ? 64 LEU J N   1 
ATOM 908  C CA  . LEU F 1 25 ? -8.575  16.867  12.895  1.00 58.44  ? 64 LEU J CA  1 
ATOM 909  C C   . LEU F 1 25 ? -9.242  17.356  14.176  1.00 59.38  ? 64 LEU J C   1 
ATOM 910  O O   . LEU F 1 25 ? -8.963  16.871  15.275  1.00 67.18  ? 64 LEU J O   1 
ATOM 911  C CB  . LEU F 1 25 ? -9.505  15.890  12.162  1.00 59.26  ? 64 LEU J CB  1 
ATOM 912  C CG  . LEU F 1 25 ? -9.226  15.340  10.752  1.00 63.27  ? 64 LEU J CG  1 
ATOM 913  C CD1 . LEU F 1 25 ? -7.820  14.778  10.551  1.00 57.76  ? 64 LEU J CD1 1 
ATOM 914  C CD2 . LEU F 1 25 ? -10.272 14.291  10.391  1.00 63.82  ? 64 LEU J CD2 1 
ATOM 915  N N   . LYS F 1 26 ? -10.142 18.324  14.019  1.00 59.31  ? 65 LYS J N   1 
ATOM 916  C CA  . LYS F 1 26 ? -10.811 18.916  15.172  1.00 58.92  ? 65 LYS J CA  1 
ATOM 917  C C   . LYS F 1 26 ? -12.083 19.642  14.756  1.00 65.14  ? 65 LYS J C   1 
ATOM 918  O O   . LYS F 1 26 ? -12.085 20.405  13.785  1.00 79.88  ? 65 LYS J O   1 
ATOM 919  C CB  . LYS F 1 26 ? -9.869  19.875  15.902  1.00 60.21  ? 65 LYS J CB  1 
ATOM 920  C CG  . LYS F 1 26 ? -10.245 20.118  17.353  1.00 65.33  ? 65 LYS J CG  1 
ATOM 921  C CD  . LYS F 1 26 ? -9.277  21.075  18.024  1.00 73.17  ? 65 LYS J CD  1 
ATOM 922  C CE  . LYS F 1 26 ? -9.416  21.021  19.536  1.00 75.35  ? 65 LYS J CE  1 
ATOM 923  N NZ  . LYS F 1 26 ? -8.463  21.941  20.214  1.00 75.91  ? 65 LYS J NZ  1 
ATOM 924  N N   . ALA F 1 27 ? -13.172 19.409  15.490  1.00 60.93  ? 66 ALA J N   1 
ATOM 925  C CA  . ALA F 1 27 ? -14.466 20.034  15.210  1.00 63.93  ? 66 ALA J CA  1 
ATOM 926  C C   . ALA F 1 27 ? -15.073 20.444  16.549  1.00 69.30  ? 66 ALA J C   1 
ATOM 927  O O   . ALA F 1 27 ? -15.737 19.644  17.215  1.00 80.29  ? 66 ALA J O   1 
ATOM 928  C CB  . ALA F 1 27 ? -15.380 19.093  14.439  1.00 63.23  ? 66 ALA J CB  1 
ATOM 929  N N   . VAL F 1 28 ? -14.844 21.693  16.937  1.00 66.99  ? 67 VAL J N   1 
ATOM 930  C CA  . VAL F 1 28 ? -15.286 22.206  18.231  1.00 70.35  ? 67 VAL J CA  1 
ATOM 931  C C   . VAL F 1 28 ? -16.586 22.963  17.981  1.00 74.28  ? 67 VAL J C   1 
ATOM 932  O O   . VAL F 1 28 ? -16.594 24.167  17.713  1.00 80.78  ? 67 VAL J O   1 
ATOM 933  C CB  . VAL F 1 28 ? -14.222 23.082  18.890  1.00 72.59  ? 67 VAL J CB  1 
ATOM 934  C CG1 . VAL F 1 28 ? -14.703 23.572  20.248  1.00 74.87  ? 67 VAL J CG1 1 
ATOM 935  C CG2 . VAL F 1 28 ? -12.918 22.313  19.027  1.00 65.29  ? 67 VAL J CG2 1 
ATOM 936  N N   . VAL F 1 29 ? -17.706 22.242  18.063  1.00 74.01  ? 68 VAL J N   1 
ATOM 937  C CA  . VAL F 1 29 ? -19.003 22.902  18.019  1.00 79.53  ? 68 VAL J CA  1 
ATOM 938  C C   . VAL F 1 29 ? -19.313 23.511  19.384  1.00 85.45  ? 68 VAL J C   1 
ATOM 939  O O   . VAL F 1 29 ? -18.911 23.001  20.435  1.00 91.71  ? 68 VAL J O   1 
ATOM 940  C CB  . VAL F 1 29 ? -20.099 21.916  17.582  1.00 83.25  ? 68 VAL J CB  1 
ATOM 941  C CG1 . VAL F 1 29 ? -21.397 22.648  17.275  1.00 81.54  ? 68 VAL J CG1 1 
ATOM 942  C CG2 . VAL F 1 29 ? -19.639 21.116  16.374  1.00 79.78  ? 68 VAL J CG2 1 
ATOM 943  N N   . GLU F 1 30 ? -20.038 24.624  19.364  1.00 83.34  ? 69 GLU J N   1 
ATOM 944  C CA  . GLU F 1 30 ? -20.359 25.331  20.597  1.00 84.96  ? 69 GLU J CA  1 
ATOM 945  C C   . GLU F 1 30 ? -21.866 25.366  20.825  1.00 83.57  ? 69 GLU J C   1 
ATOM 946  O O   . GLU F 1 30 ? -22.640 24.903  19.986  1.00 81.87  ? 69 GLU J O   1 
ATOM 947  C CB  . GLU F 1 30 ? -19.796 26.752  20.565  1.00 89.12  ? 69 GLU J CB  1 
ATOM 948  C CG  . GLU F 1 30 ? -18.277 26.822  20.520  1.00 93.10  ? 69 GLU J CG  1 
ATOM 949  C CD  . GLU F 1 30 ? -17.633 26.681  21.884  1.00 95.69  ? 69 GLU J CD  1 
ATOM 950  O OE1 . GLU F 1 30 ? -17.611 27.674  22.642  1.00 100.28 ? 69 GLU J OE1 1 
ATOM 951  O OE2 . GLU F 1 30 ? -17.131 25.581  22.194  1.00 91.28  ? 69 GLU J OE2 1 
ATOM 952  N N   . SER G 1 4  ? 30.192  -22.759 -15.051 1.00 26.77  ? 43 SER K N   1 
ATOM 953  C CA  . SER G 1 4  ? 29.268  -22.244 -14.047 1.00 27.78  ? 43 SER K CA  1 
ATOM 954  C C   . SER G 1 4  ? 28.292  -21.248 -14.660 1.00 28.28  ? 43 SER K C   1 
ATOM 955  O O   . SER G 1 4  ? 28.685  -20.381 -15.439 1.00 30.55  ? 43 SER K O   1 
ATOM 956  C CB  . SER G 1 4  ? 30.036  -21.587 -12.898 1.00 28.61  ? 43 SER K CB  1 
ATOM 957  O OG  . SER G 1 4  ? 29.170  -20.813 -12.085 1.00 29.46  ? 43 SER K OG  1 
ATOM 958  N N   . LYS G 1 5  ? 27.017  -21.374 -14.297 1.00 27.44  ? 44 LYS K N   1 
ATOM 959  C CA  . LYS G 1 5  ? 25.977  -20.498 -14.815 1.00 27.17  ? 44 LYS K CA  1 
ATOM 960  C C   . LYS G 1 5  ? 24.926  -20.294 -13.736 1.00 27.41  ? 44 LYS K C   1 
ATOM 961  O O   . LYS G 1 5  ? 24.519  -21.248 -13.070 1.00 29.60  ? 44 LYS K O   1 
ATOM 962  C CB  . LYS G 1 5  ? 25.331  -21.079 -16.080 1.00 27.54  ? 44 LYS K CB  1 
ATOM 963  C CG  . LYS G 1 5  ? 26.165  -20.912 -17.339 1.00 29.57  ? 44 LYS K CG  1 
ATOM 964  C CD  . LYS G 1 5  ? 25.430  -21.429 -18.564 1.00 31.34  ? 44 LYS K CD  1 
ATOM 965  C CE  . LYS G 1 5  ? 25.564  -22.938 -18.685 1.00 32.04  ? 44 LYS K CE  1 
ATOM 966  N NZ  . LYS G 1 5  ? 25.105  -23.435 -20.012 1.00 33.58  ? 44 LYS K NZ  1 
ATOM 967  N N   . LYS G 1 6  ? 24.490  -19.048 -13.568 1.00 25.26  ? 45 LYS K N   1 
ATOM 968  C CA  . LYS G 1 6  ? 23.473  -18.707 -12.585 1.00 24.54  ? 45 LYS K CA  1 
ATOM 969  C C   . LYS G 1 6  ? 22.413  -17.823 -13.229 1.00 23.89  ? 45 LYS K C   1 
ATOM 970  O O   . LYS G 1 6  ? 22.506  -17.447 -14.401 1.00 26.12  ? 45 LYS K O   1 
ATOM 971  C CB  . LYS G 1 6  ? 24.072  -17.992 -11.367 1.00 25.86  ? 45 LYS K CB  1 
ATOM 972  C CG  . LYS G 1 6  ? 25.274  -18.667 -10.741 1.00 28.84  ? 45 LYS K CG  1 
ATOM 973  C CD  . LYS G 1 6  ? 25.661  -17.949 -9.459  1.00 31.82  ? 45 LYS K CD  1 
ATOM 974  C CE  . LYS G 1 6  ? 26.822  -18.629 -8.763  1.00 35.11  ? 45 LYS K CE  1 
ATOM 975  N NZ  . LYS G 1 6  ? 27.464  -17.725 -7.770  1.00 36.51  ? 45 LYS K NZ  1 
ATOM 976  N N   . SER G 1 7  ? 21.402  -17.489 -12.430 1.00 22.36  ? 46 SER K N   1 
ATOM 977  C CA  . SER G 1 7  ? 20.346  -16.559 -12.808 1.00 21.42  ? 46 SER K CA  1 
ATOM 978  C C   . SER G 1 7  ? 19.490  -16.251 -11.588 1.00 21.38  ? 46 SER K C   1 
ATOM 979  O O   . SER G 1 7  ? 19.353  -17.094 -10.695 1.00 24.09  ? 46 SER K O   1 
ATOM 980  C CB  . SER G 1 7  ? 19.481  -17.127 -13.933 1.00 22.22  ? 46 SER K CB  1 
ATOM 981  O OG  . SER G 1 7  ? 18.437  -16.227 -14.255 1.00 23.92  ? 46 SER K OG  1 
ATOM 982  N N   . ALA G 1 8  ? 18.913  -15.051 -11.531 1.00 20.33  ? 47 ALA K N   1 
ATOM 983  C CA  . ALA G 1 8  ? 18.080  -14.673 -10.388 1.00 20.24  ? 47 ALA K CA  1 
ATOM 984  C C   . ALA G 1 8  ? 16.958  -13.774 -10.903 1.00 20.86  ? 47 ALA K C   1 
ATOM 985  O O   . ALA G 1 8  ? 17.127  -12.558 -11.028 1.00 23.00  ? 47 ALA K O   1 
ATOM 986  C CB  . ALA G 1 8  ? 18.900  -13.988 -9.305  1.00 20.01  ? 47 ALA K CB  1 
ATOM 987  N N   . ALA G 1 9  ? 15.811  -14.384 -11.190 1.00 20.28  ? 48 ALA K N   1 
ATOM 988  C CA  . ALA G 1 9  ? 14.615  -13.655 -11.592 1.00 20.77  ? 48 ALA K CA  1 
ATOM 989  C C   . ALA G 1 9  ? 13.858  -13.261 -10.331 1.00 21.78  ? 48 ALA K C   1 
ATOM 990  O O   . ALA G 1 9  ? 13.328  -14.122 -9.622  1.00 23.80  ? 48 ALA K O   1 
ATOM 991  C CB  . ALA G 1 9  ? 13.748  -14.501 -12.520 1.00 21.29  ? 48 ALA K CB  1 
ATOM 992  N N   . GLU G 1 10 ? 13.810  -11.964 -10.049 1.00 21.58  ? 49 GLU K N   1 
ATOM 993  C CA  . GLU G 1 10 ? 13.229  -11.464 -8.815  1.00 22.25  ? 49 GLU K CA  1 
ATOM 994  C C   . GLU G 1 10 ? 12.241  -10.353 -9.139  1.00 22.98  ? 49 GLU K C   1 
ATOM 995  O O   . GLU G 1 10 ? 12.472  -9.542  -10.039 1.00 26.31  ? 49 GLU K O   1 
ATOM 996  C CB  . GLU G 1 10 ? 14.328  -10.963 -7.871  1.00 23.24  ? 49 GLU K CB  1 
ATOM 997  C CG  . GLU G 1 10 ? 13.879  -10.649 -6.463  1.00 25.57  ? 49 GLU K CG  1 
ATOM 998  C CD  . GLU G 1 10 ? 15.052  -10.336 -5.556  1.00 28.01  ? 49 GLU K CD  1 
ATOM 999  O OE1 . GLU G 1 10 ? 16.189  -10.239 -6.066  1.00 26.92  ? 49 GLU K OE1 1 
ATOM 1000 O OE2 . GLU G 1 10 ? 14.843  -10.207 -4.334  1.00 30.80  ? 49 GLU K OE2 1 
ATOM 1001 N N   . SER G 1 11 ? 11.137  -10.322 -8.400  1.00 21.67  ? 50 SER K N   1 
ATOM 1002 C CA  . SER G 1 11 ? 10.094  -9.338  -8.654  1.00 21.86  ? 50 SER K CA  1 
ATOM 1003 C C   . SER G 1 11 ? 9.254   -9.166  -7.398  1.00 22.77  ? 50 SER K C   1 
ATOM 1004 O O   . SER G 1 11 ? 9.299   -9.985  -6.477  1.00 24.86  ? 50 SER K O   1 
ATOM 1005 C CB  . SER G 1 11 ? 9.219   -9.746  -9.844  1.00 22.42  ? 50 SER K CB  1 
ATOM 1006 O OG  . SER G 1 11 ? 7.973   -9.073  -9.811  1.00 24.14  ? 50 SER K OG  1 
ATOM 1007 N N   . MET G 1 12 ? 8.487   -8.076  -7.373  1.00 21.80  ? 51 MET K N   1 
ATOM 1008 C CA  . MET G 1 12 ? 7.585   -7.784  -6.266  1.00 22.50  ? 51 MET K CA  1 
ATOM 1009 C C   . MET G 1 12 ? 6.539   -6.751  -6.669  1.00 22.12  ? 51 MET K C   1 
ATOM 1010 O O   . MET G 1 12 ? 6.882   -5.626  -7.046  1.00 24.72  ? 51 MET K O   1 
ATOM 1011 C CB  . MET G 1 12 ? 8.370   -7.293  -5.050  1.00 23.72  ? 51 MET K CB  1 
ATOM 1012 C CG  . MET G 1 12 ? 9.528   -6.387  -5.400  1.00 25.54  ? 51 MET K CG  1 
ATOM 1013 S SD  . MET G 1 12 ? 9.847   -5.163  -4.124  1.00 33.23  ? 51 MET K SD  1 
ATOM 1014 C CE  . MET G 1 12 ? 10.140  -6.207  -2.709  1.00 30.98  ? 51 MET K CE  1 
ATOM 1015 N N   . LEU G 1 13 ? 5.265   -7.117  -6.591  1.00 20.96  ? 52 LEU K N   1 
ATOM 1016 C CA  . LEU G 1 13 ? 4.169   -6.216  -6.913  1.00 20.25  ? 52 LEU K CA  1 
ATOM 1017 C C   . LEU G 1 13 ? 3.534   -5.690  -5.629  1.00 20.34  ? 52 LEU K C   1 
ATOM 1018 O O   . LEU G 1 13 ? 3.725   -6.240  -4.542  1.00 22.74  ? 52 LEU K O   1 
ATOM 1019 C CB  . LEU G 1 13 ? 3.140   -6.936  -7.791  1.00 20.79  ? 52 LEU K CB  1 
ATOM 1020 C CG  . LEU G 1 13 ? 2.135   -6.126  -8.614  1.00 21.79  ? 52 LEU K CG  1 
ATOM 1021 C CD1 . LEU G 1 13 ? 1.892   -6.830  -9.934  1.00 23.12  ? 52 LEU K CD1 1 
ATOM 1022 C CD2 . LEU G 1 13 ? 0.821   -5.951  -7.869  1.00 20.56  ? 52 LEU K CD2 1 
ATOM 1023 N N   . ASP G 1 14 ? 2.771   -4.606  -5.762  1.00 18.87  ? 53 ASP K N   1 
ATOM 1024 C CA  . ASP G 1 14 ? 2.126   -3.989  -4.613  1.00 18.65  ? 53 ASP K CA  1 
ATOM 1025 C C   . ASP G 1 14 ? 0.923   -3.190  -5.100  1.00 18.64  ? 53 ASP K C   1 
ATOM 1026 O O   . ASP G 1 14 ? 0.934   -2.644  -6.207  1.00 21.00  ? 53 ASP K O   1 
ATOM 1027 C CB  . ASP G 1 14 ? 3.109   -3.091  -3.847  1.00 18.96  ? 53 ASP K CB  1 
ATOM 1028 C CG  . ASP G 1 14 ? 2.522   -2.510  -2.567  1.00 19.87  ? 53 ASP K CG  1 
ATOM 1029 O OD1 . ASP G 1 14 ? 1.390   -1.987  -2.587  1.00 18.86  ? 53 ASP K OD1 1 
ATOM 1030 O OD2 . ASP G 1 14 ? 3.212   -2.573  -1.526  1.00 21.60  ? 53 ASP K OD2 1 
ATOM 1031 N N   . ILE G 1 15 ? -0.112  -3.131  -4.259  1.00 18.06  ? 54 ILE K N   1 
ATOM 1032 C CA  . ILE G 1 15 ? -1.340  -2.397  -4.556  1.00 17.72  ? 54 ILE K CA  1 
ATOM 1033 C C   . ILE G 1 15 ? -1.811  -1.724  -3.272  1.00 18.69  ? 54 ILE K C   1 
ATOM 1034 O O   . ILE G 1 15 ? -1.608  -2.244  -2.172  1.00 21.90  ? 54 ILE K O   1 
ATOM 1035 C CB  . ILE G 1 15 ? -2.440  -3.327  -5.130  1.00 18.95  ? 54 ILE K CB  1 
ATOM 1036 C CG1 . ILE G 1 15 ? -1.998  -3.948  -6.455  1.00 18.39  ? 54 ILE K CG1 1 
ATOM 1037 C CG2 . ILE G 1 15 ? -3.761  -2.588  -5.309  1.00 18.37  ? 54 ILE K CG2 1 
ATOM 1038 C CD1 . ILE G 1 15 ? -3.021  -4.876  -7.058  1.00 19.82  ? 54 ILE K CD1 1 
ATOM 1039 N N   . ALA G 1 16 ? -2.446  -0.560  -3.413  1.00 17.39  ? 55 ALA K N   1 
ATOM 1040 C CA  . ALA G 1 16 ? -3.055  0.118   -2.278  1.00 18.05  ? 55 ALA K CA  1 
ATOM 1041 C C   . ALA G 1 16 ? -4.245  0.934   -2.761  1.00 19.11  ? 55 ALA K C   1 
ATOM 1042 O O   . ALA G 1 16 ? -4.160  1.626   -3.779  1.00 21.60  ? 55 ALA K O   1 
ATOM 1043 C CB  . ALA G 1 16 ? -2.049  1.020   -1.555  1.00 17.93  ? 55 ALA K CB  1 
ATOM 1044 N N   . LEU G 1 17 ? -5.343  0.862   -2.011  1.00 18.76  ? 56 LEU K N   1 
ATOM 1045 C CA  . LEU G 1 17 ? -6.587  1.542   -2.346  1.00 19.13  ? 56 LEU K CA  1 
ATOM 1046 C C   . LEU G 1 17 ? -7.082  2.340   -1.148  1.00 20.36  ? 56 LEU K C   1 
ATOM 1047 O O   . LEU G 1 17 ? -6.854  1.966   0.004   1.00 22.72  ? 56 LEU K O   1 
ATOM 1048 C CB  . LEU G 1 17 ? -7.676  0.550   -2.775  1.00 19.49  ? 56 LEU K CB  1 
ATOM 1049 C CG  . LEU G 1 17 ? -7.949  0.265   -4.254  1.00 18.99  ? 56 LEU K CG  1 
ATOM 1050 C CD1 . LEU G 1 17 ? -8.672  1.432   -4.905  1.00 20.80  ? 56 LEU K CD1 1 
ATOM 1051 C CD2 . LEU G 1 17 ? -6.662  -0.049  -4.993  1.00 18.99  ? 56 LEU K CD2 1 
ATOM 1052 N N   . LEU G 1 18 ? -7.777  3.438   -1.434  1.00 20.61  ? 57 LEU K N   1 
ATOM 1053 C CA  . LEU G 1 18 ? -8.349  4.290   -0.401  1.00 21.02  ? 57 LEU K CA  1 
ATOM 1054 C C   . LEU G 1 18 ? -9.614  4.933   -0.950  1.00 22.31  ? 57 LEU K C   1 
ATOM 1055 O O   . LEU G 1 18 ? -9.623  5.420   -2.085  1.00 24.82  ? 57 LEU K O   1 
ATOM 1056 C CB  . LEU G 1 18 ? -7.360  5.377   0.044   1.00 22.15  ? 57 LEU K CB  1 
ATOM 1057 C CG  . LEU G 1 18 ? -6.172  5.002   0.934   1.00 22.02  ? 57 LEU K CG  1 
ATOM 1058 C CD1 . LEU G 1 18 ? -4.961  4.679   0.082   1.00 22.19  ? 57 LEU K CD1 1 
ATOM 1059 C CD2 . LEU G 1 18 ? -5.844  6.124   1.906   1.00 23.22  ? 57 LEU K CD2 1 
ATOM 1060 N N   . MET G 1 19 ? -10.680 4.937   -0.145  1.00 21.84  ? 58 MET K N   1 
ATOM 1061 C CA  . MET G 1 19 ? -11.946 5.549   -0.557  1.00 23.01  ? 58 MET K CA  1 
ATOM 1062 C C   . MET G 1 19 ? -12.580 6.197   0.669   1.00 23.60  ? 58 MET K C   1 
ATOM 1063 O O   . MET G 1 19 ? -13.296 5.531   1.422   1.00 26.49  ? 58 MET K O   1 
ATOM 1064 C CB  . MET G 1 19 ? -12.893 4.533   -1.183  1.00 24.44  ? 58 MET K CB  1 
ATOM 1065 C CG  . MET G 1 19 ? -12.309 3.636   -2.258  1.00 25.66  ? 58 MET K CG  1 
ATOM 1066 S SD  . MET G 1 19 ? -13.600 2.811   -3.210  1.00 33.75  ? 58 MET K SD  1 
ATOM 1067 C CE  . MET G 1 19 ? -15.042 3.768   -2.738  1.00 28.68  ? 58 MET K CE  1 
ATOM 1068 N N   . ALA G 1 20 ? -12.319 7.487   0.861   1.00 22.92  ? 59 ALA K N   1 
ATOM 1069 C CA  . ALA G 1 20 ? -12.983 8.269   1.901   1.00 23.63  ? 59 ALA K CA  1 
ATOM 1070 C C   . ALA G 1 20 ? -14.131 9.027   1.251   1.00 25.00  ? 59 ALA K C   1 
ATOM 1071 O O   . ALA G 1 20 ? -13.918 10.033  0.573   1.00 27.32  ? 59 ALA K O   1 
ATOM 1072 C CB  . ALA G 1 20 ? -12.003 9.215   2.584   1.00 23.96  ? 59 ALA K CB  1 
ATOM 1073 N N   . ASN G 1 21 ? -15.351 8.534   1.426   1.00 23.22  ? 60 ASN K N   1 
ATOM 1074 C CA  . ASN G 1 21 ? -16.527 9.205   0.896   1.00 23.93  ? 60 ASN K CA  1 
ATOM 1075 C C   . ASN G 1 21 ? -17.566 9.389   1.996   1.00 23.69  ? 60 ASN K C   1 
ATOM 1076 O O   . ASN G 1 21 ? -17.430 8.876   3.108   1.00 25.94  ? 60 ASN K O   1 
ATOM 1077 C CB  . ASN G 1 21 ? -17.114 8.434   -0.296  1.00 24.20  ? 60 ASN K CB  1 
ATOM 1078 C CG  . ASN G 1 21 ? -17.711 7.105   0.097   1.00 24.45  ? 60 ASN K CG  1 
ATOM 1079 O OD1 . ASN G 1 21 ? -18.807 7.047   0.651   1.00 26.11  ? 60 ASN K OD1 1 
ATOM 1080 N ND2 . ASN G 1 21 ? -16.997 6.024   -0.192  1.00 25.02  ? 60 ASN K ND2 1 
ATOM 1081 N N   . ALA G 1 22 ? -18.612 10.145  1.672   1.00 23.34  ? 61 ALA K N   1 
ATOM 1082 C CA  . ALA G 1 22 ? -19.699 10.412  2.605   1.00 23.27  ? 61 ALA K CA  1 
ATOM 1083 C C   . ALA G 1 22 ? -20.921 10.837  1.801   1.00 23.66  ? 61 ALA K C   1 
ATOM 1084 O O   . ALA G 1 22 ? -20.875 10.931  0.572   1.00 26.20  ? 61 ALA K O   1 
ATOM 1085 C CB  . ALA G 1 22 ? -19.301 11.476  3.632   1.00 22.94  ? 61 ALA K CB  1 
ATOM 1086 N N   . SER G 1 23 ? -22.014 11.109  2.508   1.00 23.08  ? 62 SER K N   1 
ATOM 1087 C CA  . SER G 1 23 ? -23.256 11.516  1.866   1.00 24.85  ? 62 SER K CA  1 
ATOM 1088 C C   . SER G 1 23 ? -24.216 12.040  2.922   1.00 25.92  ? 62 SER K C   1 
ATOM 1089 O O   . SER G 1 23 ? -24.136 11.672  4.098   1.00 27.58  ? 62 SER K O   1 
ATOM 1090 C CB  . SER G 1 23 ? -23.900 10.359  1.093   1.00 24.88  ? 62 SER K CB  1 
ATOM 1091 O OG  . SER G 1 23 ? -25.129 10.758  0.512   1.00 25.26  ? 62 SER K OG  1 
ATOM 1092 N N   . GLN G 1 24 ? -25.132 12.898  2.478   1.00 26.63  ? 63 GLN K N   1 
ATOM 1093 C CA  . GLN G 1 24 ? -26.204 13.414  3.315   1.00 27.43  ? 63 GLN K CA  1 
ATOM 1094 C C   . GLN G 1 24 ? -27.426 13.641  2.436   1.00 28.33  ? 63 GLN K C   1 
ATOM 1095 O O   . GLN G 1 24 ? -27.319 13.771  1.215   1.00 30.36  ? 63 GLN K O   1 
ATOM 1096 C CB  . GLN G 1 24 ? -25.808 14.718  4.023   1.00 28.76  ? 63 GLN K CB  1 
ATOM 1097 C CG  . GLN G 1 24 ? -24.826 14.548  5.172   1.00 29.92  ? 63 GLN K CG  1 
ATOM 1098 C CD  . GLN G 1 24 ? -24.478 15.864  5.838   1.00 32.98  ? 63 GLN K CD  1 
ATOM 1099 O OE1 . GLN G 1 24 ? -24.979 16.920  5.451   1.00 35.40  ? 63 GLN K OE1 1 
ATOM 1100 N NE2 . GLN G 1 24 ? -23.613 15.808  6.845   1.00 32.59  ? 63 GLN K NE2 1 
ATOM 1101 N N   . LEU G 1 25 ? -28.593 13.694  3.076   1.00 28.39  ? 64 LEU K N   1 
ATOM 1102 C CA  . LEU G 1 25 ? -29.848 13.846  2.353   1.00 28.69  ? 64 LEU K CA  1 
ATOM 1103 C C   . LEU G 1 25 ? -30.953 14.218  3.330   1.00 30.12  ? 64 LEU K C   1 
ATOM 1104 O O   . LEU G 1 25 ? -31.041 13.646  4.418   1.00 32.66  ? 64 LEU K O   1 
ATOM 1105 C CB  . LEU G 1 25 ? -30.205 12.562  1.591   1.00 28.86  ? 64 LEU K CB  1 
ATOM 1106 C CG  . LEU G 1 25 ? -31.572 12.490  0.906   1.00 30.08  ? 64 LEU K CG  1 
ATOM 1107 C CD1 . LEU G 1 25 ? -31.757 13.617  -0.073  1.00 30.67  ? 64 LEU K CD1 1 
ATOM 1108 C CD2 . LEU G 1 25 ? -31.726 11.152  0.196   1.00 31.38  ? 64 LEU K CD2 1 
ATOM 1109 N N   . LYS G 1 26 ? -31.787 15.177  2.929   1.00 28.65  ? 65 LYS K N   1 
ATOM 1110 C CA  . LYS G 1 26 ? -32.885 15.661  3.757   1.00 29.72  ? 65 LYS K CA  1 
ATOM 1111 C C   . LYS G 1 26 ? -34.060 16.019  2.863   1.00 30.49  ? 65 LYS K C   1 
ATOM 1112 O O   . LYS G 1 26 ? -33.873 16.621  1.802   1.00 32.71  ? 65 LYS K O   1 
ATOM 1113 C CB  . LYS G 1 26 ? -32.478 16.889  4.581   1.00 29.42  ? 65 LYS K CB  1 
ATOM 1114 C CG  . LYS G 1 26 ? -31.324 16.683  5.544   1.00 29.59  ? 65 LYS K CG  1 
ATOM 1115 C CD  . LYS G 1 26 ? -30.849 18.018  6.090   1.00 29.74  ? 65 LYS K CD  1 
ATOM 1116 C CE  . LYS G 1 26 ? -29.968 17.837  7.309   1.00 30.45  ? 65 LYS K CE  1 
ATOM 1117 N NZ  . LYS G 1 26 ? -29.832 19.103  8.080   1.00 30.73  ? 65 LYS K NZ  1 
ATOM 1118 N N   . ALA G 1 27 ? -35.263 15.652  3.293   1.00 31.01  ? 66 ALA K N   1 
ATOM 1119 C CA  . ALA G 1 27 ? -36.491 16.055  2.628   1.00 31.72  ? 66 ALA K CA  1 
ATOM 1120 C C   . ALA G 1 27 ? -37.402 16.754  3.628   1.00 32.94  ? 66 ALA K C   1 
ATOM 1121 O O   . ALA G 1 27 ? -37.430 16.410  4.814   1.00 34.78  ? 66 ALA K O   1 
ATOM 1122 C CB  . ALA G 1 27 ? -37.216 14.855  2.009   1.00 32.17  ? 66 ALA K CB  1 
ATOM 1123 N N   . VAL G 1 28 ? -38.149 17.740  3.142   1.00 33.08  ? 67 VAL K N   1 
ATOM 1124 C CA  . VAL G 1 28 ? -39.056 18.503  3.992   1.00 33.71  ? 67 VAL K CA  1 
ATOM 1125 C C   . VAL G 1 28 ? -40.401 18.682  3.298   1.00 34.28  ? 67 VAL K C   1 
ATOM 1126 O O   . VAL G 1 28 ? -41.442 18.298  3.830   1.00 33.89  ? 67 VAL K O   1 
ATOM 1127 C CB  . VAL G 1 28 ? -38.457 19.871  4.372   1.00 34.42  ? 67 VAL K CB  1 
ATOM 1128 C CG1 . VAL G 1 28 ? -39.516 20.755  5.010   1.00 34.54  ? 67 VAL K CG1 1 
ATOM 1129 C CG2 . VAL G 1 28 ? -37.273 19.695  5.312   1.00 33.54  ? 67 VAL K CG2 1 
ATOM 1130 N N   . MET H 1 12 ? -26.644 8.776   -3.844  1.00 107.71 ? 51 MET L N   1 
ATOM 1131 C CA  . MET H 1 12 ? -26.304 7.472   -4.403  1.00 112.19 ? 51 MET L CA  1 
ATOM 1132 C C   . MET H 1 12 ? -24.856 7.441   -4.879  1.00 110.70 ? 51 MET L C   1 
ATOM 1133 O O   . MET H 1 12 ? -24.526 7.995   -5.925  1.00 113.33 ? 51 MET L O   1 
ATOM 1134 C CB  . MET H 1 12 ? -27.247 7.121   -5.555  1.00 114.75 ? 51 MET L CB  1 
ATOM 1135 C CG  . MET H 1 12 ? -26.933 5.797   -6.231  1.00 118.37 ? 51 MET L CG  1 
ATOM 1136 S SD  . MET H 1 12 ? -28.164 5.338   -7.466  1.00 137.19 ? 51 MET L SD  1 
ATOM 1137 C CE  . MET H 1 12 ? -27.361 3.937   -8.240  1.00 125.70 ? 51 MET L CE  1 
ATOM 1138 N N   . LEU H 1 13 ? -23.994 6.788   -4.105  1.00 108.09 ? 52 LEU L N   1 
ATOM 1139 C CA  . LEU H 1 13 ? -22.566 6.701   -4.401  1.00 106.32 ? 52 LEU L CA  1 
ATOM 1140 C C   . LEU H 1 13 ? -22.258 5.269   -4.827  1.00 106.48 ? 52 LEU L C   1 
ATOM 1141 O O   . LEU H 1 13 ? -21.893 4.418   -4.014  1.00 111.25 ? 52 LEU L O   1 
ATOM 1142 C CB  . LEU H 1 13 ? -21.724 7.128   -3.188  1.00 106.42 ? 52 LEU L CB  1 
ATOM 1143 C CG  . LEU H 1 13 ? -21.659 8.616   -2.830  1.00 107.14 ? 52 LEU L CG  1 
ATOM 1144 C CD1 . LEU H 1 13 ? -22.957 9.117   -2.211  1.00 104.88 ? 52 LEU L CD1 1 
ATOM 1145 C CD2 . LEU H 1 13 ? -20.491 8.871   -1.896  1.00 108.76 ? 52 LEU L CD2 1 
ATOM 1146 N N   . ASP H 1 14 ? -22.407 5.007   -6.122  1.00 103.35 ? 53 ASP L N   1 
ATOM 1147 C CA  . ASP H 1 14 ? -22.152 3.685   -6.686  1.00 104.25 ? 53 ASP L CA  1 
ATOM 1148 C C   . ASP H 1 14 ? -20.693 3.614   -7.126  1.00 104.05 ? 53 ASP L C   1 
ATOM 1149 O O   . ASP H 1 14 ? -20.299 4.264   -8.099  1.00 108.86 ? 53 ASP L O   1 
ATOM 1150 C CB  . ASP H 1 14 ? -23.094 3.409   -7.855  1.00 106.77 ? 53 ASP L CB  1 
ATOM 1151 C CG  . ASP H 1 14 ? -22.773 2.111   -8.576  1.00 110.59 ? 53 ASP L CG  1 
ATOM 1152 O OD1 . ASP H 1 14 ? -22.111 1.236   -7.979  1.00 111.55 ? 53 ASP L OD1 1 
ATOM 1153 O OD2 . ASP H 1 14 ? -23.184 1.966   -9.746  1.00 109.61 ? 53 ASP L OD2 1 
ATOM 1154 N N   . ILE H 1 15 ? -19.895 2.825   -6.415  1.00 102.19 ? 54 ILE L N   1 
ATOM 1155 C CA  . ILE H 1 15 ? -18.495 2.599   -6.757  1.00 102.04 ? 54 ILE L CA  1 
ATOM 1156 C C   . ILE H 1 15 ? -18.323 1.148   -7.177  1.00 103.62 ? 54 ILE L C   1 
ATOM 1157 O O   . ILE H 1 15 ? -18.726 0.231   -6.450  1.00 110.83 ? 54 ILE L O   1 
ATOM 1158 C CB  . ILE H 1 15 ? -17.554 2.948   -5.590  1.00 101.45 ? 54 ILE L CB  1 
ATOM 1159 C CG1 . ILE H 1 15 ? -17.558 4.457   -5.325  1.00 102.71 ? 54 ILE L CG1 1 
ATOM 1160 C CG2 . ILE H 1 15 ? -16.146 2.458   -5.886  1.00 99.07  ? 54 ILE L CG2 1 
ATOM 1161 C CD1 . ILE H 1 15 ? -18.581 4.911   -4.304  1.00 101.24 ? 54 ILE L CD1 1 
ATOM 1162 N N   . ALA H 1 16 ? -17.729 0.939   -8.348  1.00 100.80 ? 55 ALA L N   1 
ATOM 1163 C CA  . ALA H 1 16 ? -17.371 -0.384  -8.831  1.00 101.46 ? 55 ALA L CA  1 
ATOM 1164 C C   . ALA H 1 16 ? -15.860 -0.462  -8.994  1.00 102.16 ? 55 ALA L C   1 
ATOM 1165 O O   . ALA H 1 16 ? -15.181 0.551   -9.186  1.00 106.87 ? 55 ALA L O   1 
ATOM 1166 C CB  . ALA H 1 16 ? -18.070 -0.707  -10.157 1.00 100.28 ? 55 ALA L CB  1 
ATOM 1167 N N   . LEU H 1 17 ? -15.334 -1.682  -8.922  1.00 102.66 ? 56 LEU L N   1 
ATOM 1168 C CA  . LEU H 1 17 ? -13.891 -1.865  -8.917  1.00 102.03 ? 56 LEU L CA  1 
ATOM 1169 C C   . LEU H 1 17 ? -13.574 -3.300  -9.306  1.00 107.05 ? 56 LEU L C   1 
ATOM 1170 O O   . LEU H 1 17 ? -14.147 -4.240  -8.749  1.00 114.07 ? 56 LEU L O   1 
ATOM 1171 C CB  . LEU H 1 17 ? -13.310 -1.536  -7.534  1.00 101.95 ? 56 LEU L CB  1 
ATOM 1172 C CG  . LEU H 1 17 ? -11.814 -1.264  -7.356  1.00 104.29 ? 56 LEU L CG  1 
ATOM 1173 C CD1 . LEU H 1 17 ? -11.607 -0.395  -6.128  1.00 104.95 ? 56 LEU L CD1 1 
ATOM 1174 C CD2 . LEU H 1 17 ? -11.017 -2.551  -7.226  1.00 106.71 ? 56 LEU L CD2 1 
ATOM 1175 N N   . LEU H 1 18 ? -12.664 -3.454  -10.267 1.00 103.93 ? 57 LEU L N   1 
ATOM 1176 C CA  . LEU H 1 18 ? -12.263 -4.755  -10.796 1.00 103.60 ? 57 LEU L CA  1 
ATOM 1177 C C   . LEU H 1 18 ? -10.776 -4.690  -11.122 1.00 102.58 ? 57 LEU L C   1 
ATOM 1178 O O   . LEU H 1 18 ? -10.399 -4.237  -12.207 1.00 107.38 ? 57 LEU L O   1 
ATOM 1179 C CB  . LEU H 1 18 ? -13.086 -5.116  -12.037 1.00 106.62 ? 57 LEU L CB  1 
ATOM 1180 C CG  . LEU H 1 18 ? -14.610 -4.968  -11.964 1.00 109.98 ? 57 LEU L CG  1 
ATOM 1181 C CD1 . LEU H 1 18 ? -15.129 -3.761  -12.719 1.00 105.50 ? 57 LEU L CD1 1 
ATOM 1182 C CD2 . LEU H 1 18 ? -15.234 -6.223  -12.549 1.00 111.39 ? 57 LEU L CD2 1 
ATOM 1183 N N   . MET H 1 19 ? -9.933  -5.152  -10.195 1.00 100.25 ? 58 MET L N   1 
ATOM 1184 C CA  . MET H 1 19 ? -8.479  -5.083  -10.365 1.00 100.49 ? 58 MET L CA  1 
ATOM 1185 C C   . MET H 1 19 ? -7.917  -6.482  -10.602 1.00 95.95  ? 58 MET L C   1 
ATOM 1186 O O   . MET H 1 19 ? -7.513  -7.189  -9.680  1.00 95.27  ? 58 MET L O   1 
ATOM 1187 C CB  . MET H 1 19 ? -7.819  -4.418  -9.163  1.00 103.05 ? 58 MET L CB  1 
ATOM 1188 C CG  . MET H 1 19 ? -7.976  -2.910  -9.114  1.00 113.68 ? 58 MET L CG  1 
ATOM 1189 S SD  . MET H 1 19 ? -7.067  -2.178  -7.745  1.00 134.15 ? 58 MET L SD  1 
ATOM 1190 C CE  . MET H 1 19 ? -5.439  -2.012  -8.486  1.00 125.49 ? 58 MET L CE  1 
ATOM 1191 N N   . ALA H 1 20 ? -7.877  -6.877  -11.872 1.00 95.68  ? 59 ALA L N   1 
ATOM 1192 C CA  . ALA H 1 20 ? -7.214  -8.119  -12.242 1.00 90.87  ? 59 ALA L CA  1 
ATOM 1193 C C   . ALA H 1 20 ? -5.717  -8.032  -11.952 1.00 87.59  ? 59 ALA L C   1 
ATOM 1194 O O   . ALA H 1 20 ? -5.163  -6.955  -11.713 1.00 90.79  ? 59 ALA L O   1 
ATOM 1195 C CB  . ALA H 1 20 ? -7.450  -8.439  -13.719 1.00 90.46  ? 59 ALA L CB  1 
ATOM 1196 N N   . ASN H 1 21 ? -5.058  -9.188  -11.975 1.00 83.99  ? 60 ASN L N   1 
ATOM 1197 C CA  . ASN H 1 21 ? -3.636  -9.267  -11.662 1.00 80.55  ? 60 ASN L CA  1 
ATOM 1198 C C   . ASN H 1 21 ? -3.118  -10.616 -12.139 1.00 80.53  ? 60 ASN L C   1 
ATOM 1199 O O   . ASN H 1 21 ? -3.869  -11.590 -12.231 1.00 87.01  ? 60 ASN L O   1 
ATOM 1200 C CB  . ASN H 1 21 ? -3.386  -9.083  -10.159 1.00 81.02  ? 60 ASN L CB  1 
ATOM 1201 C CG  . ASN H 1 21 ? -1.909  -9.001  -9.806  1.00 82.59  ? 60 ASN L CG  1 
ATOM 1202 O OD1 . ASN H 1 21 ? -1.076  -9.720  -10.359 1.00 79.69  ? 60 ASN L OD1 1 
ATOM 1203 N ND2 . ASN H 1 21 ? -1.582  -8.119  -8.872  1.00 85.98  ? 60 ASN L ND2 1 
ATOM 1204 N N   . ALA H 1 22 ? -1.819  -10.660 -12.429 1.00 75.60  ? 61 ALA L N   1 
ATOM 1205 C CA  . ALA H 1 22 ? -1.178  -11.881 -12.898 1.00 70.30  ? 61 ALA L CA  1 
ATOM 1206 C C   . ALA H 1 22 ? 0.327   -11.750 -12.719 1.00 70.96  ? 61 ALA L C   1 
ATOM 1207 O O   . ALA H 1 22 ? 0.870   -10.643 -12.659 1.00 80.89  ? 61 ALA L O   1 
ATOM 1208 C CB  . ALA H 1 22 ? -1.520  -12.174 -14.362 1.00 70.91  ? 61 ALA L CB  1 
ATOM 1209 N N   . SER H 1 23 ? 0.990   -12.900 -12.644 1.00 63.88  ? 62 SER L N   1 
ATOM 1210 C CA  . SER H 1 23 ? 2.440   -12.981 -12.527 1.00 63.34  ? 62 SER L CA  1 
ATOM 1211 C C   . SER H 1 23 ? 2.864   -14.402 -12.858 1.00 63.17  ? 62 SER L C   1 
ATOM 1212 O O   . SER H 1 23 ? 2.184   -15.357 -12.475 1.00 73.62  ? 62 SER L O   1 
ATOM 1213 C CB  . SER H 1 23 ? 2.915   -12.595 -11.120 1.00 64.08  ? 62 SER L CB  1 
ATOM 1214 O OG  . SER H 1 23 ? 4.138   -13.235 -10.801 1.00 64.31  ? 62 SER L OG  1 
ATOM 1215 N N   . GLN H 1 24 ? 3.985   -14.540 -13.563 1.00 57.28  ? 63 GLN L N   1 
ATOM 1216 C CA  . GLN H 1 24 ? 4.421   -15.859 -14.013 1.00 56.13  ? 63 GLN L CA  1 
ATOM 1217 C C   . GLN H 1 24 ? 5.935   -15.842 -14.165 1.00 60.41  ? 63 GLN L C   1 
ATOM 1218 O O   . GLN H 1 24 ? 6.458   -15.199 -15.081 1.00 71.76  ? 63 GLN L O   1 
ATOM 1219 C CB  . GLN H 1 24 ? 3.738   -16.233 -15.324 1.00 56.88  ? 63 GLN L CB  1 
ATOM 1220 C CG  . GLN H 1 24 ? 3.789   -17.716 -15.654 1.00 62.22  ? 63 GLN L CG  1 
ATOM 1221 C CD  . GLN H 1 24 ? 5.050   -18.110 -16.398 1.00 65.86  ? 63 GLN L CD  1 
ATOM 1222 O OE1 . GLN H 1 24 ? 5.679   -17.283 -17.057 1.00 74.12  ? 63 GLN L OE1 1 
ATOM 1223 N NE2 . GLN H 1 24 ? 5.427   -19.378 -16.292 1.00 63.63  ? 63 GLN L NE2 1 
ATOM 1224 N N   . LEU H 1 25 ? 6.629   -16.545 -13.279 1.00 56.48  ? 64 LEU L N   1 
ATOM 1225 C CA  . LEU H 1 25 ? 8.070   -16.724 -13.373 1.00 58.44  ? 64 LEU L CA  1 
ATOM 1226 C C   . LEU H 1 25 ? 8.382   -18.099 -13.952 1.00 59.38  ? 64 LEU L C   1 
ATOM 1227 O O   . LEU H 1 25 ? 7.576   -19.029 -13.876 1.00 67.18  ? 64 LEU L O   1 
ATOM 1228 C CB  . LEU H 1 25 ? 8.747   -16.565 -12.004 1.00 59.26  ? 64 LEU L CB  1 
ATOM 1229 C CG  . LEU H 1 25 ? 8.788   -15.242 -11.218 1.00 63.27  ? 64 LEU L CG  1 
ATOM 1230 C CD1 . LEU H 1 25 ? 7.441   -14.540 -11.077 1.00 57.76  ? 64 LEU L CD1 1 
ATOM 1231 C CD2 . LEU H 1 25 ? 9.410   -15.477 -9.845  1.00 63.82  ? 64 LEU L CD2 1 
ATOM 1232 N N   . LYS H 1 26 ? 9.578   -18.220 -14.525 1.00 59.31  ? 65 LYS L N   1 
ATOM 1233 C CA  . LYS H 1 26 ? 9.975   -19.468 -15.164 1.00 58.92  ? 65 LYS L CA  1 
ATOM 1234 C C   . LYS H 1 26 ? 11.486  -19.541 -15.336 1.00 65.14  ? 65 LYS L C   1 
ATOM 1235 O O   . LYS H 1 26 ? 12.116  -18.578 -15.782 1.00 79.88  ? 65 LYS L O   1 
ATOM 1236 C CB  . LYS H 1 26 ? 9.281   -19.620 -16.519 1.00 60.21  ? 65 LYS L CB  1 
ATOM 1237 C CG  . LYS H 1 26 ? 9.191   -21.056 -17.004 1.00 65.33  ? 65 LYS L CG  1 
ATOM 1238 C CD  . LYS H 1 26 ? 8.495   -21.144 -18.350 1.00 73.17  ? 65 LYS L CD  1 
ATOM 1239 C CE  . LYS H 1 26 ? 8.067   -22.571 -18.650 1.00 75.35  ? 65 LYS L CE  1 
ATOM 1240 N NZ  . LYS H 1 26 ? 7.367   -22.676 -19.959 1.00 75.91  ? 65 LYS L NZ  1 
ATOM 1241 N N   . ALA H 1 27 ? 12.075  -20.684 -14.981 1.00 60.93  ? 66 ALA L N   1 
ATOM 1242 C CA  . ALA H 1 27 ? 13.519  -20.899 -15.091 1.00 63.93  ? 66 ALA L CA  1 
ATOM 1243 C C   . ALA H 1 27 ? 13.730  -22.312 -15.630 1.00 69.30  ? 66 ALA L C   1 
ATOM 1244 O O   . ALA H 1 27 ? 13.761  -23.282 -14.869 1.00 80.29  ? 66 ALA L O   1 
ATOM 1245 C CB  . ALA H 1 27 ? 14.209  -20.696 -13.751 1.00 63.23  ? 66 ALA L CB  1 
ATOM 1246 N N   . VAL H 1 28 ? 13.874  -22.419 -16.947 1.00 66.99  ? 67 VAL L N   1 
ATOM 1247 C CA  . VAL H 1 28 ? 14.000  -23.709 -17.618 1.00 70.35  ? 67 VAL L CA  1 
ATOM 1248 C C   . VAL H 1 28 ? 15.489  -23.939 -17.852 1.00 74.28  ? 67 VAL L C   1 
ATOM 1249 O O   . VAL H 1 28 ? 16.049  -23.560 -18.884 1.00 80.78  ? 67 VAL L O   1 
ATOM 1250 C CB  . VAL H 1 28 ? 13.195  -23.757 -18.915 1.00 72.59  ? 67 VAL L CB  1 
ATOM 1251 C CG1 . VAL H 1 28 ? 13.321  -25.123 -19.571 1.00 74.87  ? 67 VAL L CG1 1 
ATOM 1252 C CG2 . VAL H 1 28 ? 11.737  -23.425 -18.641 1.00 65.29  ? 67 VAL L CG2 1 
ATOM 1253 N N   . VAL H 1 29 ? 16.145  -24.566 -16.874 1.00 74.01  ? 68 VAL L N   1 
ATOM 1254 C CA  . VAL H 1 29 ? 17.523  -24.991 -17.073 1.00 79.53  ? 68 VAL L CA  1 
ATOM 1255 C C   . VAL H 1 29 ? 17.546  -26.277 -17.893 1.00 85.45  ? 68 VAL L C   1 
ATOM 1256 O O   . VAL H 1 29 ? 16.642  -27.117 -17.819 1.00 91.71  ? 68 VAL L O   1 
ATOM 1257 C CB  . VAL H 1 29 ? 18.236  -25.169 -15.723 1.00 83.25  ? 68 VAL L CB  1 
ATOM 1258 C CG1 . VAL H 1 29 ? 19.735  -25.351 -15.921 1.00 81.54  ? 68 VAL L CG1 1 
ATOM 1259 C CG2 . VAL H 1 29 ? 17.957  -23.983 -14.815 1.00 79.78  ? 68 VAL L CG2 1 
ATOM 1260 N N   . GLU H 1 30 ? 18.598  -26.433 -18.688 1.00 83.34  ? 69 GLU L N   1 
ATOM 1261 C CA  . GLU H 1 30 ? 18.716  -27.596 -19.558 1.00 84.96  ? 69 GLU L CA  1 
ATOM 1262 C C   . GLU H 1 30 ? 19.940  -28.427 -19.192 1.00 83.57  ? 69 GLU L C   1 
ATOM 1263 O O   . GLU H 1 30 ? 20.718  -28.049 -18.315 1.00 81.87  ? 69 GLU L O   1 
ATOM 1264 C CB  . GLU H 1 30 ? 18.788  -27.165 -21.024 1.00 89.12  ? 69 GLU L CB  1 
ATOM 1265 C CG  . GLU H 1 30 ? 17.528  -26.483 -21.537 1.00 93.10  ? 69 GLU L CG  1 
ATOM 1266 C CD  . GLU H 1 30 ? 16.449  -27.459 -21.958 1.00 95.69  ? 69 GLU L CD  1 
ATOM 1267 O OE1 . GLU H 1 30 ? 16.546  -28.015 -23.072 1.00 100.28 ? 69 GLU L OE1 1 
ATOM 1268 O OE2 . GLU H 1 30 ? 15.491  -27.655 -21.182 1.00 91.28  ? 69 GLU L OE2 1 
ATOM 1269 N N   . SER I 1 4  ? 28.176  -26.666 -13.085 1.00 26.77  ? 43 SER M N   1 
ATOM 1270 C CA  . SER I 1 4  ? 27.285  -26.144 -12.056 1.00 27.78  ? 43 SER M CA  1 
ATOM 1271 C C   . SER I 1 4  ? 26.314  -25.124 -12.639 1.00 28.28  ? 43 SER M C   1 
ATOM 1272 O O   . SER I 1 4  ? 26.705  -24.256 -13.418 1.00 30.55  ? 43 SER M O   1 
ATOM 1273 C CB  . SER I 1 4  ? 28.089  -25.512 -10.919 1.00 28.61  ? 43 SER M CB  1 
ATOM 1274 O OG  . SER I 1 4  ? 27.257  -24.731 -10.080 1.00 29.46  ? 43 SER M OG  1 
ATOM 1275 N N   . LYS I 1 5  ? 25.046  -25.230 -12.249 1.00 27.44  ? 44 LYS M N   1 
ATOM 1276 C CA  . LYS I 1 5  ? 24.010  -24.330 -12.736 1.00 27.17  ? 44 LYS M CA  1 
ATOM 1277 C C   . LYS I 1 5  ? 22.986  -24.117 -11.632 1.00 27.41  ? 44 LYS M C   1 
ATOM 1278 O O   . LYS I 1 5  ? 22.576  -25.071 -10.967 1.00 29.60  ? 44 LYS M O   1 
ATOM 1279 C CB  . LYS I 1 5  ? 23.328  -24.885 -13.991 1.00 27.54  ? 44 LYS M CB  1 
ATOM 1280 C CG  . LYS I 1 5  ? 24.136  -24.722 -15.268 1.00 29.57  ? 44 LYS M CG  1 
ATOM 1281 C CD  . LYS I 1 5  ? 23.366  -25.213 -16.480 1.00 31.34  ? 44 LYS M CD  1 
ATOM 1282 C CE  . LYS I 1 5  ? 23.468  -26.723 -16.619 1.00 32.04  ? 44 LYS M CE  1 
ATOM 1283 N NZ  . LYS I 1 5  ? 22.971  -27.199 -17.940 1.00 33.58  ? 44 LYS M NZ  1 
ATOM 1284 N N   . LYS I 1 6  ? 22.579  -22.865 -11.443 1.00 25.26  ? 45 LYS M N   1 
ATOM 1285 C CA  . LYS I 1 6  ? 21.590  -22.514 -10.435 1.00 24.54  ? 45 LYS M CA  1 
ATOM 1286 C C   . LYS I 1 6  ? 20.533  -21.606 -11.047 1.00 23.89  ? 45 LYS M C   1 
ATOM 1287 O O   . LYS I 1 6  ? 20.607  -21.220 -12.217 1.00 26.12  ? 45 LYS M O   1 
ATOM 1288 C CB  . LYS I 1 6  ? 22.229  -21.823 -9.222  1.00 25.86  ? 45 LYS M CB  1 
ATOM 1289 C CG  . LYS I 1 6  ? 23.431  -22.526 -8.631  1.00 28.84  ? 45 LYS M CG  1 
ATOM 1290 C CD  . LYS I 1 6  ? 23.859  -21.829 -7.350  1.00 31.82  ? 45 LYS M CD  1 
ATOM 1291 C CE  . LYS I 1 6  ? 25.021  -22.537 -6.687  1.00 35.11  ? 45 LYS M CE  1 
ATOM 1292 N NZ  . LYS I 1 6  ? 25.701  -21.656 -5.699  1.00 36.51  ? 45 LYS M NZ  1 
ATOM 1293 N N   . SER I 1 7  ? 19.544  -21.261 -10.222 1.00 22.36  ? 46 SER M N   1 
ATOM 1294 C CA  . SER I 1 7  ? 18.499  -20.307 -10.569 1.00 21.42  ? 46 SER M CA  1 
ATOM 1295 C C   . SER I 1 7  ? 17.676  -19.996 -9.327  1.00 21.38  ? 46 SER M C   1 
ATOM 1296 O O   . SER I 1 7  ? 17.542  -20.845 -8.440  1.00 24.09  ? 46 SER M O   1 
ATOM 1297 C CB  . SER I 1 7  ? 17.600  -20.849 -11.680 1.00 22.22  ? 46 SER M CB  1 
ATOM 1298 O OG  . SER I 1 7  ? 16.565  -19.926 -11.970 1.00 23.92  ? 46 SER M OG  1 
ATOM 1299 N N   . ALA I 1 8  ? 17.122  -18.786 -9.247  1.00 20.33  ? 47 ALA M N   1 
ATOM 1300 C CA  . ALA I 1 8  ? 16.322  -18.405 -8.081  1.00 20.24  ? 47 ALA M CA  1 
ATOM 1301 C C   . ALA I 1 8  ? 15.205  -17.480 -8.563  1.00 20.86  ? 47 ALA M C   1 
ATOM 1302 O O   . ALA I 1 8  ? 15.394  -16.266 -8.681  1.00 23.00  ? 47 ALA M O   1 
ATOM 1303 C CB  . ALA I 1 8  ? 17.177  -17.745 -7.010  1.00 20.01  ? 47 ALA M CB  1 
ATOM 1304 N N   . ALA I 1 9  ? 14.041  -18.066 -8.831  1.00 20.28  ? 48 ALA M N   1 
ATOM 1305 C CA  . ALA I 1 9  ? 12.852  -17.310 -9.200  1.00 20.77  ? 48 ALA M CA  1 
ATOM 1306 C C   . ALA I 1 9  ? 12.130  -16.915 -7.919  1.00 21.78  ? 48 ALA M C   1 
ATOM 1307 O O   . ALA I 1 9  ? 11.599  -17.773 -7.207  1.00 23.80  ? 48 ALA M O   1 
ATOM 1308 C CB  . ALA I 1 9  ? 11.948  -18.131 -10.117 1.00 21.29  ? 48 ALA M CB  1 
ATOM 1309 N N   . GLU I 1 10 ? 12.111  -15.621 -7.623  1.00 21.58  ? 49 GLU M N   1 
ATOM 1310 C CA  . GLU I 1 10 ? 11.566  -15.122 -6.373  1.00 22.25  ? 49 GLU M CA  1 
ATOM 1311 C C   . GLU I 1 10 ? 10.594  -13.990 -6.664  1.00 22.98  ? 49 GLU M C   1 
ATOM 1312 O O   . GLU I 1 10 ? 10.820  -13.173 -7.562  1.00 26.31  ? 49 GLU M O   1 
ATOM 1313 C CB  . GLU I 1 10 ? 12.695  -14.650 -5.449  1.00 23.24  ? 49 GLU M CB  1 
ATOM 1314 C CG  . GLU I 1 10 ? 12.283  -14.343 -4.027  1.00 25.57  ? 49 GLU M CG  1 
ATOM 1315 C CD  . GLU I 1 10 ? 13.481  -14.060 -3.143  1.00 28.01  ? 49 GLU M CD  1 
ATOM 1316 O OE1 . GLU I 1 10 ? 14.607  -13.979 -3.677  1.00 26.92  ? 49 GLU M OE1 1 
ATOM 1317 O OE2 . GLU I 1 10 ? 13.301  -13.940 -1.916  1.00 30.80  ? 49 GLU M OE2 1 
ATOM 1318 N N   . SER I 1 11 ? 9.505   -13.946 -5.900  1.00 21.67  ? 50 SER M N   1 
ATOM 1319 C CA  . SER I 1 11 ? 8.476   -12.940 -6.122  1.00 21.86  ? 50 SER M CA  1 
ATOM 1320 C C   . SER I 1 11 ? 7.667   -12.766 -4.846  1.00 22.77  ? 50 SER M C   1 
ATOM 1321 O O   . SER I 1 11 ? 7.717   -13.594 -3.935  1.00 24.86  ? 50 SER M O   1 
ATOM 1322 C CB  . SER I 1 11 ? 7.568   -13.321 -7.296  1.00 22.42  ? 50 SER M CB  1 
ATOM 1323 O OG  . SER I 1 11 ? 6.336   -12.625 -7.231  1.00 24.14  ? 50 SER M OG  1 
ATOM 1324 N N   . MET I 1 12 ? 6.921   -11.661 -4.795  1.00 21.80  ? 51 MET M N   1 
ATOM 1325 C CA  . MET I 1 12 ? 6.049   -11.363 -3.666  1.00 22.50  ? 51 MET M CA  1 
ATOM 1326 C C   . MET I 1 12 ? 5.014   -10.308 -4.036  1.00 22.12  ? 51 MET M C   1 
ATOM 1327 O O   . MET I 1 12 ? 5.370   -9.187  -4.410  1.00 24.72  ? 51 MET M O   1 
ATOM 1328 C CB  . MET I 1 12 ? 6.870   -10.900 -2.463  1.00 23.72  ? 51 MET M CB  1 
ATOM 1329 C CG  . MET I 1 12 ? 8.036   -10.011 -2.829  1.00 25.54  ? 51 MET M CG  1 
ATOM 1330 S SD  . MET I 1 12 ? 8.407   -8.807  -1.548  1.00 33.23  ? 51 MET M SD  1 
ATOM 1331 C CE  . MET I 1 12 ? 8.710   -9.870  -0.151  1.00 30.98  ? 51 MET M CE  1 
ATOM 1332 N N   . LEU I 1 13 ? 3.735   -10.652 -3.934  1.00 20.96  ? 52 LEU M N   1 
ATOM 1333 C CA  . LEU I 1 13 ? 2.650   -9.727  -4.223  1.00 20.25  ? 52 LEU M CA  1 
ATOM 1334 C C   . LEU I 1 13 ? 2.052   -9.203  -2.919  1.00 20.34  ? 52 LEU M C   1 
ATOM 1335 O O   . LEU I 1 13 ? 2.257   -9.766  -1.843  1.00 22.74  ? 52 LEU M O   1 
ATOM 1336 C CB  . LEU I 1 13 ? 1.588   -10.419 -5.084  1.00 20.79  ? 52 LEU M CB  1 
ATOM 1337 C CG  . LEU I 1 13 ? 0.581   -9.583  -5.878  1.00 21.79  ? 52 LEU M CG  1 
ATOM 1338 C CD1 . LEU I 1 13 ? 0.297   -10.270 -7.199  1.00 23.12  ? 52 LEU M CD1 1 
ATOM 1339 C CD2 . LEU I 1 13 ? -0.713  -9.391  -5.102  1.00 20.56  ? 52 LEU M CD2 1 
ATOM 1340 N N   . ASP I 1 14 ? 1.308   -8.103  -3.026  1.00 18.87  ? 53 ASP M N   1 
ATOM 1341 C CA  . ASP I 1 14 ? 0.698   -7.485  -1.856  1.00 18.65  ? 53 ASP M CA  1 
ATOM 1342 C C   . ASP I 1 14 ? -0.499  -6.660  -2.310  1.00 18.64  ? 53 ASP M C   1 
ATOM 1343 O O   . ASP I 1 14 ? -0.503  -6.103  -3.411  1.00 21.00  ? 53 ASP M O   1 
ATOM 1344 C CB  . ASP I 1 14 ? 1.715   -6.614  -1.104  1.00 18.96  ? 53 ASP M CB  1 
ATOM 1345 C CG  . ASP I 1 14 ? 1.167   -6.035  0.193   1.00 19.87  ? 53 ASP M CG  1 
ATOM 1346 O OD1 . ASP I 1 14 ? 0.044   -5.491  0.204   1.00 18.86  ? 53 ASP M OD1 1 
ATOM 1347 O OD2 . ASP I 1 14 ? 1.877   -6.122  1.218   1.00 21.60  ? 53 ASP M OD2 1 
ATOM 1348 N N   . ILE I 1 15 ? -1.514  -6.590  -1.447  1.00 18.06  ? 54 ILE M N   1 
ATOM 1349 C CA  . ILE I 1 15 ? -2.734  -5.830  -1.709  1.00 17.72  ? 54 ILE M CA  1 
ATOM 1350 C C   . ILE I 1 15 ? -3.165  -5.162  -0.409  1.00 18.69  ? 54 ILE M C   1 
ATOM 1351 O O   . ILE I 1 15 ? -2.948  -5.696  0.681   1.00 21.90  ? 54 ILE M O   1 
ATOM 1352 C CB  . ILE I 1 15 ? -3.864  -6.734  -2.268  1.00 18.95  ? 54 ILE M CB  1 
ATOM 1353 C CG1 . ILE I 1 15 ? -3.463  -7.350  -3.608  1.00 18.39  ? 54 ILE M CG1 1 
ATOM 1354 C CG2 . ILE I 1 15 ? -5.174  -5.969  -2.410  1.00 18.37  ? 54 ILE M CG2 1 
ATOM 1355 C CD1 . ILE I 1 15 ? -4.516  -8.253  -4.197  1.00 19.82  ? 54 ILE M CD1 1 
ATOM 1356 N N   . ALA I 1 16 ? -3.781  -3.985  -0.525  1.00 17.39  ? 55 ALA M N   1 
ATOM 1357 C CA  . ALA I 1 16 ? -4.354  -3.307  0.630   1.00 18.05  ? 55 ALA M CA  1 
ATOM 1358 C C   . ALA I 1 16 ? -5.537  -2.464  0.181   1.00 19.11  ? 55 ALA M C   1 
ATOM 1359 O O   . ALA I 1 16 ? -5.462  -1.764  -0.833  1.00 21.60  ? 55 ALA M O   1 
ATOM 1360 C CB  . ALA I 1 16 ? -3.315  -2.432  1.338   1.00 17.93  ? 55 ALA M CB  1 
ATOM 1361 N N   . LEU I 1 17 ? -6.621  -2.525  0.954   1.00 18.76  ? 56 LEU M N   1 
ATOM 1362 C CA  . LEU I 1 17 ? -7.858  -1.817  0.653   1.00 19.13  ? 56 LEU M CA  1 
ATOM 1363 C C   . LEU I 1 17 ? -8.312  -1.024  1.868   1.00 20.36  ? 56 LEU M C   1 
ATOM 1364 O O   . LEU I 1 17 ? -8.066  -1.413  3.012   1.00 22.72  ? 56 LEU M O   1 
ATOM 1365 C CB  . LEU I 1 17 ? -8.975  -2.785  0.238   1.00 19.49  ? 56 LEU M CB  1 
ATOM 1366 C CG  . LEU I 1 17 ? -9.285  -3.051  -1.237  1.00 18.99  ? 56 LEU M CG  1 
ATOM 1367 C CD1 . LEU I 1 17 ? -10.000 -1.864  -1.861  1.00 20.80  ? 56 LEU M CD1 1 
ATOM 1368 C CD2 . LEU I 1 17 ? -8.020  -3.381  -2.007  1.00 18.99  ? 56 LEU M CD2 1 
ATOM 1369 N N   . LEU I 1 18 ? -8.993  0.092   1.609   1.00 20.61  ? 57 LEU M N   1 
ATOM 1370 C CA  . LEU I 1 18 ? -9.525  0.943   2.662   1.00 21.02  ? 57 LEU M CA  1 
ATOM 1371 C C   . LEU I 1 18 ? -10.790 1.614   2.146   1.00 22.31  ? 57 LEU M C   1 
ATOM 1372 O O   . LEU I 1 18 ? -10.815 2.112   1.018   1.00 24.82  ? 57 LEU M O   1 
ATOM 1373 C CB  . LEU I 1 18 ? -8.508  2.008   3.095   1.00 22.15  ? 57 LEU M CB  1 
ATOM 1374 C CG  . LEU I 1 18 ? -7.308  1.602   3.957   1.00 22.02  ? 57 LEU M CG  1 
ATOM 1375 C CD1 . LEU I 1 18 ? -6.121  1.265   3.074   1.00 22.19  ? 57 LEU M CD1 1 
ATOM 1376 C CD2 . LEU I 1 18 ? -6.937  2.707   4.930   1.00 23.22  ? 57 LEU M CD2 1 
ATOM 1377 N N   . MET I 1 19 ? -11.838 1.630   2.974   1.00 21.84  ? 58 MET M N   1 
ATOM 1378 C CA  . MET I 1 19 ? -13.100 2.270   2.596   1.00 23.01  ? 58 MET M CA  1 
ATOM 1379 C C   . MET I 1 19 ? -13.697 2.916   3.843   1.00 23.60  ? 58 MET M C   1 
ATOM 1380 O O   . MET I 1 19 ? -14.409 2.256   4.604   1.00 26.49  ? 58 MET M O   1 
ATOM 1381 C CB  . MET I 1 19 ? -14.080 1.277   1.982   1.00 24.44  ? 58 MET M CB  1 
ATOM 1382 C CG  . MET I 1 19 ? -13.536 0.381   0.886   1.00 25.66  ? 58 MET M CG  1 
ATOM 1383 S SD  . MET I 1 19 ? -14.863 -0.411  -0.046  1.00 33.75  ? 58 MET M SD  1 
ATOM 1384 C CE  . MET I 1 19 ? -16.277 0.567   0.466   1.00 28.68  ? 58 MET M CE  1 
ATOM 1385 N N   . ALA I 1 20 ? -13.407 4.199   4.041   1.00 22.92  ? 59 ALA M N   1 
ATOM 1386 C CA  . ALA I 1 20 ? -14.034 4.982   5.103   1.00 23.63  ? 59 ALA M CA  1 
ATOM 1387 C C   . ALA I 1 20 ? -15.182 5.769   4.485   1.00 25.00  ? 59 ALA M C   1 
ATOM 1388 O O   . ALA I 1 20 ? -14.964 6.778   3.812   1.00 27.32  ? 59 ALA M O   1 
ATOM 1389 C CB  . ALA I 1 20 ? -13.022 5.905   5.773   1.00 23.96  ? 59 ALA M CB  1 
ATOM 1390 N N   . ASN I 1 21 ? -16.407 5.297   4.682   1.00 23.22  ? 60 ASN M N   1 
ATOM 1391 C CA  . ASN I 1 21 ? -17.581 5.995   4.184   1.00 23.93  ? 60 ASN M CA  1 
ATOM 1392 C C   . ASN I 1 21 ? -18.593 6.187   5.308   1.00 23.69  ? 60 ASN M C   1 
ATOM 1393 O O   . ASN I 1 21 ? -18.442 5.661   6.412   1.00 25.94  ? 60 ASN M O   1 
ATOM 1394 C CB  . ASN I 1 21 ? -18.207 5.247   2.999   1.00 24.20  ? 60 ASN M CB  1 
ATOM 1395 C CG  . ASN I 1 21 ? -18.821 3.926   3.392   1.00 24.45  ? 60 ASN M CG  1 
ATOM 1396 O OD1 . ASN I 1 21 ? -19.906 3.882   3.969   1.00 26.11  ? 60 ASN M OD1 1 
ATOM 1397 N ND2 . ASN I 1 21 ? -18.133 2.834   3.077   1.00 25.02  ? 60 ASN M ND2 1 
ATOM 1398 N N   . ALA I 1 22 ? -19.630 6.965   5.015   1.00 23.34  ? 61 ALA M N   1 
ATOM 1399 C CA  . ALA I 1 22 ? -20.691 7.243   5.974   1.00 23.27  ? 61 ALA M CA  1 
ATOM 1400 C C   . ALA I 1 22 ? -21.923 7.700   5.201   1.00 23.66  ? 61 ALA M C   1 
ATOM 1401 O O   . ALA I 1 22 ? -21.902 7.803   3.972   1.00 26.20  ? 61 ALA M O   1 
ATOM 1402 C CB  . ALA I 1 22 ? -20.253 8.289   7.002   1.00 22.94  ? 61 ALA M CB  1 
ATOM 1403 N N   . SER I 1 23 ? -22.996 7.983   5.935   1.00 23.08  ? 62 SER M N   1 
ATOM 1404 C CA  . SER I 1 23 ? -24.243 8.419   5.322   1.00 24.85  ? 62 SER M CA  1 
ATOM 1405 C C   . SER I 1 23 ? -25.169 8.950   6.405   1.00 25.92  ? 62 SER M C   1 
ATOM 1406 O O   . SER I 1 23 ? -25.070 8.570   7.575   1.00 27.58  ? 62 SER M O   1 
ATOM 1407 C CB  . SER I 1 23 ? -24.925 7.283   4.554   1.00 24.88  ? 62 SER M CB  1 
ATOM 1408 O OG  . SER I 1 23 ? -26.158 7.710   4.003   1.00 25.26  ? 62 SER M OG  1 
ATOM 1409 N N   . GLN I 1 24 ? -26.079 9.829   5.989   1.00 26.63  ? 63 GLN M N   1 
ATOM 1410 C CA  . GLN I 1 24 ? -27.123 10.358  6.854   1.00 27.43  ? 63 GLN M CA  1 
ATOM 1411 C C   . GLN I 1 24 ? -28.358 10.615  6.005   1.00 28.33  ? 63 GLN M C   1 
ATOM 1412 O O   . GLN I 1 24 ? -28.276 10.756  4.783   1.00 30.36  ? 63 GLN M O   1 
ATOM 1413 C CB  . GLN I 1 24 ? -26.688 11.647  7.566   1.00 28.76  ? 63 GLN M CB  1 
ATOM 1414 C CG  . GLN I 1 24 ? -25.684 11.447  8.691   1.00 29.92  ? 63 GLN M CG  1 
ATOM 1415 C CD  . GLN I 1 24 ? -25.297 12.750  9.362   1.00 32.98  ? 63 GLN M CD  1 
ATOM 1416 O OE1 . GLN I 1 24 ? -25.786 13.819  8.997   1.00 35.40  ? 63 GLN M OE1 1 
ATOM 1417 N NE2 . GLN I 1 24 ? -24.412 12.668  10.349  1.00 32.59  ? 63 GLN M NE2 1 
ATOM 1418 N N   . LEU I 1 25 ? -29.510 10.684  6.670   1.00 28.39  ? 64 LEU M N   1 
ATOM 1419 C CA  . LEU I 1 25 ? -30.778 10.867  5.976   1.00 28.69  ? 64 LEU M CA  1 
ATOM 1420 C C   . LEU I 1 25 ? -31.854 11.248  6.981   1.00 30.12  ? 64 LEU M C   1 
ATOM 1421 O O   . LEU I 1 25 ? -31.930 10.667  8.065   1.00 32.66  ? 64 LEU M O   1 
ATOM 1422 C CB  . LEU I 1 25 ? -31.176 9.596   5.210   1.00 28.86  ? 64 LEU M CB  1 
ATOM 1423 C CG  . LEU I 1 25 ? -32.558 9.557   4.555   1.00 30.08  ? 64 LEU M CG  1 
ATOM 1424 C CD1 . LEU I 1 25 ? -32.744 10.696  3.591   1.00 30.67  ? 64 LEU M CD1 1 
ATOM 1425 C CD2 . LEU I 1 25 ? -32.753 8.228   3.836   1.00 31.38  ? 64 LEU M CD2 1 
ATOM 1426 N N   . LYS I 1 26 ? -32.679 12.227  6.608   1.00 28.65  ? 65 LYS M N   1 
ATOM 1427 C CA  . LYS I 1 26 ? -33.749 12.722  7.464   1.00 29.72  ? 65 LYS M CA  1 
ATOM 1428 C C   . LYS I 1 26 ? -34.937 13.112  6.600   1.00 30.49  ? 65 LYS M C   1 
ATOM 1429 O O   . LYS I 1 26 ? -34.761 13.721  5.541   1.00 32.71  ? 65 LYS M O   1 
ATOM 1430 C CB  . LYS I 1 26 ? -33.301 13.934  8.291   1.00 29.42  ? 65 LYS M CB  1 
ATOM 1431 C CG  . LYS I 1 26 ? -32.131 13.698  9.225   1.00 29.59  ? 65 LYS M CG  1 
ATOM 1432 C CD  . LYS I 1 26 ? -31.620 15.019  9.774   1.00 29.74  ? 65 LYS M CD  1 
ATOM 1433 C CE  . LYS I 1 26 ? -30.716 14.809  10.973  1.00 30.45  ? 65 LYS M CE  1 
ATOM 1434 N NZ  . LYS I 1 26 ? -30.540 16.065  11.752  1.00 30.73  ? 65 LYS M NZ  1 
ATOM 1435 N N   . ALA I 1 27 ? -36.137 12.761  7.052   1.00 31.01  ? 66 ALA M N   1 
ATOM 1436 C CA  . ALA I 1 27 ? -37.372 13.194  6.419   1.00 31.72  ? 66 ALA M CA  1 
ATOM 1437 C C   . ALA I 1 27 ? -38.247 13.900  7.444   1.00 32.94  ? 66 ALA M C   1 
ATOM 1438 O O   . ALA I 1 27 ? -38.256 13.545  8.628   1.00 34.78  ? 66 ALA M O   1 
ATOM 1439 C CB  . ALA I 1 27 ? -38.132 12.014  5.804   1.00 32.17  ? 66 ALA M CB  1 
ATOM 1440 N N   . VAL I 1 28 ? -38.985 14.905  6.984   1.00 33.08  ? 67 VAL M N   1 
ATOM 1441 C CA  . VAL I 1 28 ? -39.860 15.675  7.861   1.00 33.71  ? 67 VAL M CA  1 
ATOM 1442 C C   . VAL I 1 28 ? -41.216 15.886  7.198   1.00 34.28  ? 67 VAL M C   1 
ATOM 1443 O O   . VAL I 1 28 ? -42.252 15.516  7.750   1.00 33.89  ? 67 VAL M O   1 
ATOM 1444 C CB  . VAL I 1 28 ? -39.227 17.029  8.240   1.00 34.42  ? 67 VAL M CB  1 
ATOM 1445 C CG1 . VAL I 1 28 ? -40.255 17.926  8.911   1.00 34.54  ? 67 VAL M CG1 1 
ATOM 1446 C CG2 . VAL I 1 28 ? -38.026 16.821  9.153   1.00 33.54  ? 67 VAL M CG2 1 
ATOM 1447 N N   . MET J 1 12 ? -27.815 5.773   -0.320  1.00 107.71 ? 51 MET N N   1 
ATOM 1448 C CA  . MET J 1 12 ? -27.512 4.468   -0.894  1.00 112.19 ? 51 MET N CA  1 
ATOM 1449 C C   . MET J 1 12 ? -26.076 4.415   -1.405  1.00 110.70 ? 51 MET N C   1 
ATOM 1450 O O   . MET J 1 12 ? -25.762 4.970   -2.457  1.00 113.33 ? 51 MET N O   1 
ATOM 1451 C CB  . MET J 1 12 ? -28.487 4.140   -2.026  1.00 114.75 ? 51 MET N CB  1 
ATOM 1452 C CG  . MET J 1 12 ? -28.212 2.815   -2.716  1.00 118.37 ? 51 MET N CG  1 
ATOM 1453 S SD  . MET J 1 12 ? -29.481 2.384   -3.922  1.00 137.19 ? 51 MET N SD  1 
ATOM 1454 C CE  . MET J 1 12 ? -28.722 0.974   -4.724  1.00 125.70 ? 51 MET N CE  1 
ATOM 1455 N N   . LEU J 1 13 ? -25.207 3.742   -0.657  1.00 108.09 ? 52 LEU N N   1 
ATOM 1456 C CA  . LEU J 1 13 ? -23.788 3.634   -0.988  1.00 106.32 ? 52 LEU N CA  1 
ATOM 1457 C C   . LEU J 1 13 ? -23.515 2.198   -1.428  1.00 106.48 ? 52 LEU N C   1 
ATOM 1458 O O   . LEU J 1 13 ? -23.145 1.336   -0.630  1.00 111.25 ? 52 LEU N O   1 
ATOM 1459 C CB  . LEU J 1 13 ? -22.910 4.039   0.207   1.00 106.42 ? 52 LEU N CB  1 
ATOM 1460 C CG  . LEU J 1 13 ? -22.810 5.523   0.571   1.00 107.14 ? 52 LEU N CG  1 
ATOM 1461 C CD1 . LEU J 1 13 ? -24.084 6.041   1.224   1.00 104.88 ? 52 LEU N CD1 1 
ATOM 1462 C CD2 . LEU J 1 13 ? -21.615 5.751   1.478   1.00 108.76 ? 52 LEU N CD2 1 
ATOM 1463 N N   . ASP J 1 14 ? -23.700 1.946   -2.722  1.00 103.35 ? 53 ASP N N   1 
ATOM 1464 C CA  . ASP J 1 14 ? -23.482 0.624   -3.299  1.00 104.25 ? 53 ASP N CA  1 
ATOM 1465 C C   . ASP J 1 14 ? -22.036 0.531   -3.775  1.00 104.05 ? 53 ASP N C   1 
ATOM 1466 O O   . ASP J 1 14 ? -21.654 1.181   -4.754  1.00 108.86 ? 53 ASP N O   1 
ATOM 1467 C CB  . ASP J 1 14 ? -24.457 0.371   -4.446  1.00 106.77 ? 53 ASP N CB  1 
ATOM 1468 C CG  . ASP J 1 14 ? -24.176 -0.928  -5.182  1.00 110.59 ? 53 ASP N CG  1 
ATOM 1469 O OD1 . ASP J 1 14 ? -23.514 -1.819  -4.606  1.00 111.55 ? 53 ASP N OD1 1 
ATOM 1470 O OD2 . ASP J 1 14 ? -24.617 -1.059  -6.343  1.00 109.61 ? 53 ASP N OD2 1 
ATOM 1471 N N   . ILE J 1 15 ? -21.233 -0.277  -3.088  1.00 102.19 ? 54 ILE N N   1 
ATOM 1472 C CA  . ILE J 1 15 ? -19.846 -0.523  -3.466  1.00 102.04 ? 54 ILE N CA  1 
ATOM 1473 C C   . ILE J 1 15 ? -19.711 -1.976  -3.899  1.00 103.62 ? 54 ILE N C   1 
ATOM 1474 O O   . ILE J 1 15 ? -20.111 -2.889  -3.166  1.00 110.83 ? 54 ILE N O   1 
ATOM 1475 C CB  . ILE J 1 15 ? -18.872 -0.197  -2.322  1.00 101.45 ? 54 ILE N CB  1 
ATOM 1476 C CG1 . ILE J 1 15 ? -18.842 1.309   -2.046  1.00 102.71 ? 54 ILE N CG1 1 
ATOM 1477 C CG2 . ILE J 1 15 ? -17.480 -0.709  -2.654  1.00 99.07  ? 54 ILE N CG2 1 
ATOM 1478 C CD1 . ILE J 1 15 ? -19.833 1.774   -0.999  1.00 101.24 ? 54 ILE N CD1 1 
ATOM 1479 N N   . ALA J 1 16 ? -19.148 -2.187  -5.084  1.00 100.80 ? 55 ALA N N   1 
ATOM 1480 C CA  . ALA J 1 16 ? -18.825 -3.513  -5.584  1.00 101.46 ? 55 ALA N CA  1 
ATOM 1481 C C   . ALA J 1 16 ? -17.319 -3.615  -5.784  1.00 102.16 ? 55 ALA N C   1 
ATOM 1482 O O   . ALA J 1 16 ? -16.629 -2.613  -5.987  1.00 106.87 ? 55 ALA N O   1 
ATOM 1483 C CB  . ALA J 1 16 ? -19.561 -3.816  -6.894  1.00 100.28 ? 55 ALA N CB  1 
ATOM 1484 N N   . LEU J 1 17 ? -16.814 -4.844  -5.732  1.00 102.66 ? 56 LEU N N   1 
ATOM 1485 C CA  . LEU J 1 17 ? -15.374 -5.052  -5.762  1.00 102.03 ? 56 LEU N CA  1 
ATOM 1486 C C   . LEU J 1 17 ? -15.092 -6.490  -6.167  1.00 107.05 ? 56 LEU N C   1 
ATOM 1487 O O   . LEU J 1 17 ? -15.666 -7.423  -5.602  1.00 114.07 ? 56 LEU N O   1 
ATOM 1488 C CB  . LEU J 1 17 ? -14.754 -4.742  -4.393  1.00 101.95 ? 56 LEU N CB  1 
ATOM 1489 C CG  . LEU J 1 17 ? -13.249 -4.496  -4.250  1.00 104.29 ? 56 LEU N CG  1 
ATOM 1490 C CD1 . LEU J 1 17 ? -12.998 -3.638  -3.022  1.00 104.95 ? 56 LEU N CD1 1 
ATOM 1491 C CD2 . LEU J 1 17 ? -12.473 -5.798  -4.147  1.00 106.71 ? 56 LEU N CD2 1 
ATOM 1492 N N   . LEU J 1 18 ? -14.208 -6.654  -7.151  1.00 103.93 ? 57 LEU N N   1 
ATOM 1493 C CA  . LEU J 1 18 ? -13.842 -7.958  -7.698  1.00 103.60 ? 57 LEU N CA  1 
ATOM 1494 C C   . LEU J 1 18 ? -12.363 -7.917  -8.060  1.00 102.58 ? 57 LEU N C   1 
ATOM 1495 O O   . LEU J 1 18 ? -12.005 -7.464  -9.150  1.00 107.38 ? 57 LEU N O   1 
ATOM 1496 C CB  . LEU J 1 18 ? -14.702 -8.297  -8.919  1.00 106.62 ? 57 LEU N CB  1 
ATOM 1497 C CG  . LEU J 1 18 ? -16.221 -8.125  -8.808  1.00 109.98 ? 57 LEU N CG  1 
ATOM 1498 C CD1 . LEU J 1 18 ? -16.737 -6.904  -9.544  1.00 105.50 ? 57 LEU N CD1 1 
ATOM 1499 C CD2 . LEU J 1 18 ? -16.881 -9.365  -9.385  1.00 111.39 ? 57 LEU N CD2 1 
ATOM 1500 N N   . MET J 1 19 ? -11.506 -8.398  -7.155  1.00 100.25 ? 58 MET N N   1 
ATOM 1501 C CA  . MET J 1 19 ? -10.055 -8.354  -7.361  1.00 100.49 ? 58 MET N CA  1 
ATOM 1502 C C   . MET J 1 19 ? -9.523  -9.761  -7.619  1.00 95.95  ? 58 MET N C   1 
ATOM 1503 O O   . MET J 1 19 ? -9.110  -10.479 -6.711  1.00 95.27  ? 58 MET N O   1 
ATOM 1504 C CB  . MET J 1 19 ? -9.355  -7.707  -6.171  1.00 103.05 ? 58 MET N CB  1 
ATOM 1505 C CG  . MET J 1 19 ? -9.485  -6.197  -6.111  1.00 113.68 ? 58 MET N CG  1 
ATOM 1506 S SD  . MET J 1 19 ? -8.530  -5.489  -4.761  1.00 134.15 ? 58 MET N SD  1 
ATOM 1507 C CE  . MET J 1 19 ? -6.918  -5.347  -5.541  1.00 125.49 ? 58 MET N CE  1 
ATOM 1508 N N   . ALA J 1 20 ? -9.522  -10.148 -8.893  1.00 95.68  ? 59 ALA N N   1 
ATOM 1509 C CA  . ALA J 1 20 ? -8.889  -11.399 -9.286  1.00 90.87  ? 59 ALA N CA  1 
ATOM 1510 C C   . ALA J 1 20 ? -7.383  -11.339 -9.031  1.00 87.59  ? 59 ALA N C   1 
ATOM 1511 O O   . ALA J 1 20 ? -6.806  -10.273 -8.800  1.00 90.79  ? 59 ALA N O   1 
ATOM 1512 C CB  . ALA J 1 20 ? -9.166  -11.707 -10.758 1.00 90.46  ? 59 ALA N CB  1 
ATOM 1513 N N   . ASN J 1 21 ? -6.746  -12.507 -9.077  1.00 83.99  ? 60 ASN N N   1 
ATOM 1514 C CA  . ASN J 1 21 ? -5.318  -12.612 -8.800  1.00 80.55  ? 60 ASN N CA  1 
ATOM 1515 C C   . ASN J 1 21 ? -4.834  -13.966 -9.296  1.00 80.53  ? 60 ASN N C   1 
ATOM 1516 O O   . ASN J 1 21 ? -5.605  -14.928 -9.375  1.00 87.01  ? 60 ASN N O   1 
ATOM 1517 C CB  . ASN J 1 21 ? -5.028  -12.441 -7.302  1.00 81.02  ? 60 ASN N CB  1 
ATOM 1518 C CG  . ASN J 1 21 ? -3.543  -12.385 -6.985  1.00 82.59  ? 60 ASN N CG  1 
ATOM 1519 O OD1 . ASN J 1 21 ? -2.736  -13.115 -7.562  1.00 79.69  ? 60 ASN N OD1 1 
ATOM 1520 N ND2 . ASN J 1 21 ? -3.178  -11.516 -6.054  1.00 85.98  ? 60 ASN N ND2 1 
ATOM 1521 N N   . ALA J 1 22 ? -3.545  -14.031 -9.618  1.00 75.60  ? 61 ALA N N   1 
ATOM 1522 C CA  . ALA J 1 22 ? -2.937  -15.260 -10.109 1.00 70.30  ? 61 ALA N CA  1 
ATOM 1523 C C   . ALA J 1 22 ? -1.426  -15.155 -9.968  1.00 70.96  ? 61 ALA N C   1 
ATOM 1524 O O   . ALA J 1 22 ? -0.862  -14.058 -9.915  1.00 80.89  ? 61 ALA N O   1 
ATOM 1525 C CB  . ALA J 1 22 ? -3.320  -15.538 -11.567 1.00 70.91  ? 61 ALA N CB  1 
ATOM 1526 N N   . SER J 1 23 ? -0.780  -16.318 -9.914  1.00 63.88  ? 62 SER N N   1 
ATOM 1527 C CA  . SER J 1 23 ? 0.670   -16.424 -9.834  1.00 63.34  ? 62 SER N CA  1 
ATOM 1528 C C   . SER J 1 23 ? 1.061   -17.850 -10.183 1.00 63.17  ? 62 SER N C   1 
ATOM 1529 O O   . SER J 1 23 ? 0.374   -18.795 -9.789  1.00 73.62  ? 62 SER N O   1 
ATOM 1530 C CB  . SER J 1 23 ? 1.186   -16.054 -8.437  1.00 64.08  ? 62 SER N CB  1 
ATOM 1531 O OG  . SER J 1 23 ? 2.406   -16.716 -8.151  1.00 64.31  ? 62 SER N OG  1 
ATOM 1532 N N   . GLN J 1 24 ? 2.162   -18.001 -10.915 1.00 57.28  ? 63 GLN N N   1 
ATOM 1533 C CA  . GLN J 1 24 ? 2.565   -19.325 -11.383 1.00 56.13  ? 63 GLN N CA  1 
ATOM 1534 C C   . GLN J 1 24 ? 4.075   -19.334 -11.573 1.00 60.41  ? 63 GLN N C   1 
ATOM 1535 O O   . GLN J 1 24 ? 4.586   -18.694 -12.497 1.00 71.76  ? 63 GLN N O   1 
ATOM 1536 C CB  . GLN J 1 24 ? 1.844   -19.680 -12.680 1.00 56.88  ? 63 GLN N CB  1 
ATOM 1537 C CG  . GLN J 1 24 ? 1.861   -21.162 -13.019 1.00 62.22  ? 63 GLN N CG  1 
ATOM 1538 C CD  . GLN J 1 24 ? 3.097   -21.572 -13.795 1.00 65.86  ? 63 GLN N CD  1 
ATOM 1539 O OE1 . GLN J 1 24 ? 3.723   -20.753 -14.465 1.00 74.12  ? 63 GLN N OE1 1 
ATOM 1540 N NE2 . GLN J 1 24 ? 3.455   -22.847 -13.707 1.00 63.63  ? 63 GLN N NE2 1 
ATOM 1541 N N   . LEU J 1 25 ? 4.778   -20.055 -10.707 1.00 56.48  ? 64 LEU N N   1 
ATOM 1542 C CA  . LEU J 1 25 ? 6.212   -20.256 -10.838 1.00 58.44  ? 64 LEU N CA  1 
ATOM 1543 C C   . LEU J 1 25 ? 6.487   -21.633 -11.432 1.00 59.38  ? 64 LEU N C   1 
ATOM 1544 O O   . LEU J 1 25 ? 5.667   -22.550 -11.342 1.00 67.18  ? 64 LEU N O   1 
ATOM 1545 C CB  . LEU J 1 25 ? 6.926   -20.117 -9.486  1.00 59.26  ? 64 LEU N CB  1 
ATOM 1546 C CG  . LEU J 1 25 ? 7.009   -18.800 -8.694  1.00 63.27  ? 64 LEU N CG  1 
ATOM 1547 C CD1 . LEU J 1 25 ? 5.677   -18.076 -8.515  1.00 57.76  ? 64 LEU N CD1 1 
ATOM 1548 C CD2 . LEU J 1 25 ? 7.660   -19.053 -7.337  1.00 63.82  ? 64 LEU N CD2 1 
ATOM 1549 N N   . LYS J 1 26 ? 7.666   -21.772 -12.035 1.00 59.31  ? 65 LYS N N   1 
ATOM 1550 C CA  . LYS J 1 26 ? 8.027   -23.021 -12.690 1.00 58.92  ? 65 LYS N CA  1 
ATOM 1551 C C   . LYS J 1 26 ? 9.531   -23.120 -12.900 1.00 65.14  ? 65 LYS N C   1 
ATOM 1552 O O   . LYS J 1 26 ? 10.167  -22.164 -13.356 1.00 79.88  ? 65 LYS N O   1 
ATOM 1553 C CB  . LYS J 1 26 ? 7.297   -23.155 -14.029 1.00 60.21  ? 65 LYS N CB  1 
ATOM 1554 C CG  . LYS J 1 26 ? 7.171   -24.585 -14.520 1.00 65.33  ? 65 LYS N CG  1 
ATOM 1555 C CD  . LYS J 1 26 ? 6.441   -24.654 -15.848 1.00 73.17  ? 65 LYS N CD  1 
ATOM 1556 C CE  . LYS J 1 26 ? 5.981   -26.071 -16.147 1.00 75.35  ? 65 LYS N CE  1 
ATOM 1557 N NZ  . LYS J 1 26 ? 5.247   -26.157 -17.438 1.00 75.91  ? 65 LYS N NZ  1 
ATOM 1558 N N   . ALA J 1 27 ? 10.108  -24.275 -12.566 1.00 60.93  ? 66 ALA N N   1 
ATOM 1559 C CA  . ALA J 1 27 ? 11.547  -24.514 -12.712 1.00 63.93  ? 66 ALA N CA  1 
ATOM 1560 C C   . ALA J 1 27 ? 11.718  -25.927 -13.265 1.00 69.30  ? 66 ALA N C   1 
ATOM 1561 O O   . ALA J 1 27 ? 11.752  -26.902 -12.509 1.00 80.29  ? 66 ALA N O   1 
ATOM 1562 C CB  . ALA J 1 27 ? 12.273  -24.331 -11.389 1.00 63.23  ? 66 ALA N CB  1 
ATOM 1563 N N   . VAL J 1 28 ? 11.830  -26.029 -14.584 1.00 66.99  ? 67 VAL N N   1 
ATOM 1564 C CA  . VAL J 1 28 ? 11.917  -27.317 -15.266 1.00 70.35  ? 67 VAL N CA  1 
ATOM 1565 C C   . VAL J 1 28 ? 13.396  -27.570 -15.539 1.00 74.28  ? 67 VAL N C   1 
ATOM 1566 O O   . VAL J 1 28 ? 13.937  -27.195 -16.580 1.00 80.78  ? 67 VAL N O   1 
ATOM 1567 C CB  . VAL J 1 28 ? 11.079  -27.341 -16.544 1.00 72.59  ? 67 VAL N CB  1 
ATOM 1568 C CG1 . VAL J 1 28 ? 11.166  -28.707 -17.210 1.00 74.87  ? 67 VAL N CG1 1 
ATOM 1569 C CG2 . VAL J 1 28 ? 9.634   -26.988 -16.231 1.00 65.29  ? 67 VAL N CG2 1 
ATOM 1570 N N   . VAL J 1 29 ? 14.064  -28.214 -14.579 1.00 74.01  ? 68 VAL N N   1 
ATOM 1571 C CA  . VAL J 1 29 ? 15.429  -28.661 -14.814 1.00 79.53  ? 68 VAL N CA  1 
ATOM 1572 C C   . VAL J 1 29 ? 15.411  -29.943 -15.642 1.00 85.45  ? 68 VAL N C   1 
ATOM 1573 O O   . VAL J 1 29 ? 14.494  -30.768 -15.551 1.00 91.71  ? 68 VAL N O   1 
ATOM 1574 C CB  . VAL J 1 29 ? 16.172  -28.860 -13.484 1.00 83.25  ? 68 VAL N CB  1 
ATOM 1575 C CG1 . VAL J 1 29 ? 17.663  -29.066 -13.719 1.00 81.54  ? 68 VAL N CG1 1 
ATOM 1576 C CG2 . VAL J 1 29 ? 15.935  -27.675 -12.563 1.00 79.78  ? 68 VAL N CG2 1 
ATOM 1577 N N   . GLU J 1 30 ? 16.441  -30.111 -16.464 1.00 83.34  ? 69 GLU N N   1 
ATOM 1578 C CA  . GLU J 1 30 ? 16.516  -31.271 -17.343 1.00 84.96  ? 69 GLU N CA  1 
ATOM 1579 C C   . GLU J 1 30 ? 17.735  -32.125 -17.012 1.00 83.57  ? 69 GLU N C   1 
ATOM 1580 O O   . GLU J 1 30 ? 18.540  -31.766 -16.152 1.00 81.87  ? 69 GLU N O   1 
ATOM 1581 C CB  . GLU J 1 30 ? 16.560  -30.834 -18.807 1.00 89.12  ? 69 GLU N CB  1 
ATOM 1582 C CG  . GLU J 1 30 ? 15.300  -30.126 -19.286 1.00 93.10  ? 69 GLU N CG  1 
ATOM 1583 C CD  . GLU J 1 30 ? 14.195  -31.082 -19.685 1.00 95.69  ? 69 GLU N CD  1 
ATOM 1584 O OE1 . GLU J 1 30 ? 14.254  -31.632 -20.804 1.00 100.28 ? 69 GLU N OE1 1 
ATOM 1585 O OE2 . GLU J 1 30 ? 13.253  -31.266 -18.887 1.00 91.28  ? 69 GLU N OE2 1 
ATOM 1586 N N   . SER K 1 4  ? 32.150  -18.816 -17.064 1.00 26.77  ? 43 SER O N   1 
ATOM 1587 C CA  . SER K 1 4  ? 31.198  -18.308 -16.084 1.00 27.78  ? 43 SER O CA  1 
ATOM 1588 C C   . SER K 1 4  ? 30.213  -17.340 -16.728 1.00 28.28  ? 43 SER O C   1 
ATOM 1589 O O   . SER K 1 4  ? 30.603  -16.475 -17.512 1.00 30.55  ? 43 SER O O   1 
ATOM 1590 C CB  . SER K 1 4  ? 31.931  -17.620 -14.931 1.00 28.61  ? 43 SER O CB  1 
ATOM 1591 O OG  . SER K 1 4  ? 31.036  -16.853 -14.145 1.00 29.46  ? 43 SER O OG  1 
ATOM 1592 N N   . LYS K 1 5  ? 28.936  -17.487 -16.388 1.00 27.44  ? 44 LYS O N   1 
ATOM 1593 C CA  . LYS K 1 5  ? 27.887  -16.639 -16.936 1.00 27.17  ? 44 LYS O CA  1 
ATOM 1594 C C   . LYS K 1 5  ? 26.813  -16.442 -15.880 1.00 27.41  ? 44 LYS O C   1 
ATOM 1595 O O   . LYS K 1 5  ? 26.413  -17.396 -15.208 1.00 29.60  ? 44 LYS O O   1 
ATOM 1596 C CB  . LYS K 1 5  ? 27.278  -17.250 -18.203 1.00 27.54  ? 44 LYS O CB  1 
ATOM 1597 C CG  . LYS K 1 5  ? 28.130  -17.083 -19.450 1.00 29.57  ? 44 LYS O CG  1 
ATOM 1598 C CD  . LYS K 1 5  ? 27.429  -17.632 -20.681 1.00 31.34  ? 44 LYS O CD  1 
ATOM 1599 C CE  . LYS K 1 5  ? 27.595  -19.139 -20.779 1.00 32.04  ? 44 LYS O CE  1 
ATOM 1600 N NZ  . LYS K 1 5  ? 27.171  -19.663 -22.106 1.00 33.58  ? 44 LYS O NZ  1 
ATOM 1601 N N   . LYS K 1 6  ? 26.350  -15.203 -15.736 1.00 25.26  ? 45 LYS O N   1 
ATOM 1602 C CA  . LYS K 1 6  ? 25.307  -14.870 -14.777 1.00 24.54  ? 45 LYS O CA  1 
ATOM 1603 C C   . LYS K 1 6  ? 24.242  -14.017 -15.452 1.00 23.89  ? 45 LYS O C   1 
ATOM 1604 O O   . LYS K 1 6  ? 24.348  -13.654 -16.628 1.00 26.12  ? 45 LYS O O   1 
ATOM 1605 C CB  . LYS K 1 6  ? 25.870  -14.127 -13.558 1.00 25.86  ? 45 LYS O CB  1 
ATOM 1606 C CG  . LYS K 1 6  ? 27.073  -14.768 -12.901 1.00 28.84  ? 45 LYS O CG  1 
ATOM 1607 C CD  . LYS K 1 6  ? 27.421  -14.026 -11.623 1.00 31.82  ? 45 LYS O CD  1 
ATOM 1608 C CE  . LYS K 1 6  ? 28.583  -14.672 -10.896 1.00 35.11  ? 45 LYS O CE  1 
ATOM 1609 N NZ  . LYS K 1 6  ? 29.187  -13.742 -9.905  1.00 36.51  ? 45 LYS O NZ  1 
ATOM 1610 N N   . SER K 1 7  ? 23.208  -13.693 -14.676 1.00 22.36  ? 46 SER O N   1 
ATOM 1611 C CA  . SER K 1 7  ? 22.142  -12.790 -15.086 1.00 21.42  ? 46 SER O CA  1 
ATOM 1612 C C   . SER K 1 7  ? 21.258  -12.483 -13.886 1.00 21.38  ? 46 SER O C   1 
ATOM 1613 O O   . SER K 1 7  ? 21.121  -13.316 -12.984 1.00 24.09  ? 46 SER O O   1 
ATOM 1614 C CB  . SER K 1 7  ? 21.309  -13.390 -16.218 1.00 22.22  ? 46 SER O CB  1 
ATOM 1615 O OG  . SER K 1 7  ? 20.254  -12.517 -16.572 1.00 23.92  ? 46 SER O OG  1 
ATOM 1616 N N   . ALA K 1 8  ? 20.655  -11.294 -13.856 1.00 20.33  ? 47 ALA O N   1 
ATOM 1617 C CA  . ALA K 1 8  ? 19.794  -10.918 -12.733 1.00 20.24  ? 47 ALA O CA  1 
ATOM 1618 C C   . ALA K 1 8  ? 18.664  -10.050 -13.281 1.00 20.86  ? 47 ALA O C   1 
ATOM 1619 O O   . ALA K 1 8  ? 18.810  -8.831  -13.421 1.00 23.00  ? 47 ALA O O   1 
ATOM 1620 C CB  . ALA K 1 8  ? 20.580  -10.202 -11.645 1.00 20.01  ? 47 ALA O CB  1 
ATOM 1621 N N   . ALA K 1 9  ? 17.535  -10.687 -13.580 1.00 20.28  ? 48 ALA O N   1 
ATOM 1622 C CA  . ALA K 1 9  ? 16.333  -9.987  -14.015 1.00 20.77  ? 48 ALA O CA  1 
ATOM 1623 C C   . ALA K 1 9  ? 15.545  -9.592  -12.773 1.00 21.78  ? 48 ALA O C   1 
ATOM 1624 O O   . ALA K 1 9  ? 15.018  -10.454 -12.062 1.00 23.80  ? 48 ALA O O   1 
ATOM 1625 C CB  . ALA K 1 9  ? 15.500  -10.863 -14.947 1.00 21.29  ? 48 ALA O CB  1 
ATOM 1626 N N   . GLU K 1 10 ? 15.465  -8.292  -12.510 1.00 21.58  ? 49 GLU O N   1 
ATOM 1627 C CA  . GLU K 1 10 ? 14.851  -7.788  -11.294 1.00 22.25  ? 49 GLU O CA  1 
ATOM 1628 C C   . GLU K 1 10 ? 13.848  -6.702  -11.650 1.00 22.98  ? 49 GLU O C   1 
ATOM 1629 O O   . GLU K 1 10 ? 14.078  -5.898  -12.558 1.00 26.31  ? 49 GLU O O   1 
ATOM 1630 C CB  . GLU K 1 10 ? 15.922  -7.251  -10.337 1.00 23.24  ? 49 GLU O CB  1 
ATOM 1631 C CG  . GLU K 1 10 ? 15.442  -6.929  -8.941  1.00 25.57  ? 49 GLU O CG  1 
ATOM 1632 C CD  . GLU K 1 10 ? 16.590  -6.579  -8.018  1.00 28.01  ? 49 GLU O CD  1 
ATOM 1633 O OE1 . GLU K 1 10 ? 17.734  -6.465  -8.509  1.00 26.92  ? 49 GLU O OE1 1 
ATOM 1634 O OE2 . GLU K 1 10 ? 16.357  -6.438  -6.803  1.00 30.80  ? 49 GLU O OE2 1 
ATOM 1635 N N   . SER K 1 11 ? 12.730  -6.683  -10.932 1.00 21.67  ? 50 SER O N   1 
ATOM 1636 C CA  . SER K 1 11 ? 11.671  -5.725  -11.220 1.00 21.86  ? 50 SER O CA  1 
ATOM 1637 C C   . SER K 1 11 ? 10.805  -5.553  -9.980  1.00 22.77  ? 50 SER O C   1 
ATOM 1638 O O   . SER K 1 11 ? 10.850  -6.357  -9.048  1.00 24.86  ? 50 SER O O   1 
ATOM 1639 C CB  . SER K 1 11 ? 10.827  -6.167  -12.418 1.00 22.42  ? 50 SER O CB  1 
ATOM 1640 O OG  . SER K 1 11 ? 9.568   -5.519  -12.419 1.00 24.14  ? 50 SER O OG  1 
ATOM 1641 N N   . MET K 1 12 ? 10.016  -4.478  -9.986  1.00 21.80  ? 51 MET O N   1 
ATOM 1642 C CA  . MET K 1 12 ? 9.088   -4.189  -8.899  1.00 22.50  ? 51 MET O CA  1 
ATOM 1643 C C   . MET K 1 12 ? 8.029   -3.184  -9.335  1.00 22.12  ? 51 MET O C   1 
ATOM 1644 O O   . MET K 1 12 ? 8.356   -2.059  -9.721  1.00 24.72  ? 51 MET O O   1 
ATOM 1645 C CB  . MET K 1 12 ? 9.841   -3.667  -7.676  1.00 23.72  ? 51 MET O CB  1 
ATOM 1646 C CG  . MET K 1 12 ? 10.985  -2.742  -8.017  1.00 25.54  ? 51 MET O CG  1 
ATOM 1647 S SD  . MET K 1 12 ? 11.257  -1.495  -6.752  1.00 33.23  ? 51 MET O SD  1 
ATOM 1648 C CE  . MET K 1 12 ? 11.546  -2.513  -5.318  1.00 30.98  ? 51 MET O CE  1 
ATOM 1649 N N   . LEU K 1 13 ? 6.762   -3.575  -9.275  1.00 20.96  ? 52 LEU O N   1 
ATOM 1650 C CA  . LEU K 1 13 ? 5.655   -2.701  -9.631  1.00 20.25  ? 52 LEU O CA  1 
ATOM 1651 C C   . LEU K 1 13 ? 4.984   -2.172  -8.364  1.00 20.34  ? 52 LEU O C   1 
ATOM 1652 O O   . LEU K 1 13 ? 5.167   -2.703  -7.267  1.00 22.74  ? 52 LEU O O   1 
ATOM 1653 C CB  . LEU K 1 13 ? 4.655   -3.454  -10.516 1.00 20.79  ? 52 LEU O CB  1 
ATOM 1654 C CG  . LEU K 1 13 ? 3.650   -2.677  -11.368 1.00 21.79  ? 52 LEU O CG  1 
ATOM 1655 C CD1 . LEU K 1 13 ? 3.445   -3.404  -12.683 1.00 23.12  ? 52 LEU O CD1 1 
ATOM 1656 C CD2 . LEU K 1 13 ? 2.319   -2.518  -10.649 1.00 20.56  ? 52 LEU O CD2 1 
ATOM 1657 N N   . ASP K 1 14 ? 4.202   -1.105  -8.526  1.00 18.87  ? 53 ASP O N   1 
ATOM 1658 C CA  . ASP K 1 14 ? 3.523   -0.485  -7.396  1.00 18.65  ? 53 ASP O CA  1 
ATOM 1659 C C   . ASP K 1 14 ? 2.314   0.282   -7.918  1.00 18.64  ? 53 ASP O C   1 
ATOM 1660 O O   . ASP K 1 14 ? 2.334   0.813   -9.031  1.00 21.00  ? 53 ASP O O   1 
ATOM 1661 C CB  . ASP K 1 14 ? 4.475   0.442   -6.626  1.00 18.96  ? 53 ASP O CB  1 
ATOM 1662 C CG  . ASP K 1 14 ? 3.852   1.028   -5.365  1.00 19.87  ? 53 ASP O CG  1 
ATOM 1663 O OD1 . ASP K 1 14 ? 2.711   1.528   -5.413  1.00 18.86  ? 53 ASP O OD1 1 
ATOM 1664 O OD2 . ASP K 1 14 ? 4.523   0.993   -4.311  1.00 21.60  ? 53 ASP O OD2 1 
ATOM 1665 N N   . ILE K 1 15 ? 1.263   0.330   -7.096  1.00 18.06  ? 54 ILE O N   1 
ATOM 1666 C CA  . ILE K 1 15 ? 0.027   1.036   -7.425  1.00 17.72  ? 54 ILE O CA  1 
ATOM 1667 C C   . ILE K 1 15 ? -0.482  1.716   -6.160  1.00 18.69  ? 54 ILE O C   1 
ATOM 1668 O O   . ILE K 1 15 ? -0.290  1.216   -5.050  1.00 21.90  ? 54 ILE O O   1 
ATOM 1669 C CB  . ILE K 1 15 ? -1.044  0.075   -8.007  1.00 18.95  ? 54 ILE O CB  1 
ATOM 1670 C CG1 . ILE K 1 15 ? -0.566  -0.553  -9.315  1.00 18.39  ? 54 ILE O CG1 1 
ATOM 1671 C CG2 . ILE K 1 15 ? -2.376  0.785   -8.219  1.00 18.37  ? 54 ILE O CG2 1 
ATOM 1672 C CD1 . ILE K 1 15 ? -1.558  -1.510  -9.923  1.00 19.82  ? 54 ILE O CD1 1 
ATOM 1673 N N   . ALA K 1 16 ? -1.138  2.865   -6.329  1.00 17.39  ? 55 ALA O N   1 
ATOM 1674 C CA  . ALA K 1 16 ? -1.782  3.545   -5.214  1.00 18.05  ? 55 ALA O CA  1 
ATOM 1675 C C   . ALA K 1 16 ? -2.978  4.331   -5.729  1.00 19.11  ? 55 ALA O C   1 
ATOM 1676 O O   . ALA K 1 16 ? -2.889  5.011   -6.756  1.00 21.60  ? 55 ALA O O   1 
ATOM 1677 C CB  . ALA K 1 16 ? -0.807  4.477   -4.486  1.00 17.93  ? 55 ALA O CB  1 
ATOM 1678 N N   . LEU K 1 17 ? -4.089  4.245   -4.999  1.00 18.76  ? 56 LEU O N   1 
ATOM 1679 C CA  . LEU K 1 17 ? -5.338  4.896   -5.365  1.00 19.13  ? 56 LEU O CA  1 
ATOM 1680 C C   . LEU K 1 17 ? -5.873  5.699   -4.189  1.00 20.36  ? 56 LEU O C   1 
ATOM 1681 O O   . LEU K 1 17 ? -5.658  5.346   -3.027  1.00 22.72  ? 56 LEU O O   1 
ATOM 1682 C CB  . LEU K 1 17 ? -6.400  3.876   -5.801  1.00 19.49  ? 56 LEU O CB  1 
ATOM 1683 C CG  . LEU K 1 17 ? -6.640  3.565   -7.281  1.00 18.99  ? 56 LEU O CG  1 
ATOM 1684 C CD1 . LEU K 1 17 ? -7.374  4.709   -7.960  1.00 20.80  ? 56 LEU O CD1 1 
ATOM 1685 C CD2 . LEU K 1 17 ? -5.334  3.267   -7.991  1.00 18.99  ? 56 LEU O CD2 1 
ATOM 1686 N N   . LEU K 1 18 ? -6.584  6.780   -4.502  1.00 20.61  ? 57 LEU O N   1 
ATOM 1687 C CA  . LEU K 1 18 ? -7.192  7.634   -3.491  1.00 21.02  ? 57 LEU O CA  1 
ATOM 1688 C C   . LEU K 1 18 ? -8.459  8.243   -4.073  1.00 22.31  ? 57 LEU O C   1 
ATOM 1689 O O   . LEU K 1 18 ? -8.457  8.713   -5.213  1.00 24.82  ? 57 LEU O O   1 
ATOM 1690 C CB  . LEU K 1 18 ? -6.234  8.746   -3.044  1.00 22.15  ? 57 LEU O CB  1 
ATOM 1691 C CG  . LEU K 1 18 ? -5.055  8.408   -2.127  1.00 22.02  ? 57 LEU O CG  1 
ATOM 1692 C CD1 . LEU K 1 18 ? -3.823  8.098   -2.953  1.00 22.19  ? 57 LEU O CD1 1 
ATOM 1693 C CD2 . LEU K 1 18 ? -4.768  9.549   -1.166  1.00 23.22  ? 57 LEU O CD2 1 
ATOM 1694 N N   . MET K 1 19 ? -9.540  8.236   -3.287  1.00 21.84  ? 58 MET O N   1 
ATOM 1695 C CA  . MET K 1 19 ? -10.810 8.816   -3.730  1.00 23.01  ? 58 MET O CA  1 
ATOM 1696 C C   . MET K 1 19 ? -11.480 9.468   -2.524  1.00 23.60  ? 58 MET O C   1 
ATOM 1697 O O   . MET K 1 19 ? -12.196 8.797   -1.776  1.00 26.49  ? 58 MET O O   1 
ATOM 1698 C CB  . MET K 1 19 ? -11.725 7.773   -4.358  1.00 24.44  ? 58 MET O CB  1 
ATOM 1699 C CG  . MET K 1 19 ? -11.103 6.874   -5.412  1.00 25.66  ? 58 MET O CG  1 
ATOM 1700 S SD  . MET K 1 19 ? -12.359 6.009   -6.374  1.00 33.75  ? 58 MET O SD  1 
ATOM 1701 C CE  . MET K 1 19 ? -13.829 6.943   -5.942  1.00 28.68  ? 58 MET O CE  1 
ATOM 1702 N N   . ALA K 1 20 ? -11.248 10.764  -2.346  1.00 22.92  ? 59 ALA O N   1 
ATOM 1703 C CA  . ALA K 1 20 ? -11.947 11.546  -1.329  1.00 23.63  ? 59 ALA O CA  1 
ATOM 1704 C C   . ALA K 1 20 ? -13.099 12.273  -2.011  1.00 25.00  ? 59 ALA O C   1 
ATOM 1705 O O   . ALA K 1 20 ? -12.893 13.274  -2.699  1.00 27.32  ? 59 ALA O O   1 
ATOM 1706 C CB  . ALA K 1 20 ? -10.999 12.522  -0.641  1.00 23.96  ? 59 ALA O CB  1 
ATOM 1707 N N   . ASN K 1 21 ? -14.311 11.757  -1.851  1.00 23.22  ? 60 ASN O N   1 
ATOM 1708 C CA  . ASN K 1 21 ? -15.490 12.397  -2.412  1.00 23.93  ? 60 ASN O CA  1 
ATOM 1709 C C   . ASN K 1 21 ? -16.554 12.575  -1.333  1.00 23.69  ? 60 ASN O C   1 
ATOM 1710 O O   . ASN K 1 21 ? -16.427 12.079  -0.211  1.00 25.94  ? 60 ASN O O   1 
ATOM 1711 C CB  . ASN K 1 21 ? -16.039 11.598  -3.602  1.00 24.20  ? 60 ASN O CB  1 
ATOM 1712 C CG  . ASN K 1 21 ? -16.618 10.263  -3.203  1.00 24.45  ? 60 ASN O CG  1 
ATOM 1713 O OD1 . ASN K 1 21 ? -17.721 10.190  -2.668  1.00 26.11  ? 60 ASN O OD1 1 
ATOM 1714 N ND2 . ASN K 1 21 ? -15.875 9.193   -3.463  1.00 25.02  ? 60 ASN O ND2 1 
ATOM 1715 N N   . ALA K 1 22 ? -17.608 13.305  -1.687  1.00 23.34  ? 61 ALA O N   1 
ATOM 1716 C CA  . ALA K 1 22 ? -18.717 13.562  -0.777  1.00 23.27  ? 61 ALA O CA  1 
ATOM 1717 C C   . ALA K 1 22 ? -19.931 13.952  -1.608  1.00 23.66  ? 61 ALA O C   1 
ATOM 1718 O O   . ALA K 1 22 ? -19.866 14.029  -2.839  1.00 26.20  ? 61 ALA O O   1 
ATOM 1719 C CB  . ALA K 1 22 ? -18.360 14.648  0.243   1.00 22.94  ? 61 ALA O CB  1 
ATOM 1720 N N   . SER K 1 23 ? -21.044 14.209  -0.925  1.00 23.08  ? 62 SER O N   1 
ATOM 1721 C CA  . SER K 1 23 ? -22.282 14.582  -1.596  1.00 24.85  ? 62 SER O CA  1 
ATOM 1722 C C   . SER K 1 23 ? -23.270 15.101  -0.564  1.00 25.92  ? 62 SER O C   1 
ATOM 1723 O O   . SER K 1 23 ? -23.204 14.751  0.618   1.00 27.58  ? 62 SER O O   1 
ATOM 1724 C CB  . SER K 1 23 ? -22.888 13.402  -2.363  1.00 24.88  ? 62 SER O CB  1 
ATOM 1725 O OG  . SER K 1 23 ? -24.113 13.769  -2.973  1.00 25.26  ? 62 SER O OG  1 
ATOM 1726 N N   . GLN K 1 24 ? -24.195 15.934  -1.037  1.00 26.63  ? 63 GLN O N   1 
ATOM 1727 C CA  . GLN K 1 24 ? -25.294 16.440  -0.228  1.00 27.43  ? 63 GLN O CA  1 
ATOM 1728 C C   . GLN K 1 24 ? -26.503 16.629  -1.130  1.00 28.33  ? 63 GLN O C   1 
ATOM 1729 O O   . GLN K 1 24 ? -26.376 16.745  -2.352  1.00 30.36  ? 63 GLN O O   1 
ATOM 1730 C CB  . GLN K 1 24 ? -24.938 17.760  0.470   1.00 28.76  ? 63 GLN O CB  1 
ATOM 1731 C CG  . GLN K 1 24 ? -23.973 17.627  1.639   1.00 29.92  ? 63 GLN O CG  1 
ATOM 1732 C CD  . GLN K 1 24 ? -23.664 18.958  2.293   1.00 32.98  ? 63 GLN O CD  1 
ATOM 1733 O OE1 . GLN K 1 24 ? -24.180 19.998  1.883   1.00 35.40  ? 63 GLN O OE1 1 
ATOM 1734 N NE2 . GLN K 1 24 ? -22.817 18.933  3.316   1.00 32.59  ? 63 GLN O NE2 1 
ATOM 1735 N N   . LEU K 1 25 ? -27.682 16.667  -0.513  1.00 28.39  ? 64 LEU O N   1 
ATOM 1736 C CA  . LEU K 1 25 ? -28.926 16.784  -1.261  1.00 28.69  ? 64 LEU O CA  1 
ATOM 1737 C C   . LEU K 1 25 ? -30.057 17.146  -0.310  1.00 30.12  ? 64 LEU O C   1 
ATOM 1738 O O   . LEU K 1 25 ? -30.154 16.587  0.785   1.00 32.66  ? 64 LEU O O   1 
ATOM 1739 C CB  . LEU K 1 25 ? -29.245 15.482  -2.012  1.00 28.86  ? 64 LEU O CB  1 
ATOM 1740 C CG  . LEU K 1 25 ? -30.596 15.374  -2.720  1.00 30.08  ? 64 LEU O CG  1 
ATOM 1741 C CD1 . LEU K 1 25 ? -30.786 16.483  -3.716  1.00 30.67  ? 64 LEU O CD1 1 
ATOM 1742 C CD2 . LEU K 1 25 ? -30.710 14.023  -3.414  1.00 31.38  ? 64 LEU O CD2 1 
ATOM 1743 N N   . LYS K 1 26 ? -30.902 18.083  -0.738  1.00 28.65  ? 65 LYS O N   1 
ATOM 1744 C CA  . LYS K 1 26 ? -32.025 18.554  0.063   1.00 29.72  ? 65 LYS O CA  1 
ATOM 1745 C C   . LYS K 1 26 ? -33.191 18.877  -0.857  1.00 30.49  ? 65 LYS O C   1 
ATOM 1746 O O   . LYS K 1 26 ? -32.997 19.469  -1.923  1.00 32.71  ? 65 LYS O O   1 
ATOM 1747 C CB  . LYS K 1 26 ? -31.658 19.802  0.877   1.00 29.42  ? 65 LYS O CB  1 
ATOM 1748 C CG  . LYS K 1 26 ? -30.518 19.633  1.863   1.00 29.59  ? 65 LYS O CG  1 
ATOM 1749 C CD  . LYS K 1 26 ? -30.081 20.984  2.400   1.00 29.74  ? 65 LYS O CD  1 
ATOM 1750 C CE  . LYS K 1 26 ? -29.218 20.837  3.637   1.00 30.45  ? 65 LYS O CE  1 
ATOM 1751 N NZ  . LYS K 1 26 ? -29.123 22.117  4.393   1.00 30.73  ? 65 LYS O NZ  1 
ATOM 1752 N N   . ALA K 1 27 ? -34.394 18.490  -0.444  1.00 31.01  ? 66 ALA O N   1 
ATOM 1753 C CA  . ALA K 1 27 ? -35.618 18.859  -1.136  1.00 31.72  ? 66 ALA O CA  1 
ATOM 1754 C C   . ALA K 1 27 ? -36.560 19.554  -0.162  1.00 32.94  ? 66 ALA O C   1 
ATOM 1755 O O   . ALA K 1 27 ? -36.603 19.225  1.027   1.00 34.78  ? 66 ALA O O   1 
ATOM 1756 C CB  . ALA K 1 27 ? -36.306 17.636  -1.752  1.00 32.17  ? 66 ALA O CB  1 
ATOM 1757 N N   . VAL K 1 28 ? -37.318 20.517  -0.677  1.00 33.08  ? 67 VAL O N   1 
ATOM 1758 C CA  . VAL K 1 28 ? -38.256 21.273  0.146   1.00 33.71  ? 67 VAL O CA  1 
ATOM 1759 C C   . VAL K 1 28 ? -39.591 21.414  -0.575  1.00 34.28  ? 67 VAL O C   1 
ATOM 1760 O O   . VAL K 1 28 ? -40.634 21.017  -0.056  1.00 33.89  ? 67 VAL O O   1 
ATOM 1761 C CB  . VAL K 1 28 ? -37.691 22.658  0.518   1.00 34.42  ? 67 VAL O CB  1 
ATOM 1762 C CG1 . VAL K 1 28 ? -38.780 23.529  1.125   1.00 34.54  ? 67 VAL O CG1 1 
ATOM 1763 C CG2 . VAL K 1 28 ? -36.522 22.519  1.482   1.00 33.54  ? 67 VAL O CG2 1 
ATOM 1764 N N   . MET L 1 12 ? -25.501 11.714  -7.339  1.00 107.71 ? 51 MET P N   1 
ATOM 1765 C CA  . MET L 1 12 ? -25.124 10.412  -7.876  1.00 112.19 ? 51 MET P CA  1 
ATOM 1766 C C   . MET L 1 12 ? -23.666 10.406  -8.322  1.00 110.70 ? 51 MET P C   1 
ATOM 1767 O O   . MET L 1 12 ? -23.326 10.954  -9.368  1.00 113.33 ? 51 MET P O   1 
ATOM 1768 C CB  . MET L 1 12 ? -26.036 10.031  -9.043  1.00 114.75 ? 51 MET P CB  1 
ATOM 1769 C CG  . MET L 1 12 ? -25.683 8.706   -9.698  1.00 118.37 ? 51 MET P CG  1 
ATOM 1770 S SD  . MET L 1 12 ? -26.880 8.210   -10.952 1.00 137.19 ? 51 MET P SD  1 
ATOM 1771 C CE  . MET L 1 12 ? -26.034 6.817   -11.694 1.00 125.70 ? 51 MET P CE  1 
ATOM 1772 N N   . LEU L 1 13 ? -22.808 9.777   -7.524  1.00 108.09 ? 52 LEU P N   1 
ATOM 1773 C CA  . LEU L 1 13 ? -21.373 9.715   -7.790  1.00 106.32 ? 52 LEU P CA  1 
ATOM 1774 C C   . LEU L 1 13 ? -21.028 8.284   -8.193  1.00 106.48 ? 52 LEU P C   1 
ATOM 1775 O O   . LEU L 1 13 ? -20.663 7.450   -7.364  1.00 111.25 ? 52 LEU P O   1 
ATOM 1776 C CB  . LEU L 1 13 ? -20.564 10.172  -6.565  1.00 106.42 ? 52 LEU P CB  1 
ATOM 1777 C CG  . LEU L 1 13 ? -20.535 11.663  -6.223  1.00 107.14 ? 52 LEU P CG  1 
ATOM 1778 C CD1 . LEU L 1 13 ? -21.854 12.146  -5.636  1.00 104.88 ? 52 LEU P CD1 1 
ATOM 1779 C CD2 . LEU L 1 13 ? -19.391 11.952  -5.268  1.00 108.76 ? 52 LEU P CD2 1 
ATOM 1780 N N   . ASP L 1 14 ? -21.146 8.005   -9.489  1.00 103.35 ? 53 ASP P N   1 
ATOM 1781 C CA  . ASP L 1 14 ? -20.854 6.684   -10.033 1.00 104.25 ? 53 ASP P CA  1 
ATOM 1782 C C   . ASP L 1 14 ? -19.386 6.636   -10.444 1.00 104.05 ? 53 ASP P C   1 
ATOM 1783 O O   . ASP L 1 14 ? -18.984 7.284   -11.414 1.00 108.86 ? 53 ASP P O   1 
ATOM 1784 C CB  . ASP L 1 14 ? -21.767 6.376   -11.218 1.00 106.77 ? 53 ASP P CB  1 
ATOM 1785 C CG  . ASP L 1 14 ? -21.406 5.077   -11.918 1.00 110.59 ? 53 ASP P CG  1 
ATOM 1786 O OD1 . ASP L 1 14 ? -20.738 4.221   -11.298 1.00 111.55 ? 53 ASP P OD1 1 
ATOM 1787 O OD2 . ASP L 1 14 ? -21.790 4.912   -13.094 1.00 109.61 ? 53 ASP P OD2 1 
ATOM 1788 N N   . ILE L 1 15 ? -18.586 5.870   -9.708  1.00 102.19 ? 54 ILE P N   1 
ATOM 1789 C CA  . ILE L 1 15 ? -17.176 5.669   -10.019 1.00 102.04 ? 54 ILE P CA  1 
ATOM 1790 C C   . ILE L 1 15 ? -16.968 4.215   -10.420 1.00 103.62 ? 54 ILE P C   1 
ATOM 1791 O O   . ILE L 1 15 ? -17.368 3.300   -9.690  1.00 110.83 ? 54 ILE P O   1 
ATOM 1792 C CB  . ILE L 1 15 ? -16.266 6.049   -8.838  1.00 101.45 ? 54 ILE P CB  1 
ATOM 1793 C CG1 . ILE L 1 15 ? -16.304 7.559   -8.589  1.00 102.71 ? 54 ILE P CG1 1 
ATOM 1794 C CG2 . ILE L 1 15 ? -14.843 5.583   -9.100  1.00 99.07  ? 54 ILE P CG2 1 
ATOM 1795 C CD1 . ILE L 1 15 ? -17.356 8.003   -7.594  1.00 101.24 ? 54 ILE P CD1 1 
ATOM 1796 N N   . ALA L 1 16 ? -16.345 4.006   -11.576 1.00 100.80 ? 55 ALA P N   1 
ATOM 1797 C CA  . ALA L 1 16 ? -15.953 2.686   -12.037 1.00 101.46 ? 55 ALA P CA  1 
ATOM 1798 C C   . ALA L 1 16 ? -14.437 2.636   -12.169 1.00 102.16 ? 55 ALA P C   1 
ATOM 1799 O O   . ALA L 1 16 ? -13.774 3.660   -12.359 1.00 106.87 ? 55 ALA P O   1 
ATOM 1800 C CB  . ALA L 1 16 ? -16.618 2.335   -13.373 1.00 100.28 ? 55 ALA P CB  1 
ATOM 1801 N N   . LEU L 1 17 ? -13.890 1.428   -12.073 1.00 102.66 ? 56 LEU P N   1 
ATOM 1802 C CA  . LEU L 1 17 ? -12.443 1.273   -12.037 1.00 102.03 ? 56 LEU P CA  1 
ATOM 1803 C C   . LEU L 1 17 ? -12.091 -0.160  -12.403 1.00 107.05 ? 56 LEU P C   1 
ATOM 1804 O O   . LEU L 1 17 ? -12.657 -1.105  -11.848 1.00 114.07 ? 56 LEU P O   1 
ATOM 1805 C CB  . LEU L 1 17 ? -11.896 1.627   -10.646 1.00 101.95 ? 56 LEU P CB  1 
ATOM 1806 C CG  . LEU L 1 17 ? -10.410 1.931   -10.442 1.00 104.29 ? 56 LEU P CG  1 
ATOM 1807 C CD1 . LEU L 1 17 ? -10.245 2.817   -9.219  1.00 104.95 ? 56 LEU P CD1 1 
ATOM 1808 C CD2 . LEU L 1 17 ? -9.592  0.661   -10.282 1.00 106.71 ? 56 LEU P CD2 1 
ATOM 1809 N N   . LEU L 1 18 ? -11.159 -0.306  -13.345 1.00 103.93 ? 57 LEU P N   1 
ATOM 1810 C CA  . LEU L 1 18 ? -10.722 -1.605  -13.851 1.00 103.60 ? 57 LEU P CA  1 
ATOM 1811 C C   . LEU L 1 18 ? -9.231  -1.515  -14.148 1.00 102.58 ? 57 LEU P C   1 
ATOM 1812 O O   . LEU L 1 18 ? -8.841  -1.065  -15.230 1.00 107.38 ? 57 LEU P O   1 
ATOM 1813 C CB  . LEU L 1 18 ? -11.514 -1.995  -15.104 1.00 106.62 ? 57 LEU P CB  1 
ATOM 1814 C CG  . LEU L 1 18 ? -13.042 -1.877  -15.063 1.00 109.98 ? 57 LEU P CG  1 
ATOM 1815 C CD1 . LEU L 1 18 ? -13.567 -0.688  -15.842 1.00 105.50 ? 57 LEU P CD1 1 
ATOM 1816 C CD2 . LEU L 1 18 ? -13.628 -3.150  -15.647 1.00 111.39 ? 57 LEU P CD2 1 
ATOM 1817 N N   . MET L 1 19 ? -8.398  -1.950  -13.199 1.00 100.25 ? 58 MET P N   1 
ATOM 1818 C CA  . MET L 1 19 ? -6.943  -1.855  -13.341 1.00 100.49 ? 58 MET P CA  1 
ATOM 1819 C C   . MET L 1 19 ? -6.348  -3.244  -13.551 1.00 95.95  ? 58 MET P C   1 
ATOM 1820 O O   . MET L 1 19 ? -5.950  -3.934  -12.613 1.00 95.27  ? 58 MET P O   1 
ATOM 1821 C CB  . MET L 1 19 ? -6.320  -1.164  -12.132 1.00 103.05 ? 58 MET P CB  1 
ATOM 1822 C CG  . MET L 1 19 ? -6.507  0.341   -12.104 1.00 113.68 ? 58 MET P CG  1 
ATOM 1823 S SD  . MET L 1 19 ? -5.640  1.105   -10.726 1.00 134.15 ? 58 MET P SD  1 
ATOM 1824 C CE  . MET L 1 19 ? -4.002  1.295   -11.436 1.00 125.49 ? 58 MET P CE  1 
ATOM 1825 N N   . ALA L 1 20 ? -6.276  -3.652  -14.815 1.00 95.68  ? 59 ALA P N   1 
ATOM 1826 C CA  . ALA L 1 20 ? -5.582  -4.886  -15.158 1.00 90.87  ? 59 ALA P CA  1 
ATOM 1827 C C   . ALA L 1 20 ? -4.092  -4.765  -14.840 1.00 87.59  ? 59 ALA P C   1 
ATOM 1828 O O   . ALA L 1 20 ? -3.565  -3.675  -14.601 1.00 90.79  ? 59 ALA P O   1 
ATOM 1829 C CB  . ALA L 1 20 ? -5.781  -5.226  -16.636 1.00 90.46  ? 59 ALA P CB  1 
ATOM 1830 N N   . ASN L 1 21 ? -3.410  -5.909  -14.837 1.00 83.99  ? 60 ASN P N   1 
ATOM 1831 C CA  . ASN L 1 21 ? -1.994  -5.956  -14.495 1.00 80.55  ? 60 ASN P CA  1 
ATOM 1832 C C   . ASN L 1 21 ? -1.441  -7.300  -14.946 1.00 80.53  ? 60 ASN P C   1 
ATOM 1833 O O   . ASN L 1 21 ? -2.171  -8.290  -15.041 1.00 87.01  ? 60 ASN P O   1 
ATOM 1834 C CB  . ASN L 1 21 ? -1.779  -5.752  -12.989 1.00 81.02  ? 60 ASN P CB  1 
ATOM 1835 C CG  . ASN L 1 21 ? -0.311  -5.637  -12.608 1.00 82.59  ? 60 ASN P CG  1 
ATOM 1836 O OD1 . ASN L 1 21 ? 0.547   -6.345  -13.135 1.00 79.69  ? 60 ASN P OD1 1 
ATOM 1837 N ND2 . ASN L 1 21 ? -0.020  -4.739  -11.676 1.00 85.98  ? 60 ASN P ND2 1 
ATOM 1838 N N   . ALA L 1 22 ? -0.136  -7.322  -15.209 1.00 75.60  ? 61 ALA P N   1 
ATOM 1839 C CA  . ALA L 1 22 ? 0.538   -8.535  -15.651 1.00 70.30  ? 61 ALA P CA  1 
ATOM 1840 C C   . ALA L 1 22 ? 2.036   -8.373  -15.444 1.00 70.96  ? 61 ALA P C   1 
ATOM 1841 O O   . ALA L 1 22 ? 2.556   -7.255  -15.386 1.00 80.89  ? 61 ALA P O   1 
ATOM 1842 C CB  . ALA L 1 22 ? 0.231   -8.850  -17.119 1.00 70.91  ? 61 ALA P CB  1 
ATOM 1843 N N   . SER L 1 23 ? 2.721   -9.510  -15.343 1.00 63.88  ? 62 SER P N   1 
ATOM 1844 C CA  . SER L 1 23 ? 4.168   -9.561  -15.196 1.00 63.34  ? 62 SER P CA  1 
ATOM 1845 C C   . SER L 1 23 ? 4.626   -10.977 -15.502 1.00 63.17  ? 62 SER P C   1 
ATOM 1846 O O   . SER L 1 23 ? 3.957   -11.940 -15.123 1.00 73.62  ? 62 SER P O   1 
ATOM 1847 C CB  . SER L 1 23 ? 4.607   -9.150  -13.784 1.00 64.08  ? 62 SER P CB  1 
ATOM 1848 O OG  . SER L 1 23 ? 5.836   -9.762  -13.433 1.00 64.31  ? 62 SER P OG  1 
ATOM 1849 N N   . GLN L 1 24 ? 5.764   -11.100 -16.184 1.00 57.28  ? 63 GLN P N   1 
ATOM 1850 C CA  . GLN L 1 24 ? 6.235   -12.414 -16.610 1.00 56.13  ? 63 GLN P CA  1 
ATOM 1851 C C   . GLN L 1 24 ? 7.752   -12.370 -16.732 1.00 60.41  ? 63 GLN P C   1 
ATOM 1852 O O   . GLN L 1 24 ? 8.280   -11.726 -17.643 1.00 71.76  ? 63 GLN P O   1 
ATOM 1853 C CB  . GLN L 1 24 ? 5.586   -12.816 -17.930 1.00 56.88  ? 63 GLN P CB  1 
ATOM 1854 C CG  . GLN L 1 24 ? 5.673   -14.301 -18.243 1.00 62.22  ? 63 GLN P CG  1 
ATOM 1855 C CD  . GLN L 1 24 ? 6.955   -14.677 -18.956 1.00 65.86  ? 63 GLN P CD  1 
ATOM 1856 O OE1 . GLN L 1 24 ? 7.581   -13.846 -19.612 1.00 74.12  ? 63 GLN P OE1 1 
ATOM 1857 N NE2 . GLN L 1 24 ? 7.354   -15.937 -18.829 1.00 63.63  ? 63 GLN P NE2 1 
ATOM 1858 N N   . LEU L 1 25 ? 8.441   -13.050 -15.824 1.00 56.48  ? 64 LEU P N   1 
ATOM 1859 C CA  . LEU L 1 25 ? 9.885   -13.200 -15.887 1.00 58.44  ? 64 LEU P CA  1 
ATOM 1860 C C   . LEU L 1 25 ? 10.236  -14.576 -16.444 1.00 59.38  ? 64 LEU P C   1 
ATOM 1861 O O   . LEU L 1 25 ? 9.447   -15.521 -16.375 1.00 67.18  ? 64 LEU P O   1 
ATOM 1862 C CB  . LEU L 1 25 ? 10.533  -13.014 -14.508 1.00 59.26  ? 64 LEU P CB  1 
ATOM 1863 C CG  . LEU L 1 25 ? 10.533  -11.683 -13.736 1.00 63.27  ? 64 LEU P CG  1 
ATOM 1864 C CD1 . LEU L 1 25 ? 9.168   -11.005 -13.630 1.00 57.76  ? 64 LEU P CD1 1 
ATOM 1865 C CD2 . LEU L 1 25 ? 11.130  -11.890 -12.348 1.00 63.82  ? 64 LEU P CD2 1 
ATOM 1866 N N   . LYS L 1 26 ? 11.446  -14.680 -16.993 1.00 59.31  ? 65 LYS P N   1 
ATOM 1867 C CA  . LYS L 1 26 ? 11.880  -15.926 -17.610 1.00 58.92  ? 65 LYS P CA  1 
ATOM 1868 C C   . LYS L 1 26 ? 13.395  -15.972 -17.750 1.00 65.14  ? 65 LYS P C   1 
ATOM 1869 O O   . LYS L 1 26 ? 14.015  -15.001 -18.195 1.00 79.88  ? 65 LYS P O   1 
ATOM 1870 C CB  . LYS L 1 26 ? 11.216  -16.107 -18.976 1.00 60.21  ? 65 LYS P CB  1 
ATOM 1871 C CG  . LYS L 1 26 ? 11.164  -17.549 -19.448 1.00 65.33  ? 65 LYS P CG  1 
ATOM 1872 C CD  . LYS L 1 26 ? 10.497  -17.665 -20.806 1.00 73.17  ? 65 LYS P CD  1 
ATOM 1873 C CE  . LYS L 1 26 ? 10.103  -19.103 -21.099 1.00 75.35  ? 65 LYS P CE  1 
ATOM 1874 N NZ  . LYS L 1 26 ? 9.432   -19.236 -22.421 1.00 75.91  ? 65 LYS P NZ  1 
ATOM 1875 N N   . ALA L 1 27 ? 13.999  -17.099 -17.372 1.00 60.93  ? 66 ALA P N   1 
ATOM 1876 C CA  . ALA L 1 27 ? 15.449  -17.288 -17.449 1.00 63.93  ? 66 ALA P CA  1 
ATOM 1877 C C   . ALA L 1 27 ? 15.697  -18.702 -17.970 1.00 69.30  ? 66 ALA P C   1 
ATOM 1878 O O   . ALA L 1 27 ? 15.732  -19.662 -17.197 1.00 80.29  ? 66 ALA P O   1 
ATOM 1879 C CB  . ALA L 1 27 ? 16.108  -17.057 -16.098 1.00 63.23  ? 66 ALA P CB  1 
ATOM 1880 N N   . VAL L 1 28 ? 15.871  -18.820 -19.281 1.00 66.99  ? 67 VAL P N   1 
ATOM 1881 C CA  . VAL L 1 28 ? 16.035  -20.114 -19.935 1.00 70.35  ? 67 VAL P CA  1 
ATOM 1882 C C   . VAL L 1 28 ? 17.533  -20.317 -20.138 1.00 74.28  ? 67 VAL P C   1 
ATOM 1883 O O   . VAL L 1 28 ? 18.106  -19.939 -21.161 1.00 80.78  ? 67 VAL P O   1 
ATOM 1884 C CB  . VAL L 1 28 ? 15.257  -20.191 -21.249 1.00 72.59  ? 67 VAL P CB  1 
ATOM 1885 C CG1 . VAL L 1 28 ? 15.423  -21.562 -21.886 1.00 74.87  ? 67 VAL P CG1 1 
ATOM 1886 C CG2 . VAL L 1 28 ? 13.787  -19.886 -21.007 1.00 65.29  ? 67 VAL P CG2 1 
ATOM 1887 N N   . VAL L 1 29 ? 18.180  -20.921 -19.139 1.00 74.01  ? 68 VAL P N   1 
ATOM 1888 C CA  . VAL L 1 29 ? 19.569  -21.320 -19.306 1.00 79.53  ? 68 VAL P CA  1 
ATOM 1889 C C   . VAL L 1 29 ? 19.634  -22.615 -20.111 1.00 85.45  ? 68 VAL P C   1 
ATOM 1890 O O   . VAL L 1 29 ? 18.745  -23.472 -20.047 1.00 91.71  ? 68 VAL P O   1 
ATOM 1891 C CB  . VAL L 1 29 ? 20.260  -21.472 -17.940 1.00 83.25  ? 68 VAL P CB  1 
ATOM 1892 C CG1 . VAL L 1 29 ? 21.765  -21.625 -18.106 1.00 81.54  ? 68 VAL P CG1 1 
ATOM 1893 C CG2 . VAL L 1 29 ? 19.939  -20.281 -17.051 1.00 79.78  ? 68 VAL P CG2 1 
ATOM 1894 N N   . GLU L 1 30 ? 20.706  -22.759 -20.884 1.00 83.34  ? 69 GLU P N   1 
ATOM 1895 C CA  . GLU L 1 30 ? 20.862  -23.928 -21.738 1.00 84.96  ? 69 GLU P CA  1 
ATOM 1896 C C   . GLU L 1 30 ? 22.096  -24.730 -21.338 1.00 83.57  ? 69 GLU P C   1 
ATOM 1897 O O   . GLU L 1 30 ? 22.847  -24.329 -20.450 1.00 81.87  ? 69 GLU P O   1 
ATOM 1898 C CB  . GLU L 1 30 ? 20.956  -23.512 -23.207 1.00 89.12  ? 69 GLU P CB  1 
ATOM 1899 C CG  . GLU L 1 30 ? 19.695  -22.859 -23.752 1.00 93.10  ? 69 GLU P CG  1 
ATOM 1900 C CD  . GLU L 1 30 ? 18.643  -23.862 -24.183 1.00 95.69  ? 69 GLU P CD  1 
ATOM 1901 O OE1 . GLU L 1 30 ? 18.773  -24.427 -25.289 1.00 100.28 ? 69 GLU P OE1 1 
ATOM 1902 O OE2 . GLU L 1 30 ? 17.674  -24.068 -23.424 1.00 91.28  ? 69 GLU P OE2 1 
# 
